data_9E0B
#
_entry.id   9E0B
#
_cell.length_a   100.531
_cell.length_b   101.762
_cell.length_c   126.019
_cell.angle_alpha   90.00
_cell.angle_beta   106.30
_cell.angle_gamma   90.00
#
_symmetry.space_group_name_H-M   'P 1 21 1'
#
loop_
_entity.id
_entity.type
_entity.pdbx_description
1 polymer 'Bifunctional protein PutA'
2 non-polymer 'FLAVIN-ADENINE DINUCLEOTIDE'
3 non-polymer DI(HYDROXYETHYL)ETHER
4 non-polymer 'FORMIC ACID'
5 non-polymer (2,3-dihydro-1-benzofuran-5-yl)methanol
6 non-polymer NICOTINAMIDE-ADENINE-DINUCLEOTIDE
7 non-polymer 'SULFATE ION'
8 non-polymer 'MAGNESIUM ION'
9 non-polymer 'PENTAETHYLENE GLYCOL'
10 non-polymer 'TRIETHYLENE GLYCOL'
11 water water
#
_entity_poly.entity_id   1
_entity_poly.type   'polypeptide(L)'
_entity_poly.pdbx_seq_one_letter_code
;SMMSPNPLQKPAIDAAPAPFADFAPPVRPQSTLRRAITAAYRRPETECLPPLVEAATQSKEIRDAAASTARKLIEALRGK
HSGSGVEGLVQEYSLSSQEGVALMCLAEALLRIPDTATRDALIRDKIADGNWKSHLGGSRSLFVNAATWGLVVTGKLTST
VNDRSLAAALTRLISRCGEPVIRRGVDMAMRMMGEQFVTGETIREALKRSKELEEKGFSYSYDMLGEAATTAADAERYYR
DYESAIHAIGKASAGRGIYEGPGISIKLSALHPRYSRAQAARVMGELLPRVKALALLAKNYDIGLNIDAEEADRLELSLD
LLEVLCLDGDLSGWNGMGFVVQAYGKRCPFVLDFIIDLARRSGRRIMVRLVKGAYWDAEIKRAQLDGLADFPVFTRKIHT
DVSYIACAAKLLAATDVVFPQFATHNAQTLAAIYHMAGKDFHVGKYEFQCLHGMGEPLYEEVVGRGKLDRPCRIYAPVGT
HETLLAYLVRRLLENGANSSFVHRINDPKVSIDELIADPVEVVRAMPVVGAKHDRIALPAELFGDARTNSAGLDLSNEET
LASLTEALRESAAMKWTALPQLATGPAAGETRTVLNPGDHRDVVGSVTETSEEDARRAVRLAADAAPDWAAVPPSERAAC
LDRAAELMQARMPTLLGLIIREAGKSALNAIAEVREAIDFLRYYAEQTRRTLGPGHGPLGPIVCISPWNFPLAIFTGQIA
AALVAGNPVLAKPAEETPLIAAEGVRILREAGIPASALQLLPGDGRVGAALVAAAETAGVMFTGSTEVARLIQAQLADRL
SPAGRPIPLIAETGGQNAMIVDSSALAEQVVGDVITSAFDSAGQRCSALRVLCLQEDVADRILTMLKGALHELHIGRTDR
LSVDVGPVITSEAKDNIEKHIERMRGLGRKVEQIGLASETGVGTFVPPTIIELEKLSDLQREVFGPVLHVIRYRRDDLDR
LVDDVNATGYGLTFGLHTRLDETIAHVTSRIKAGNLYINRNIIGAVVGVQPFGGRGLSGTGPKAGGPLYLGRLVTTAPVP
PQHSSVHTDPVLLDFAKWLDGKGARAEAEAARNAGSSSALGLDLELPGPVGERNLYTLHARGRILLVPATESGLYHQLAA
ALATGNSVAIDAASGLQASLKNLPQTVGLRVSWSKDWAADGPFAGALVEGDAERIRAVNKAIAALPGPLLLVQAASSGEI
ARNPDAYCLNWLVEEVSASINTAAAGGNASLMAIG
;
_entity_poly.pdbx_strand_id   A,B
#
# COMPACT_ATOMS: atom_id res chain seq x y z
N ALA A 16 -38.69 -44.09 -15.30
CA ALA A 16 -37.54 -43.19 -15.41
C ALA A 16 -37.99 -41.78 -15.79
N PRO A 17 -37.79 -40.82 -14.90
CA PRO A 17 -38.29 -39.46 -15.17
C PRO A 17 -37.52 -38.80 -16.30
N ALA A 18 -38.25 -38.06 -17.13
CA ALA A 18 -37.63 -37.42 -18.28
C ALA A 18 -36.62 -36.38 -17.80
N PRO A 19 -35.49 -36.23 -18.48
CA PRO A 19 -34.47 -35.27 -18.03
C PRO A 19 -35.01 -33.85 -18.03
N PHE A 20 -34.79 -33.16 -16.93
CA PHE A 20 -35.14 -31.75 -16.73
C PHE A 20 -36.64 -31.50 -16.73
N ALA A 21 -37.47 -32.54 -16.68
CA ALA A 21 -38.91 -32.35 -16.67
C ALA A 21 -39.38 -31.61 -15.43
N ASP A 22 -38.61 -31.65 -14.35
CA ASP A 22 -38.95 -30.99 -13.10
C ASP A 22 -37.82 -30.08 -12.65
N PHE A 23 -37.16 -29.42 -13.60
CA PHE A 23 -35.90 -28.75 -13.28
C PHE A 23 -36.10 -27.64 -12.25
N ALA A 24 -36.97 -26.68 -12.54
CA ALA A 24 -37.17 -25.56 -11.63
C ALA A 24 -38.55 -24.94 -11.82
N PRO A 25 -39.61 -25.70 -11.66
CA PRO A 25 -40.95 -25.15 -11.85
C PRO A 25 -41.20 -24.06 -10.83
N PRO A 26 -41.78 -22.94 -11.25
CA PRO A 26 -42.05 -21.85 -10.30
C PRO A 26 -43.12 -22.28 -9.30
N VAL A 27 -43.09 -21.61 -8.14
CA VAL A 27 -44.10 -21.83 -7.09
C VAL A 27 -45.50 -21.70 -7.66
N ARG A 28 -45.72 -20.69 -8.50
CA ARG A 28 -47.02 -20.44 -9.10
C ARG A 28 -46.80 -19.83 -10.47
N PRO A 29 -47.79 -19.92 -11.36
CA PRO A 29 -47.65 -19.23 -12.65
C PRO A 29 -47.46 -17.73 -12.41
N GLN A 30 -46.56 -17.14 -13.19
CA GLN A 30 -46.18 -15.75 -12.95
C GLN A 30 -47.22 -14.82 -13.56
N SER A 31 -47.85 -14.01 -12.71
CA SER A 31 -48.82 -13.03 -13.19
C SER A 31 -48.11 -11.93 -13.97
N THR A 32 -48.91 -11.12 -14.67
CA THR A 32 -48.37 -9.95 -15.36
C THR A 32 -47.56 -9.08 -14.40
N LEU A 33 -48.10 -8.87 -13.20
CA LEU A 33 -47.40 -8.04 -12.23
C LEU A 33 -46.12 -8.68 -11.75
N ARG A 34 -46.13 -10.00 -11.54
CA ARG A 34 -44.90 -10.69 -11.16
C ARG A 34 -43.89 -10.66 -12.29
N ARG A 35 -44.34 -10.81 -13.53
CA ARG A 35 -43.40 -10.79 -14.64
C ARG A 35 -42.77 -9.41 -14.79
N ALA A 36 -43.51 -8.34 -14.47
CA ALA A 36 -42.92 -7.01 -14.54
C ALA A 36 -41.82 -6.84 -13.51
N ILE A 37 -41.97 -7.49 -12.35
CA ILE A 37 -40.89 -7.49 -11.37
C ILE A 37 -39.65 -8.17 -11.94
N THR A 38 -39.82 -9.38 -12.44
CA THR A 38 -38.66 -10.13 -12.91
C THR A 38 -37.97 -9.42 -14.05
N ALA A 39 -38.75 -8.76 -14.91
CA ALA A 39 -38.18 -8.05 -16.05
C ALA A 39 -37.25 -6.92 -15.63
N ALA A 40 -37.45 -6.36 -14.44
CA ALA A 40 -36.66 -5.23 -13.99
C ALA A 40 -35.44 -5.63 -13.18
N TYR A 41 -35.27 -6.94 -12.94
CA TYR A 41 -34.26 -7.44 -11.99
C TYR A 41 -32.92 -6.78 -12.18
N ARG A 42 -32.40 -6.78 -13.41
CA ARG A 42 -31.08 -6.21 -13.70
C ARG A 42 -31.16 -5.17 -14.82
N ARG A 43 -32.28 -4.46 -14.87
CA ARG A 43 -32.49 -3.46 -15.90
C ARG A 43 -31.39 -2.39 -15.83
N PRO A 44 -30.85 -1.96 -16.97
CA PRO A 44 -29.81 -0.92 -16.93
C PRO A 44 -30.27 0.30 -16.14
N GLU A 45 -29.33 0.88 -15.39
CA GLU A 45 -29.66 1.99 -14.51
C GLU A 45 -30.18 3.20 -15.28
N THR A 46 -29.66 3.45 -16.48
CA THR A 46 -30.17 4.55 -17.31
C THR A 46 -31.62 4.34 -17.71
N GLU A 47 -32.11 3.11 -17.72
CA GLU A 47 -33.52 2.86 -18.00
C GLU A 47 -34.39 2.97 -16.75
N CYS A 48 -33.84 2.69 -15.56
CA CYS A 48 -34.64 2.74 -14.35
C CYS A 48 -34.94 4.17 -13.91
N LEU A 49 -33.99 5.07 -14.07
CA LEU A 49 -34.09 6.37 -13.40
C LEU A 49 -35.14 7.31 -13.96
N PRO A 50 -35.29 7.46 -15.27
CA PRO A 50 -36.22 8.47 -15.80
C PRO A 50 -37.63 8.34 -15.23
N PRO A 51 -38.23 7.14 -15.20
CA PRO A 51 -39.57 7.06 -14.58
C PRO A 51 -39.57 7.35 -13.09
N LEU A 52 -38.47 7.05 -12.39
CA LEU A 52 -38.40 7.39 -10.98
C LEU A 52 -38.31 8.90 -10.79
N VAL A 53 -37.48 9.57 -11.60
CA VAL A 53 -37.42 11.03 -11.57
C VAL A 53 -38.81 11.63 -11.80
N GLU A 54 -39.53 11.11 -12.80
CA GLU A 54 -40.87 11.62 -13.08
C GLU A 54 -41.78 11.43 -11.89
N ALA A 55 -41.78 10.23 -11.30
CA ALA A 55 -42.70 9.93 -10.20
C ALA A 55 -42.36 10.72 -8.95
N ALA A 56 -41.09 11.07 -8.77
CA ALA A 56 -40.63 11.76 -7.57
C ALA A 56 -40.67 13.27 -7.70
N THR A 57 -41.05 13.79 -8.86
CA THR A 57 -41.09 15.23 -9.07
C THR A 57 -42.19 15.85 -8.21
N GLN A 58 -41.87 16.96 -7.56
CA GLN A 58 -42.86 17.72 -6.81
C GLN A 58 -42.78 19.19 -7.24
N SER A 59 -43.80 19.95 -6.85
CA SER A 59 -43.87 21.36 -7.23
C SER A 59 -42.74 22.15 -6.59
N LYS A 60 -42.45 23.31 -7.19
CA LYS A 60 -41.43 24.19 -6.65
C LYS A 60 -41.78 24.61 -5.22
N GLU A 61 -43.06 24.93 -4.97
CA GLU A 61 -43.47 25.30 -3.62
C GLU A 61 -43.18 24.17 -2.62
N ILE A 62 -43.48 22.94 -3.00
CA ILE A 62 -43.21 21.80 -2.11
C ILE A 62 -41.71 21.62 -1.92
N ARG A 63 -40.94 21.72 -3.00
CA ARG A 63 -39.50 21.53 -2.88
C ARG A 63 -38.87 22.58 -1.98
N ASP A 64 -39.35 23.83 -2.07
CA ASP A 64 -38.86 24.86 -1.16
C ASP A 64 -39.29 24.59 0.28
N ALA A 65 -40.55 24.16 0.47
CA ALA A 65 -41.02 23.85 1.82
C ALA A 65 -40.26 22.67 2.40
N ALA A 66 -40.00 21.65 1.58
CA ALA A 66 -39.25 20.49 2.05
C ALA A 66 -37.82 20.87 2.41
N ALA A 67 -37.18 21.71 1.59
CA ALA A 67 -35.83 22.15 1.88
C ALA A 67 -35.77 22.91 3.21
N SER A 68 -36.79 23.72 3.47
CA SER A 68 -36.84 24.47 4.72
C SER A 68 -37.05 23.53 5.91
N THR A 69 -37.95 22.56 5.77
CA THR A 69 -38.15 21.58 6.83
C THR A 69 -36.88 20.78 7.08
N ALA A 70 -36.21 20.35 6.02
CA ALA A 70 -34.98 19.58 6.18
C ALA A 70 -33.90 20.41 6.84
N ARG A 71 -33.80 21.68 6.47
CA ARG A 71 -32.81 22.55 7.12
C ARG A 71 -33.13 22.71 8.60
N LYS A 72 -34.39 22.94 8.93
CA LYS A 72 -34.83 23.04 10.32
C LYS A 72 -34.50 21.77 11.11
N LEU A 73 -34.77 20.61 10.52
CA LEU A 73 -34.45 19.35 11.20
C LEU A 73 -32.96 19.17 11.39
N ILE A 74 -32.17 19.52 10.37
CA ILE A 74 -30.73 19.34 10.44
C ILE A 74 -30.12 20.33 11.41
N GLU A 75 -30.63 21.56 11.43
CA GLU A 75 -30.16 22.54 12.41
C GLU A 75 -30.45 22.07 13.82
N ALA A 76 -31.61 21.46 14.04
CA ALA A 76 -31.91 20.87 15.34
C ALA A 76 -30.95 19.73 15.68
N LEU A 77 -30.70 18.84 14.72
CA LEU A 77 -29.79 17.72 14.95
C LEU A 77 -28.40 18.22 15.31
N ARG A 78 -27.85 19.11 14.49
CA ARG A 78 -26.51 19.61 14.73
C ARG A 78 -26.42 20.49 15.96
N GLY A 79 -27.54 21.04 16.42
CA GLY A 79 -27.54 21.87 17.61
C GLY A 79 -27.62 21.13 18.92
N LYS A 80 -27.70 19.80 18.89
CA LYS A 80 -27.77 19.01 20.11
C LYS A 80 -26.82 17.81 20.08
N HIS A 81 -25.91 17.75 19.13
CA HIS A 81 -25.00 16.62 18.96
C HIS A 81 -24.22 16.29 20.23
N SER A 84 -20.44 10.07 20.91
CA SER A 84 -19.97 11.07 21.86
C SER A 84 -19.41 10.41 23.12
N GLY A 85 -20.07 9.34 23.55
CA GLY A 85 -19.60 8.59 24.70
C GLY A 85 -18.19 8.06 24.49
N VAL A 86 -18.01 7.30 23.41
CA VAL A 86 -16.67 6.80 23.06
C VAL A 86 -15.72 7.95 22.82
N GLU A 87 -16.18 8.98 22.10
CA GLU A 87 -15.33 10.14 21.84
C GLU A 87 -14.87 10.79 23.14
N GLY A 88 -15.77 10.95 24.10
CA GLY A 88 -15.39 11.57 25.35
C GLY A 88 -14.40 10.74 26.15
N LEU A 89 -14.50 9.41 26.04
CA LEU A 89 -13.56 8.54 26.73
C LEU A 89 -12.17 8.64 26.10
N VAL A 90 -12.12 8.56 24.77
CA VAL A 90 -10.86 8.74 24.04
C VAL A 90 -10.21 10.06 24.41
N GLN A 91 -11.01 11.13 24.51
CA GLN A 91 -10.47 12.44 24.87
C GLN A 91 -9.94 12.45 26.30
N GLU A 92 -10.74 11.94 27.25
CA GLU A 92 -10.37 12.06 28.66
C GLU A 92 -9.07 11.34 28.97
N TYR A 93 -8.84 10.19 28.36
CA TYR A 93 -7.64 9.41 28.62
C TYR A 93 -6.62 9.50 27.50
N SER A 94 -6.81 10.41 26.55
CA SER A 94 -5.83 10.64 25.49
C SER A 94 -5.50 9.34 24.75
N LEU A 95 -6.55 8.58 24.43
CA LEU A 95 -6.38 7.29 23.79
C LEU A 95 -6.11 7.47 22.30
N SER A 96 -5.18 6.68 21.80
CA SER A 96 -5.10 6.50 20.36
C SER A 96 -6.31 5.69 19.88
N SER A 97 -6.49 5.62 18.57
CA SER A 97 -7.59 4.81 18.04
C SER A 97 -7.42 3.35 18.43
N GLN A 98 -6.21 2.82 18.29
CA GLN A 98 -6.01 1.42 18.64
C GLN A 98 -6.24 1.20 20.13
N GLU A 99 -5.86 2.15 20.97
CA GLU A 99 -6.15 2.02 22.39
C GLU A 99 -7.66 2.02 22.63
N GLY A 100 -8.39 2.91 21.95
CA GLY A 100 -9.83 2.94 22.11
C GLY A 100 -10.47 1.62 21.71
N VAL A 101 -10.04 1.07 20.58
CA VAL A 101 -10.56 -0.22 20.14
C VAL A 101 -10.21 -1.30 21.15
N ALA A 102 -8.93 -1.34 21.58
CA ALA A 102 -8.50 -2.40 22.49
C ALA A 102 -9.24 -2.30 23.81
N LEU A 103 -9.46 -1.08 24.29
CA LEU A 103 -10.21 -0.87 25.52
C LEU A 103 -11.62 -1.43 25.40
N MET A 104 -12.30 -1.15 24.28
CA MET A 104 -13.65 -1.66 24.14
C MET A 104 -13.68 -3.18 24.03
N CYS A 105 -12.66 -3.76 23.40
CA CYS A 105 -12.56 -5.22 23.35
C CYS A 105 -12.37 -5.79 24.74
N LEU A 106 -11.51 -5.18 25.54
CA LEU A 106 -11.36 -5.63 26.92
C LEU A 106 -12.67 -5.48 27.69
N ALA A 107 -13.35 -4.35 27.51
CA ALA A 107 -14.61 -4.17 28.21
C ALA A 107 -15.61 -5.24 27.80
N GLU A 108 -15.69 -5.55 26.50
CA GLU A 108 -16.57 -6.62 26.02
C GLU A 108 -16.26 -7.92 26.73
N ALA A 109 -14.97 -8.24 26.87
CA ALA A 109 -14.57 -9.50 27.50
C ALA A 109 -14.91 -9.51 28.99
N LEU A 110 -14.69 -8.38 29.67
CA LEU A 110 -15.02 -8.29 31.08
C LEU A 110 -16.52 -8.43 31.30
N LEU A 111 -17.33 -7.97 30.36
CA LEU A 111 -18.77 -8.09 30.49
C LEU A 111 -19.27 -9.51 30.26
N ARG A 112 -18.43 -10.38 29.70
CA ARG A 112 -18.76 -11.80 29.61
C ARG A 112 -18.64 -12.50 30.95
N ILE A 113 -18.01 -11.86 31.94
CA ILE A 113 -18.03 -12.33 33.32
C ILE A 113 -19.38 -11.97 33.90
N PRO A 114 -20.23 -12.95 34.27
CA PRO A 114 -21.61 -12.63 34.68
C PRO A 114 -21.71 -11.84 35.97
N ASP A 115 -21.03 -12.28 37.03
CA ASP A 115 -21.18 -11.65 38.33
C ASP A 115 -20.41 -10.33 38.40
N THR A 116 -21.10 -9.27 38.83
CA THR A 116 -20.48 -7.94 38.86
C THR A 116 -19.35 -7.88 39.87
N ALA A 117 -19.54 -8.47 41.06
CA ALA A 117 -18.48 -8.43 42.07
C ALA A 117 -17.24 -9.15 41.59
N THR A 118 -17.41 -10.29 40.90
CA THR A 118 -16.26 -11.01 40.37
C THR A 118 -15.55 -10.19 39.30
N ARG A 119 -16.31 -9.55 38.42
CA ARG A 119 -15.72 -8.71 37.39
C ARG A 119 -14.94 -7.55 38.01
N ASP A 120 -15.56 -6.88 39.00
CA ASP A 120 -14.91 -5.73 39.62
C ASP A 120 -13.64 -6.13 40.37
N ALA A 121 -13.65 -7.32 40.98
CA ALA A 121 -12.46 -7.81 41.65
C ALA A 121 -11.37 -8.14 40.65
N LEU A 122 -11.72 -8.79 39.54
CA LEU A 122 -10.73 -9.09 38.51
C LEU A 122 -10.13 -7.80 37.96
N ILE A 123 -10.96 -6.78 37.73
CA ILE A 123 -10.45 -5.48 37.29
C ILE A 123 -9.47 -4.92 38.31
N ARG A 124 -9.92 -4.82 39.56
CA ARG A 124 -9.15 -4.14 40.59
C ARG A 124 -7.84 -4.86 40.89
N ASP A 125 -7.90 -6.19 41.03
CA ASP A 125 -6.77 -6.94 41.57
C ASP A 125 -5.88 -7.56 40.51
N LYS A 126 -6.38 -7.77 39.29
CA LYS A 126 -5.61 -8.52 38.30
C LYS A 126 -5.43 -7.77 36.99
N ILE A 127 -6.51 -7.25 36.41
CA ILE A 127 -6.40 -6.56 35.12
C ILE A 127 -5.60 -5.27 35.28
N ALA A 128 -6.03 -4.41 36.22
CA ALA A 128 -5.40 -3.11 36.36
C ALA A 128 -3.95 -3.23 36.80
N ASP A 129 -3.66 -4.20 37.67
CA ASP A 129 -2.36 -4.32 38.30
C ASP A 129 -1.29 -4.91 37.37
N GLY A 130 -1.64 -5.27 36.14
CA GLY A 130 -0.62 -5.72 35.22
C GLY A 130 -1.09 -6.56 34.05
N ASN A 131 -0.73 -7.84 34.07
CA ASN A 131 -0.88 -8.72 32.91
C ASN A 131 -2.35 -9.06 32.71
N TRP A 132 -3.02 -8.33 31.81
CA TRP A 132 -4.37 -8.70 31.40
C TRP A 132 -4.38 -9.99 30.61
N LYS A 133 -3.25 -10.31 29.95
CA LYS A 133 -3.17 -11.54 29.15
C LYS A 133 -3.36 -12.77 30.02
N SER A 134 -2.83 -12.75 31.25
CA SER A 134 -2.96 -13.88 32.16
C SER A 134 -4.41 -14.30 32.38
N HIS A 135 -5.36 -13.39 32.17
CA HIS A 135 -6.77 -13.70 32.33
C HIS A 135 -7.53 -13.24 31.09
N SER A 139 -8.32 -18.99 25.22
CA SER A 139 -8.96 -19.83 24.21
C SER A 139 -9.68 -19.00 23.15
N ARG A 140 -9.70 -17.69 23.36
CA ARG A 140 -10.36 -16.76 22.44
C ARG A 140 -9.67 -15.41 22.59
N SER A 141 -9.14 -14.90 21.48
CA SER A 141 -8.54 -13.58 21.48
C SER A 141 -9.51 -12.56 22.06
N LEU A 142 -8.98 -11.64 22.86
CA LEU A 142 -9.80 -10.54 23.33
C LEU A 142 -10.34 -9.70 22.17
N PHE A 143 -9.72 -9.82 21.00
CA PHE A 143 -9.91 -8.87 19.92
C PHE A 143 -10.74 -9.44 18.78
N VAL A 144 -11.47 -10.54 19.03
CA VAL A 144 -12.23 -11.19 17.96
CA VAL A 144 -12.25 -11.20 17.98
C VAL A 144 -13.19 -10.23 17.28
N ASN A 145 -13.80 -9.32 18.05
CA ASN A 145 -14.75 -8.37 17.49
C ASN A 145 -14.16 -6.98 17.32
N ALA A 146 -12.84 -6.87 17.24
CA ALA A 146 -12.22 -5.55 17.13
C ALA A 146 -12.59 -4.83 15.84
N ALA A 147 -12.91 -5.55 14.76
CA ALA A 147 -13.35 -4.84 13.56
C ALA A 147 -14.60 -4.03 13.84
N THR A 148 -15.53 -4.60 14.60
CA THR A 148 -16.74 -3.88 14.97
C THR A 148 -16.42 -2.70 15.86
N TRP A 149 -15.63 -2.93 16.92
CA TRP A 149 -15.23 -1.81 17.77
C TRP A 149 -14.44 -0.77 17.00
N GLY A 150 -13.63 -1.19 16.02
CA GLY A 150 -12.95 -0.21 15.18
C GLY A 150 -13.93 0.69 14.44
N LEU A 151 -15.03 0.10 13.98
CA LEU A 151 -16.07 0.91 13.35
C LEU A 151 -16.66 1.91 14.34
N VAL A 152 -16.94 1.45 15.56
CA VAL A 152 -17.46 2.34 16.61
C VAL A 152 -16.50 3.47 16.91
N VAL A 153 -15.22 3.14 17.08
CA VAL A 153 -14.25 4.12 17.54
C VAL A 153 -13.81 5.05 16.41
N THR A 154 -13.51 4.49 15.25
CA THR A 154 -12.85 5.24 14.18
C THR A 154 -13.77 5.54 13.00
N GLY A 155 -14.94 4.91 12.93
CA GLY A 155 -15.78 5.05 11.76
C GLY A 155 -15.31 4.30 10.53
N LYS A 156 -14.20 3.59 10.60
CA LYS A 156 -13.65 2.84 9.48
C LYS A 156 -13.73 1.35 9.76
N LEU A 157 -13.98 0.58 8.71
CA LEU A 157 -14.05 -0.86 8.81
C LEU A 157 -12.76 -1.47 8.31
N THR A 158 -12.17 -2.35 9.12
CA THR A 158 -11.08 -3.21 8.70
C THR A 158 -11.59 -4.64 8.71
N SER A 159 -11.24 -5.41 7.67
CA SER A 159 -11.78 -6.76 7.55
C SER A 159 -11.15 -7.70 8.56
N THR A 160 -9.87 -7.53 8.84
CA THR A 160 -9.18 -8.33 9.83
C THR A 160 -8.60 -7.40 10.91
N VAL A 161 -8.15 -8.03 11.98
CA VAL A 161 -7.81 -7.36 13.23
C VAL A 161 -6.30 -7.46 13.40
N ASN A 162 -5.64 -6.32 13.63
CA ASN A 162 -4.22 -6.39 13.97
C ASN A 162 -4.16 -6.62 15.47
N ASP A 163 -4.18 -7.90 15.85
CA ASP A 163 -4.27 -8.26 17.25
C ASP A 163 -3.00 -7.95 18.02
N ARG A 164 -1.85 -7.92 17.34
CA ARG A 164 -0.64 -7.56 18.04
C ARG A 164 -0.60 -6.06 18.33
N SER A 165 -1.11 -5.24 17.40
CA SER A 165 -1.22 -3.80 17.66
C SER A 165 -2.20 -3.53 18.78
N LEU A 166 -3.34 -4.23 18.79
CA LEU A 166 -4.30 -4.07 19.87
C LEU A 166 -3.75 -4.55 21.19
N ALA A 167 -3.03 -5.66 21.20
CA ALA A 167 -2.46 -6.14 22.46
C ALA A 167 -1.47 -5.12 23.01
N ALA A 168 -0.60 -4.58 22.14
CA ALA A 168 0.33 -3.54 22.57
C ALA A 168 -0.41 -2.33 23.11
N ALA A 169 -1.47 -1.91 22.41
CA ALA A 169 -2.22 -0.72 22.82
C ALA A 169 -2.91 -0.95 24.16
N LEU A 170 -3.43 -2.15 24.37
CA LEU A 170 -4.10 -2.43 25.64
C LEU A 170 -3.12 -2.42 26.80
N THR A 171 -1.97 -3.08 26.62
CA THR A 171 -0.94 -3.03 27.64
C THR A 171 -0.54 -1.59 27.94
N ARG A 172 -0.35 -0.80 26.87
CA ARG A 172 0.07 0.58 27.04
C ARG A 172 -0.96 1.39 27.80
N LEU A 173 -2.24 1.25 27.42
CA LEU A 173 -3.24 2.09 28.06
C LEU A 173 -3.47 1.69 29.50
N ILE A 174 -3.45 0.38 29.80
CA ILE A 174 -3.62 -0.05 31.18
C ILE A 174 -2.43 0.40 32.02
N SER A 175 -1.21 0.28 31.49
CA SER A 175 -0.05 0.66 32.27
C SER A 175 0.00 2.17 32.46
N ARG A 176 -0.60 2.92 31.55
CA ARG A 176 -0.58 4.37 31.67
C ARG A 176 -1.71 4.86 32.57
N CYS A 177 -2.90 4.31 32.44
CA CYS A 177 -4.08 4.87 33.08
C CYS A 177 -4.75 3.98 34.11
N GLY A 178 -4.46 2.68 34.12
CA GLY A 178 -4.89 1.84 35.21
C GLY A 178 -6.39 1.57 35.28
N GLU A 179 -6.81 1.19 36.48
CA GLU A 179 -8.22 0.85 36.74
C GLU A 179 -9.21 1.91 36.28
N PRO A 180 -8.98 3.22 36.49
CA PRO A 180 -9.99 4.19 36.06
C PRO A 180 -10.40 4.07 34.60
N VAL A 181 -9.45 3.88 33.68
CA VAL A 181 -9.82 3.79 32.27
C VAL A 181 -10.55 2.48 32.00
N ILE A 182 -10.19 1.41 32.69
CA ILE A 182 -10.89 0.14 32.52
C ILE A 182 -12.33 0.27 32.99
N ARG A 183 -12.52 0.89 34.15
CA ARG A 183 -13.87 1.12 34.67
CA ARG A 183 -13.87 1.13 34.68
C ARG A 183 -14.70 1.93 33.69
N ARG A 184 -14.14 3.00 33.13
CA ARG A 184 -14.88 3.80 32.17
C ARG A 184 -15.19 3.00 30.92
N GLY A 185 -14.24 2.19 30.45
CA GLY A 185 -14.49 1.38 29.28
C GLY A 185 -15.60 0.37 29.51
N VAL A 186 -15.56 -0.31 30.66
CA VAL A 186 -16.60 -1.29 30.98
C VAL A 186 -17.97 -0.62 31.03
N ASP A 187 -18.05 0.53 31.71
CA ASP A 187 -19.34 1.21 31.83
C ASP A 187 -19.83 1.68 30.46
N MET A 188 -18.93 2.15 29.61
CA MET A 188 -19.32 2.55 28.26
C MET A 188 -19.82 1.37 27.45
N ALA A 189 -19.05 0.27 27.45
CA ALA A 189 -19.46 -0.89 26.67
C ALA A 189 -20.78 -1.46 27.18
N MET A 190 -20.97 -1.44 28.50
CA MET A 190 -22.22 -1.94 29.07
C MET A 190 -23.41 -1.11 28.60
N ARG A 191 -23.24 0.22 28.58
CA ARG A 191 -24.28 1.10 28.08
C ARG A 191 -24.55 0.85 26.59
N MET A 192 -23.48 0.75 25.80
CA MET A 192 -23.68 0.62 24.35
C MET A 192 -24.30 -0.72 24.00
N MET A 193 -23.78 -1.81 24.56
CA MET A 193 -24.24 -3.13 24.19
CA MET A 193 -24.25 -3.13 24.19
C MET A 193 -25.59 -3.50 24.81
N GLY A 194 -25.96 -2.86 25.92
CA GLY A 194 -27.19 -3.19 26.59
C GLY A 194 -28.32 -2.23 26.36
N GLU A 195 -28.01 -1.00 25.92
CA GLU A 195 -29.00 0.06 25.80
C GLU A 195 -28.99 0.78 24.46
N GLN A 196 -27.91 0.74 23.69
CA GLN A 196 -27.83 1.47 22.43
C GLN A 196 -27.92 0.56 21.21
N PHE A 197 -27.06 -0.45 21.13
CA PHE A 197 -27.13 -1.38 20.01
C PHE A 197 -28.36 -2.25 20.09
N VAL A 198 -28.92 -2.40 21.29
CA VAL A 198 -30.18 -3.11 21.48
C VAL A 198 -31.04 -2.28 22.40
N THR A 199 -32.36 -2.45 22.28
CA THR A 199 -33.25 -1.83 23.24
CA THR A 199 -33.26 -1.83 23.25
C THR A 199 -33.21 -2.56 24.57
N GLY A 200 -33.00 -3.86 24.54
CA GLY A 200 -32.86 -4.63 25.77
C GLY A 200 -32.26 -5.99 25.43
N GLU A 201 -31.74 -6.65 26.45
CA GLU A 201 -31.19 -7.98 26.25
C GLU A 201 -32.30 -9.00 26.04
N THR A 202 -33.50 -8.73 26.56
CA THR A 202 -34.62 -9.63 26.45
C THR A 202 -35.85 -8.82 26.06
N ILE A 203 -36.86 -9.53 25.55
CA ILE A 203 -38.06 -8.81 25.12
C ILE A 203 -38.72 -8.09 26.29
N ARG A 204 -38.69 -8.70 27.48
CA ARG A 204 -39.28 -8.06 28.66
C ARG A 204 -38.56 -6.76 29.00
N GLU A 205 -37.23 -6.77 28.96
CA GLU A 205 -36.47 -5.56 29.23
C GLU A 205 -36.72 -4.51 28.16
N ALA A 206 -36.77 -4.94 26.89
CA ALA A 206 -37.03 -4.00 25.81
C ALA A 206 -38.41 -3.37 25.95
N LEU A 207 -39.41 -4.16 26.33
CA LEU A 207 -40.76 -3.61 26.50
C LEU A 207 -40.82 -2.61 27.64
N LYS A 208 -40.11 -2.89 28.73
CA LYS A 208 -40.09 -1.93 29.84
C LYS A 208 -39.47 -0.62 29.41
N ARG A 209 -38.39 -0.68 28.62
CA ARG A 209 -37.69 0.51 28.17
C ARG A 209 -38.42 1.25 27.06
N SER A 210 -39.48 0.68 26.49
CA SER A 210 -40.18 1.33 25.39
C SER A 210 -41.24 2.29 25.87
N LYS A 211 -41.64 2.22 27.13
CA LYS A 211 -42.76 3.02 27.62
C LYS A 211 -42.47 4.52 27.50
N GLU A 212 -41.22 4.92 27.74
CA GLU A 212 -40.87 6.34 27.74
C GLU A 212 -41.17 6.98 26.39
N LEU A 213 -40.68 6.38 25.30
CA LEU A 213 -40.93 6.96 23.99
C LEU A 213 -42.34 6.68 23.50
N GLU A 214 -42.96 5.57 23.91
CA GLU A 214 -44.36 5.35 23.54
C GLU A 214 -45.24 6.47 24.08
N GLU A 215 -44.92 6.96 25.28
CA GLU A 215 -45.70 8.03 25.89
C GLU A 215 -45.59 9.34 25.10
N LYS A 216 -44.51 9.50 24.32
CA LYS A 216 -44.32 10.68 23.49
C LYS A 216 -44.90 10.53 22.10
N GLY A 217 -45.37 9.34 21.72
CA GLY A 217 -45.99 9.13 20.43
C GLY A 217 -45.22 8.20 19.51
N PHE A 218 -44.12 7.63 19.97
CA PHE A 218 -43.43 6.63 19.18
C PHE A 218 -44.13 5.29 19.34
N SER A 219 -43.85 4.39 18.39
CA SER A 219 -44.20 2.99 18.51
C SER A 219 -42.94 2.18 18.28
N TYR A 220 -43.08 0.85 18.37
CA TYR A 220 -41.94 -0.04 18.31
C TYR A 220 -42.23 -1.23 17.42
N SER A 221 -41.19 -1.72 16.76
CA SER A 221 -41.20 -3.02 16.12
C SER A 221 -39.96 -3.76 16.62
N TYR A 222 -40.16 -4.89 17.26
CA TYR A 222 -39.04 -5.56 17.91
C TYR A 222 -38.41 -6.59 16.98
N ASP A 223 -37.08 -6.62 16.98
CA ASP A 223 -36.28 -7.54 16.17
C ASP A 223 -35.51 -8.44 17.12
N MET A 224 -35.87 -9.71 17.15
CA MET A 224 -35.21 -10.69 18.00
C MET A 224 -33.86 -11.14 17.45
N LEU A 225 -33.41 -10.53 16.35
CA LEU A 225 -32.06 -10.66 15.79
C LEU A 225 -31.79 -12.02 15.15
N GLY A 226 -32.80 -12.87 15.00
CA GLY A 226 -32.62 -14.10 14.25
C GLY A 226 -32.38 -13.81 12.77
N GLU A 227 -31.50 -14.61 12.17
CA GLU A 227 -31.17 -14.39 10.76
C GLU A 227 -30.30 -15.54 10.29
N ALA A 228 -30.49 -15.94 9.04
CA ALA A 228 -29.60 -16.89 8.38
C ALA A 228 -29.40 -18.17 9.21
N ALA A 229 -30.51 -18.86 9.45
CA ALA A 229 -30.41 -20.17 10.10
C ALA A 229 -29.52 -21.11 9.28
N THR A 230 -28.64 -21.81 9.97
CA THR A 230 -27.74 -22.77 9.34
C THR A 230 -28.24 -24.19 9.47
N THR A 231 -29.01 -24.48 10.52
CA THR A 231 -29.48 -25.84 10.79
C THR A 231 -30.96 -25.77 11.11
N ALA A 232 -31.60 -26.94 11.07
CA ALA A 232 -32.97 -27.03 11.55
C ALA A 232 -33.09 -26.56 12.99
N ALA A 233 -32.11 -26.89 13.83
CA ALA A 233 -32.17 -26.49 15.22
C ALA A 233 -32.13 -24.97 15.36
N ASP A 234 -31.31 -24.30 14.55
CA ASP A 234 -31.27 -22.84 14.56
C ASP A 234 -32.62 -22.28 14.21
N ALA A 235 -33.21 -22.80 13.13
CA ALA A 235 -34.50 -22.29 12.68
C ALA A 235 -35.56 -22.49 13.75
N GLU A 236 -35.53 -23.64 14.44
CA GLU A 236 -36.48 -23.85 15.53
C GLU A 236 -36.23 -22.87 16.66
N ARG A 237 -34.97 -22.60 16.99
CA ARG A 237 -34.68 -21.65 18.06
C ARG A 237 -35.18 -20.26 17.69
N TYR A 238 -34.94 -19.83 16.44
CA TYR A 238 -35.42 -18.52 16.05
C TYR A 238 -36.93 -18.49 16.04
N TYR A 239 -37.58 -19.58 15.62
CA TYR A 239 -39.02 -19.64 15.68
C TYR A 239 -39.52 -19.44 17.10
N ARG A 240 -38.99 -20.21 18.04
CA ARG A 240 -39.54 -20.09 19.39
C ARG A 240 -39.21 -18.74 20.01
N ASP A 241 -38.11 -18.12 19.60
CA ASP A 241 -37.83 -16.75 20.04
C ASP A 241 -38.86 -15.77 19.51
N TYR A 242 -39.21 -15.89 18.22
CA TYR A 242 -40.26 -15.04 17.68
C TYR A 242 -41.59 -15.30 18.38
N GLU A 243 -41.94 -16.57 18.57
CA GLU A 243 -43.21 -16.90 19.17
C GLU A 243 -43.29 -16.35 20.58
N SER A 244 -42.22 -16.50 21.37
CA SER A 244 -42.23 -15.98 22.73
C SER A 244 -42.28 -14.46 22.73
N ALA A 245 -41.60 -13.82 21.78
CA ALA A 245 -41.66 -12.37 21.69
C ALA A 245 -43.06 -11.89 21.31
N ILE A 246 -43.73 -12.56 20.38
CA ILE A 246 -45.08 -12.15 20.03
C ILE A 246 -45.98 -12.18 21.25
N HIS A 247 -45.85 -13.21 22.09
CA HIS A 247 -46.66 -13.25 23.29
C HIS A 247 -46.36 -12.05 24.18
N ALA A 248 -45.09 -11.76 24.38
CA ALA A 248 -44.74 -10.66 25.27
C ALA A 248 -45.19 -9.33 24.69
N ILE A 249 -44.99 -9.13 23.39
CA ILE A 249 -45.39 -7.90 22.74
C ILE A 249 -46.92 -7.78 22.73
N GLY A 250 -47.61 -8.89 22.44
CA GLY A 250 -49.05 -8.83 22.40
C GLY A 250 -49.65 -8.58 23.77
N LYS A 251 -49.06 -9.19 24.80
CA LYS A 251 -49.53 -8.92 26.16
C LYS A 251 -49.35 -7.46 26.51
N ALA A 252 -48.24 -6.87 26.05
CA ALA A 252 -47.95 -5.47 26.37
C ALA A 252 -48.77 -4.55 25.50
N SER A 253 -49.00 -4.94 24.24
CA SER A 253 -49.82 -4.11 23.38
C SER A 253 -51.17 -3.86 24.02
N ALA A 254 -51.74 -4.90 24.63
CA ALA A 254 -52.98 -4.80 25.40
C ALA A 254 -54.08 -4.10 24.60
N GLY A 255 -54.25 -4.54 23.36
CA GLY A 255 -55.33 -4.03 22.55
C GLY A 255 -55.09 -2.70 21.88
N ARG A 256 -53.87 -2.17 21.89
CA ARG A 256 -53.62 -0.90 21.22
C ARG A 256 -53.70 -1.01 19.71
N GLY A 257 -53.65 -2.21 19.16
CA GLY A 257 -53.78 -2.37 17.73
C GLY A 257 -52.47 -2.19 16.99
N ILE A 258 -52.56 -2.34 15.66
CA ILE A 258 -51.37 -2.47 14.86
C ILE A 258 -50.66 -1.14 14.57
N TYR A 259 -51.34 -0.02 14.73
CA TYR A 259 -50.73 1.28 14.45
C TYR A 259 -50.18 1.97 15.69
N GLU A 260 -50.96 2.06 16.76
CA GLU A 260 -50.44 2.66 17.99
C GLU A 260 -49.57 1.69 18.77
N GLY A 261 -49.86 0.39 18.67
CA GLY A 261 -49.22 -0.60 19.48
C GLY A 261 -47.99 -1.18 18.82
N PRO A 262 -47.18 -1.89 19.60
CA PRO A 262 -45.93 -2.43 19.09
C PRO A 262 -46.17 -3.65 18.21
N GLY A 263 -45.15 -3.95 17.41
CA GLY A 263 -45.20 -5.11 16.54
C GLY A 263 -43.87 -5.84 16.58
N ILE A 264 -43.73 -6.84 15.72
CA ILE A 264 -42.53 -7.63 15.62
C ILE A 264 -42.07 -7.63 14.16
N SER A 265 -40.76 -7.75 13.97
CA SER A 265 -40.19 -7.93 12.64
C SER A 265 -39.47 -9.27 12.63
N ILE A 266 -39.62 -10.02 11.53
CA ILE A 266 -39.02 -11.33 11.36
C ILE A 266 -38.23 -11.36 10.06
N LYS A 267 -37.26 -12.27 10.01
CA LYS A 267 -36.53 -12.54 8.78
C LYS A 267 -36.82 -13.97 8.36
N LEU A 268 -37.25 -14.14 7.12
CA LEU A 268 -37.54 -15.49 6.65
C LEU A 268 -36.31 -16.38 6.70
N SER A 269 -35.12 -15.82 6.51
CA SER A 269 -33.92 -16.64 6.56
C SER A 269 -33.67 -17.22 7.94
N ALA A 270 -34.27 -16.61 8.99
CA ALA A 270 -34.15 -17.17 10.33
C ALA A 270 -34.98 -18.44 10.51
N LEU A 271 -35.99 -18.63 9.68
CA LEU A 271 -36.99 -19.64 9.93
C LEU A 271 -36.81 -20.89 9.09
N HIS A 272 -35.79 -20.92 8.23
CA HIS A 272 -35.53 -22.15 7.52
C HIS A 272 -34.08 -22.11 7.09
N PRO A 273 -33.33 -23.21 7.23
CA PRO A 273 -31.93 -23.20 6.84
C PRO A 273 -31.70 -23.26 5.34
N ARG A 274 -32.71 -23.48 4.53
CA ARG A 274 -32.55 -23.51 3.07
C ARG A 274 -33.53 -22.57 2.42
N TYR A 275 -33.50 -21.31 2.87
CA TYR A 275 -34.39 -20.30 2.32
C TYR A 275 -33.73 -19.75 1.05
N SER A 276 -34.12 -20.32 -0.09
CA SER A 276 -33.57 -19.91 -1.37
C SER A 276 -34.49 -20.38 -2.47
N ARG A 277 -34.38 -19.73 -3.63
CA ARG A 277 -35.19 -20.11 -4.78
C ARG A 277 -34.93 -21.56 -5.17
N ALA A 278 -33.69 -22.02 -5.06
CA ALA A 278 -33.40 -23.41 -5.45
C ALA A 278 -34.17 -24.39 -4.59
N GLN A 279 -34.52 -24.00 -3.37
CA GLN A 279 -35.25 -24.86 -2.45
C GLN A 279 -36.68 -24.36 -2.26
N ALA A 280 -37.25 -23.74 -3.30
CA ALA A 280 -38.58 -23.13 -3.18
C ALA A 280 -39.62 -24.11 -2.66
N ALA A 281 -39.57 -25.37 -3.10
CA ALA A 281 -40.57 -26.33 -2.65
C ALA A 281 -40.48 -26.53 -1.15
N ARG A 282 -39.26 -26.65 -0.62
CA ARG A 282 -39.13 -26.79 0.84
C ARG A 282 -39.55 -25.51 1.54
N VAL A 283 -39.30 -24.36 0.93
CA VAL A 283 -39.68 -23.08 1.54
C VAL A 283 -41.20 -23.00 1.68
N MET A 284 -41.91 -23.31 0.60
CA MET A 284 -43.37 -23.25 0.68
C MET A 284 -43.93 -24.34 1.57
N GLY A 285 -43.26 -25.50 1.63
CA GLY A 285 -43.80 -26.60 2.40
C GLY A 285 -43.48 -26.49 3.87
N GLU A 286 -42.35 -25.91 4.23
CA GLU A 286 -41.82 -25.96 5.58
C GLU A 286 -41.69 -24.60 6.23
N LEU A 287 -41.27 -23.60 5.48
CA LEU A 287 -41.13 -22.26 6.04
CA LEU A 287 -41.13 -22.26 6.04
C LEU A 287 -42.49 -21.58 6.14
N LEU A 288 -43.27 -21.63 5.07
CA LEU A 288 -44.57 -20.97 5.06
C LEU A 288 -45.45 -21.33 6.25
N PRO A 289 -45.64 -22.59 6.62
CA PRO A 289 -46.48 -22.88 7.81
C PRO A 289 -45.95 -22.25 9.08
N ARG A 290 -44.64 -22.07 9.18
CA ARG A 290 -44.09 -21.45 10.38
C ARG A 290 -44.43 -19.98 10.43
N VAL A 291 -44.28 -19.28 9.30
CA VAL A 291 -44.69 -17.89 9.26
C VAL A 291 -46.18 -17.78 9.55
N LYS A 292 -46.98 -18.67 8.97
CA LYS A 292 -48.41 -18.64 9.21
C LYS A 292 -48.71 -18.79 10.69
N ALA A 293 -48.01 -19.70 11.36
CA ALA A 293 -48.28 -19.89 12.79
C ALA A 293 -47.93 -18.64 13.58
N LEU A 294 -46.82 -17.98 13.25
CA LEU A 294 -46.49 -16.74 13.93
C LEU A 294 -47.51 -15.67 13.60
N ALA A 295 -47.94 -15.61 12.34
CA ALA A 295 -48.92 -14.60 11.94
C ALA A 295 -50.26 -14.82 12.65
N LEU A 296 -50.67 -16.08 12.82
CA LEU A 296 -51.91 -16.35 13.55
C LEU A 296 -51.84 -15.82 14.97
N LEU A 297 -50.67 -15.92 15.59
CA LEU A 297 -50.54 -15.41 16.95
C LEU A 297 -50.53 -13.89 16.95
N ALA A 298 -49.83 -13.27 15.99
CA ALA A 298 -49.87 -11.82 15.88
C ALA A 298 -51.30 -11.34 15.64
N LYS A 299 -52.05 -12.07 14.82
CA LYS A 299 -53.45 -11.74 14.60
CA LYS A 299 -53.45 -11.74 14.60
C LYS A 299 -54.24 -11.79 15.91
N ASN A 300 -54.02 -12.80 16.72
CA ASN A 300 -54.83 -12.90 17.93
C ASN A 300 -54.57 -11.75 18.88
N TYR A 301 -53.32 -11.28 18.97
CA TYR A 301 -53.02 -10.12 19.77
C TYR A 301 -53.23 -8.81 19.04
N ASP A 302 -53.50 -8.86 17.73
CA ASP A 302 -53.64 -7.68 16.90
C ASP A 302 -52.41 -6.77 16.96
N ILE A 303 -51.26 -7.38 16.66
CA ILE A 303 -50.00 -6.65 16.54
C ILE A 303 -49.48 -6.78 15.11
N GLY A 304 -48.57 -5.87 14.76
CA GLY A 304 -47.93 -5.96 13.45
C GLY A 304 -46.90 -7.09 13.42
N LEU A 305 -46.83 -7.77 12.29
CA LEU A 305 -45.78 -8.74 12.02
C LEU A 305 -45.19 -8.40 10.66
N ASN A 306 -43.94 -7.93 10.66
CA ASN A 306 -43.32 -7.43 9.45
C ASN A 306 -42.27 -8.42 8.96
N ILE A 307 -42.25 -8.68 7.66
CA ILE A 307 -41.23 -9.51 7.04
C ILE A 307 -40.12 -8.60 6.52
N ASP A 308 -38.95 -8.68 7.17
CA ASP A 308 -37.80 -7.89 6.76
C ASP A 308 -37.31 -8.34 5.39
N ALA A 309 -36.73 -7.42 4.63
CA ALA A 309 -36.21 -7.74 3.31
C ALA A 309 -34.71 -8.06 3.39
N GLU A 310 -34.31 -9.08 2.64
CA GLU A 310 -32.94 -9.55 2.74
C GLU A 310 -32.24 -9.44 1.40
N GLU A 311 -31.51 -10.47 0.98
CA GLU A 311 -30.73 -10.35 -0.24
C GLU A 311 -31.63 -10.29 -1.47
N ALA A 312 -31.09 -9.71 -2.53
CA ALA A 312 -31.88 -9.51 -3.74
C ALA A 312 -32.42 -10.81 -4.29
N ASP A 313 -31.67 -11.91 -4.17
CA ASP A 313 -32.13 -13.18 -4.71
C ASP A 313 -33.21 -13.86 -3.88
N ARG A 314 -33.63 -13.23 -2.78
CA ARG A 314 -34.73 -13.73 -1.98
C ARG A 314 -35.99 -12.89 -2.12
N LEU A 315 -35.91 -11.76 -2.82
CA LEU A 315 -37.08 -10.88 -2.94
C LEU A 315 -38.27 -11.61 -3.54
N GLU A 316 -38.11 -12.15 -4.74
CA GLU A 316 -39.27 -12.71 -5.42
C GLU A 316 -39.80 -13.96 -4.72
N LEU A 317 -38.90 -14.76 -4.13
CA LEU A 317 -39.36 -15.88 -3.34
C LEU A 317 -40.23 -15.42 -2.18
N SER A 318 -39.84 -14.33 -1.50
CA SER A 318 -40.61 -13.85 -0.37
C SER A 318 -42.00 -13.40 -0.79
N LEU A 319 -42.13 -12.94 -2.04
CA LEU A 319 -43.45 -12.57 -2.56
C LEU A 319 -44.39 -13.77 -2.64
N ASP A 320 -43.86 -14.96 -2.92
CA ASP A 320 -44.73 -16.15 -2.93
C ASP A 320 -45.27 -16.43 -1.54
N LEU A 321 -44.47 -16.18 -0.50
CA LEU A 321 -44.98 -16.36 0.86
C LEU A 321 -45.98 -15.29 1.20
N LEU A 322 -45.68 -14.03 0.87
CA LEU A 322 -46.62 -12.95 1.15
C LEU A 322 -47.95 -13.21 0.47
N GLU A 323 -47.91 -13.69 -0.78
CA GLU A 323 -49.15 -13.96 -1.52
C GLU A 323 -49.99 -15.00 -0.80
N VAL A 324 -49.38 -16.13 -0.41
CA VAL A 324 -50.14 -17.18 0.27
C VAL A 324 -50.71 -16.68 1.58
N LEU A 325 -49.90 -15.97 2.37
CA LEU A 325 -50.37 -15.50 3.67
C LEU A 325 -51.53 -14.53 3.52
N CYS A 326 -51.43 -13.61 2.56
CA CYS A 326 -52.50 -12.62 2.43
C CYS A 326 -53.78 -13.22 1.88
N LEU A 327 -53.70 -14.33 1.17
CA LEU A 327 -54.87 -15.01 0.65
C LEU A 327 -55.41 -16.08 1.60
N ASP A 328 -54.72 -16.35 2.71
CA ASP A 328 -55.12 -17.40 3.64
C ASP A 328 -56.24 -16.91 4.54
N GLY A 329 -57.41 -17.52 4.41
CA GLY A 329 -58.57 -17.06 5.18
C GLY A 329 -58.39 -17.15 6.68
N ASP A 330 -57.49 -18.02 7.15
CA ASP A 330 -57.27 -18.14 8.59
C ASP A 330 -56.70 -16.86 9.18
N LEU A 331 -56.09 -16.01 8.35
CA LEU A 331 -55.50 -14.76 8.80
C LEU A 331 -56.39 -13.57 8.56
N SER A 332 -57.61 -13.80 8.08
CA SER A 332 -58.48 -12.68 7.72
C SER A 332 -58.91 -11.91 8.95
N GLY A 333 -59.19 -10.63 8.77
CA GLY A 333 -59.58 -9.77 9.85
C GLY A 333 -58.44 -9.07 10.54
N TRP A 334 -57.22 -9.34 10.10
CA TRP A 334 -56.03 -8.77 10.70
C TRP A 334 -55.25 -8.06 9.61
N ASN A 335 -54.90 -6.79 9.85
CA ASN A 335 -54.16 -5.98 8.90
C ASN A 335 -52.70 -5.80 9.32
N GLY A 336 -52.23 -6.62 10.25
CA GLY A 336 -50.90 -6.43 10.77
C GLY A 336 -49.77 -7.00 9.93
N MET A 337 -50.05 -7.74 8.87
CA MET A 337 -48.97 -8.29 8.05
CA MET A 337 -48.96 -8.28 8.06
C MET A 337 -48.21 -7.16 7.36
N GLY A 338 -46.90 -7.15 7.52
CA GLY A 338 -46.06 -6.12 6.96
C GLY A 338 -44.97 -6.72 6.09
N PHE A 339 -44.41 -5.91 5.21
CA PHE A 339 -43.45 -6.42 4.23
C PHE A 339 -42.55 -5.26 3.83
N VAL A 340 -41.24 -5.49 3.86
CA VAL A 340 -40.28 -4.45 3.51
C VAL A 340 -39.99 -4.50 2.02
N VAL A 341 -39.86 -3.33 1.42
CA VAL A 341 -39.35 -3.21 0.05
C VAL A 341 -38.17 -2.25 0.04
N GLN A 342 -37.13 -2.61 -0.70
CA GLN A 342 -35.85 -1.92 -0.67
C GLN A 342 -35.74 -1.02 -1.90
N ALA A 343 -35.75 0.28 -1.66
CA ALA A 343 -35.71 1.25 -2.75
C ALA A 343 -34.38 1.26 -3.49
N TYR A 344 -33.33 0.67 -2.92
CA TYR A 344 -32.10 0.57 -3.70
C TYR A 344 -32.21 -0.49 -4.79
N GLY A 345 -33.30 -1.24 -4.82
CA GLY A 345 -33.47 -2.31 -5.78
C GLY A 345 -34.23 -1.83 -7.00
N LYS A 346 -33.78 -2.29 -8.17
CA LYS A 346 -34.38 -1.85 -9.42
C LYS A 346 -35.81 -2.32 -9.57
N ARG A 347 -36.20 -3.36 -8.85
CA ARG A 347 -37.55 -3.90 -8.93
C ARG A 347 -38.54 -3.18 -8.02
N CYS A 348 -38.08 -2.33 -7.13
CA CYS A 348 -38.91 -1.72 -6.09
C CYS A 348 -40.28 -1.23 -6.56
N PRO A 349 -40.37 -0.37 -7.57
CA PRO A 349 -41.70 0.12 -7.95
C PRO A 349 -42.62 -0.98 -8.45
N PHE A 350 -42.06 -1.99 -9.11
CA PHE A 350 -42.86 -3.10 -9.63
C PHE A 350 -43.27 -4.04 -8.52
N VAL A 351 -42.41 -4.20 -7.52
CA VAL A 351 -42.79 -4.93 -6.32
C VAL A 351 -43.93 -4.21 -5.62
N LEU A 352 -43.84 -2.89 -5.50
CA LEU A 352 -44.92 -2.14 -4.88
C LEU A 352 -46.22 -2.28 -5.66
N ASP A 353 -46.15 -2.25 -7.00
CA ASP A 353 -47.36 -2.47 -7.78
C ASP A 353 -47.97 -3.82 -7.46
N PHE A 354 -47.13 -4.84 -7.34
CA PHE A 354 -47.61 -6.17 -7.01
C PHE A 354 -48.25 -6.18 -5.63
N ILE A 355 -47.58 -5.59 -4.64
CA ILE A 355 -48.10 -5.60 -3.28
C ILE A 355 -49.40 -4.83 -3.19
N ILE A 356 -49.46 -3.66 -3.81
CA ILE A 356 -50.68 -2.87 -3.79
C ILE A 356 -51.82 -3.65 -4.40
N ASP A 357 -51.55 -4.34 -5.51
CA ASP A 357 -52.59 -5.16 -6.11
C ASP A 357 -52.96 -6.33 -5.22
N LEU A 358 -51.97 -6.93 -4.56
CA LEU A 358 -52.27 -8.02 -3.63
C LEU A 358 -53.12 -7.53 -2.47
N ALA A 359 -52.83 -6.32 -1.98
CA ALA A 359 -53.63 -5.75 -0.91
C ALA A 359 -55.07 -5.57 -1.37
N ARG A 360 -55.26 -5.11 -2.61
CA ARG A 360 -56.61 -4.95 -3.14
C ARG A 360 -57.32 -6.29 -3.27
N ARG A 361 -56.62 -7.29 -3.82
CA ARG A 361 -57.23 -8.61 -4.02
C ARG A 361 -57.60 -9.25 -2.69
N SER A 362 -56.69 -9.20 -1.73
CA SER A 362 -56.91 -9.88 -0.47
C SER A 362 -57.77 -9.08 0.49
N GLY A 363 -57.91 -7.77 0.26
CA GLY A 363 -58.56 -6.92 1.23
C GLY A 363 -57.77 -6.64 2.48
N ARG A 364 -56.50 -7.02 2.51
CA ARG A 364 -55.63 -6.79 3.65
C ARG A 364 -54.88 -5.49 3.43
N ARG A 365 -54.88 -4.62 4.43
CA ARG A 365 -54.15 -3.37 4.30
C ARG A 365 -52.70 -3.66 4.66
N ILE A 366 -51.92 -4.06 3.67
CA ILE A 366 -50.56 -4.52 3.94
C ILE A 366 -49.73 -3.36 4.45
N MET A 367 -49.00 -3.61 5.53
CA MET A 367 -48.07 -2.61 6.05
C MET A 367 -46.79 -2.70 5.24
N VAL A 368 -46.44 -1.64 4.54
CA VAL A 368 -45.31 -1.68 3.62
C VAL A 368 -44.23 -0.77 4.19
N ARG A 369 -43.13 -1.36 4.61
CA ARG A 369 -41.99 -0.58 5.09
C ARG A 369 -41.08 -0.31 3.91
N LEU A 370 -40.96 0.95 3.55
CA LEU A 370 -40.06 1.35 2.49
C LEU A 370 -38.71 1.68 3.13
N VAL A 371 -37.66 1.00 2.69
CA VAL A 371 -36.32 1.24 3.16
C VAL A 371 -35.46 1.48 1.94
N LYS A 372 -34.23 1.92 2.17
CA LYS A 372 -33.30 1.98 1.06
C LYS A 372 -32.66 0.61 0.80
N GLY A 373 -31.98 0.04 1.78
CA GLY A 373 -31.54 -1.34 1.68
C GLY A 373 -30.19 -1.53 2.37
N ALA A 374 -29.99 -2.71 2.94
CA ALA A 374 -28.91 -2.94 3.88
C ALA A 374 -27.75 -3.76 3.33
N TYR A 375 -27.85 -4.28 2.11
CA TYR A 375 -26.90 -5.27 1.61
C TYR A 375 -26.14 -4.77 0.40
N TRP A 376 -25.97 -3.47 0.27
CA TRP A 376 -25.50 -2.89 -0.99
C TRP A 376 -24.16 -3.46 -1.43
N ASP A 377 -23.15 -3.39 -0.55
CA ASP A 377 -21.80 -3.89 -0.89
CA ASP A 377 -21.84 -3.86 -0.98
C ASP A 377 -21.86 -5.35 -1.29
N ALA A 378 -22.66 -6.13 -0.58
CA ALA A 378 -22.73 -7.57 -0.85
C ALA A 378 -23.38 -7.84 -2.20
N GLU A 379 -24.38 -7.03 -2.56
CA GLU A 379 -25.02 -7.21 -3.86
C GLU A 379 -24.06 -6.90 -4.99
N ILE A 380 -23.21 -5.89 -4.83
CA ILE A 380 -22.24 -5.57 -5.86
C ILE A 380 -21.28 -6.74 -6.04
N LYS A 381 -20.75 -7.24 -4.91
CA LYS A 381 -19.80 -8.34 -4.99
C LYS A 381 -20.45 -9.57 -5.61
N ARG A 382 -21.68 -9.89 -5.22
CA ARG A 382 -22.32 -11.11 -5.68
C ARG A 382 -22.51 -11.07 -7.19
N ALA A 383 -22.97 -9.93 -7.71
CA ALA A 383 -23.24 -9.86 -9.14
C ALA A 383 -21.94 -9.96 -9.92
N GLN A 384 -20.87 -9.38 -9.39
CA GLN A 384 -19.57 -9.50 -10.05
C GLN A 384 -19.09 -10.95 -10.03
N LEU A 385 -19.17 -11.60 -8.87
CA LEU A 385 -18.72 -12.99 -8.78
C LEU A 385 -19.50 -13.88 -9.74
N ASP A 386 -20.80 -13.63 -9.87
CA ASP A 386 -21.66 -14.49 -10.67
C ASP A 386 -21.63 -14.13 -12.15
N GLY A 387 -20.90 -13.09 -12.53
CA GLY A 387 -20.81 -12.71 -13.94
C GLY A 387 -22.14 -12.33 -14.53
N LEU A 388 -22.97 -11.63 -13.77
CA LEU A 388 -24.31 -11.37 -14.27
C LEU A 388 -24.36 -10.07 -15.07
N ALA A 389 -25.50 -9.86 -15.74
CA ALA A 389 -25.56 -8.80 -16.74
C ALA A 389 -25.42 -7.43 -16.10
N ASP A 390 -25.94 -7.26 -14.90
CA ASP A 390 -25.96 -5.95 -14.25
C ASP A 390 -26.27 -6.19 -12.78
N PHE A 391 -26.32 -5.15 -12.04
CA PHE A 391 -26.61 -5.29 -10.62
C PHE A 391 -28.11 -5.23 -10.39
N PRO A 392 -28.58 -5.85 -9.30
CA PRO A 392 -30.00 -5.74 -8.94
C PRO A 392 -30.30 -4.53 -8.06
N VAL A 393 -29.28 -3.72 -7.79
CA VAL A 393 -29.40 -2.50 -7.01
C VAL A 393 -28.77 -1.37 -7.81
N PHE A 394 -29.14 -0.15 -7.46
CA PHE A 394 -28.48 1.00 -8.05
C PHE A 394 -27.04 1.08 -7.58
N THR A 395 -26.22 1.82 -8.34
CA THR A 395 -24.81 1.97 -8.01
C THR A 395 -24.43 3.38 -7.58
N ARG A 396 -25.32 4.34 -7.74
CA ARG A 396 -25.13 5.68 -7.19
C ARG A 396 -26.13 5.90 -6.08
N LYS A 397 -25.64 6.36 -4.95
CA LYS A 397 -26.51 6.58 -3.79
C LYS A 397 -27.68 7.49 -4.13
N ILE A 398 -27.44 8.51 -4.96
CA ILE A 398 -28.49 9.46 -5.26
C ILE A 398 -29.62 8.77 -6.03
N HIS A 399 -29.30 7.72 -6.76
CA HIS A 399 -30.33 6.97 -7.47
C HIS A 399 -31.26 6.28 -6.49
N THR A 400 -30.69 5.69 -5.45
CA THR A 400 -31.53 5.10 -4.40
C THR A 400 -32.42 6.15 -3.76
N ASP A 401 -31.90 7.36 -3.54
CA ASP A 401 -32.72 8.40 -2.93
C ASP A 401 -33.89 8.77 -3.83
N VAL A 402 -33.63 8.89 -5.14
CA VAL A 402 -34.71 9.19 -6.07
C VAL A 402 -35.72 8.05 -6.10
N SER A 403 -35.21 6.82 -6.18
CA SER A 403 -36.08 5.65 -6.15
C SER A 403 -36.97 5.66 -4.92
N TYR A 404 -36.38 5.95 -3.76
CA TYR A 404 -37.15 6.00 -2.52
C TYR A 404 -38.28 7.02 -2.62
N ILE A 405 -37.96 8.23 -3.09
CA ILE A 405 -38.98 9.27 -3.16
C ILE A 405 -40.07 8.90 -4.17
N ALA A 406 -39.67 8.33 -5.31
CA ALA A 406 -40.64 7.85 -6.30
C ALA A 406 -41.55 6.77 -5.73
N CYS A 407 -40.96 5.82 -4.99
CA CYS A 407 -41.77 4.76 -4.40
C CYS A 407 -42.67 5.29 -3.31
N ALA A 408 -42.23 6.32 -2.58
CA ALA A 408 -43.09 6.93 -1.58
C ALA A 408 -44.29 7.60 -2.24
N ALA A 409 -44.09 8.22 -3.40
CA ALA A 409 -45.21 8.82 -4.12
C ALA A 409 -46.23 7.75 -4.50
N LYS A 410 -45.75 6.58 -4.92
CA LYS A 410 -46.66 5.49 -5.25
C LYS A 410 -47.40 5.00 -4.01
N LEU A 411 -46.69 4.83 -2.90
CA LEU A 411 -47.33 4.39 -1.66
C LEU A 411 -48.34 5.41 -1.16
N LEU A 412 -48.00 6.70 -1.25
CA LEU A 412 -48.89 7.73 -0.72
C LEU A 412 -50.16 7.86 -1.53
N ALA A 413 -50.16 7.39 -2.78
CA ALA A 413 -51.39 7.36 -3.56
C ALA A 413 -52.26 6.16 -3.23
N ALA A 414 -51.79 5.25 -2.37
CA ALA A 414 -52.50 4.01 -2.12
C ALA A 414 -52.72 3.78 -0.63
N THR A 415 -52.80 4.85 0.17
CA THR A 415 -52.97 4.68 1.61
C THR A 415 -54.31 4.06 1.98
N ASP A 416 -55.28 4.04 1.07
CA ASP A 416 -56.52 3.34 1.39
C ASP A 416 -56.32 1.83 1.42
N VAL A 417 -55.34 1.31 0.69
CA VAL A 417 -55.16 -0.14 0.59
C VAL A 417 -53.87 -0.66 1.20
N VAL A 418 -52.86 0.20 1.42
CA VAL A 418 -51.67 -0.19 2.16
C VAL A 418 -51.37 0.86 3.21
N PHE A 419 -50.57 0.47 4.19
CA PHE A 419 -50.12 1.38 5.24
C PHE A 419 -48.64 1.64 5.00
N PRO A 420 -48.26 2.78 4.44
CA PRO A 420 -46.85 3.05 4.16
C PRO A 420 -46.08 3.37 5.44
N GLN A 421 -44.85 2.88 5.49
CA GLN A 421 -43.99 3.04 6.65
C GLN A 421 -42.64 3.48 6.11
N PHE A 422 -42.31 4.75 6.28
CA PHE A 422 -41.13 5.33 5.64
C PHE A 422 -39.96 5.27 6.62
N ALA A 423 -39.15 4.22 6.45
CA ALA A 423 -37.99 4.00 7.31
C ALA A 423 -36.81 4.77 6.72
N THR A 424 -36.34 5.80 7.42
CA THR A 424 -35.18 6.52 6.97
C THR A 424 -34.65 7.41 8.10
N HIS A 425 -33.33 7.57 8.11
CA HIS A 425 -32.71 8.55 8.99
C HIS A 425 -32.30 9.80 8.25
N ASN A 426 -32.63 9.89 6.97
CA ASN A 426 -32.19 11.01 6.15
C ASN A 426 -33.22 12.12 6.23
N ALA A 427 -32.81 13.27 6.81
CA ALA A 427 -33.75 14.36 7.02
C ALA A 427 -34.28 14.94 5.72
N GLN A 428 -33.48 14.90 4.65
CA GLN A 428 -33.95 15.37 3.35
C GLN A 428 -35.04 14.45 2.82
N THR A 429 -34.80 13.13 2.91
CA THR A 429 -35.80 12.16 2.50
C THR A 429 -37.07 12.35 3.29
N LEU A 430 -36.94 12.44 4.62
CA LEU A 430 -38.11 12.63 5.49
C LEU A 430 -38.89 13.86 5.09
N ALA A 431 -38.21 14.99 4.95
CA ALA A 431 -38.89 16.25 4.65
C ALA A 431 -39.64 16.16 3.31
N ALA A 432 -39.00 15.56 2.31
CA ALA A 432 -39.64 15.40 1.00
C ALA A 432 -40.95 14.62 1.13
N ILE A 433 -40.95 13.56 1.92
CA ILE A 433 -42.14 12.74 2.06
C ILE A 433 -43.18 13.43 2.92
N TYR A 434 -42.74 14.07 4.01
CA TYR A 434 -43.65 14.80 4.88
C TYR A 434 -44.48 15.81 4.09
N HIS A 435 -43.84 16.55 3.19
CA HIS A 435 -44.58 17.52 2.39
C HIS A 435 -45.34 16.86 1.26
N MET A 436 -44.80 15.78 0.69
CA MET A 436 -45.53 15.03 -0.33
C MET A 436 -46.85 14.49 0.23
N ALA A 437 -46.84 14.04 1.48
CA ALA A 437 -48.04 13.44 2.06
C ALA A 437 -49.12 14.49 2.33
N GLY A 438 -48.73 15.73 2.54
CA GLY A 438 -49.69 16.80 2.72
C GLY A 438 -50.19 16.96 4.14
N LYS A 439 -51.14 17.89 4.28
CA LYS A 439 -51.62 18.33 5.59
C LYS A 439 -52.67 17.41 6.21
N ASP A 440 -53.40 16.64 5.40
CA ASP A 440 -54.38 15.71 5.95
C ASP A 440 -53.67 14.52 6.55
N PHE A 441 -53.72 14.38 7.86
CA PHE A 441 -53.10 13.23 8.49
C PHE A 441 -53.99 12.66 9.58
N HIS A 442 -53.96 11.34 9.71
CA HIS A 442 -54.55 10.66 10.84
C HIS A 442 -53.66 9.47 11.14
N VAL A 443 -53.60 9.08 12.42
CA VAL A 443 -52.85 7.88 12.78
C VAL A 443 -53.45 6.69 12.05
N GLY A 444 -52.59 5.92 11.42
CA GLY A 444 -53.00 4.87 10.52
C GLY A 444 -52.89 5.22 9.05
N LYS A 445 -52.68 6.48 8.71
CA LYS A 445 -52.53 6.83 7.30
C LYS A 445 -51.18 6.37 6.78
N TYR A 446 -50.11 6.79 7.45
CA TYR A 446 -48.76 6.30 7.21
C TYR A 446 -47.97 6.60 8.48
N GLU A 447 -46.73 6.14 8.51
CA GLU A 447 -45.86 6.48 9.62
C GLU A 447 -44.45 6.55 9.10
N PHE A 448 -43.57 7.14 9.88
CA PHE A 448 -42.14 7.01 9.65
C PHE A 448 -41.59 5.87 10.51
N GLN A 449 -40.37 5.45 10.20
CA GLN A 449 -39.69 4.46 11.02
C GLN A 449 -38.22 4.82 11.13
N CYS A 450 -37.63 4.38 12.23
CA CYS A 450 -36.22 4.63 12.46
C CYS A 450 -35.65 3.50 13.30
N LEU A 451 -34.32 3.48 13.39
CA LEU A 451 -33.64 2.48 14.17
C LEU A 451 -33.40 2.97 15.59
N HIS A 452 -33.60 2.08 16.55
CA HIS A 452 -33.31 2.40 17.94
C HIS A 452 -31.86 2.84 18.09
N GLY A 453 -31.65 3.83 18.95
CA GLY A 453 -30.28 4.26 19.23
C GLY A 453 -29.58 4.89 18.04
N MET A 454 -30.35 5.36 17.06
CA MET A 454 -29.79 6.03 15.90
C MET A 454 -30.75 7.11 15.42
N GLY A 455 -32.02 6.76 15.29
CA GLY A 455 -32.97 7.70 14.72
C GLY A 455 -33.71 8.59 15.68
N GLU A 456 -33.61 8.35 16.99
CA GLU A 456 -34.38 9.17 17.94
C GLU A 456 -34.05 10.65 17.88
N PRO A 457 -32.79 11.09 17.77
CA PRO A 457 -32.56 12.54 17.68
C PRO A 457 -33.31 13.20 16.55
N LEU A 458 -33.36 12.57 15.37
CA LEU A 458 -34.12 13.14 14.27
C LEU A 458 -35.61 13.11 14.55
N TYR A 459 -36.12 11.95 14.98
CA TYR A 459 -37.55 11.80 15.11
C TYR A 459 -38.13 12.46 16.34
N GLU A 460 -37.31 12.80 17.33
CA GLU A 460 -37.77 13.70 18.37
C GLU A 460 -38.06 15.11 17.85
N GLU A 461 -37.59 15.42 16.64
CA GLU A 461 -37.97 16.65 15.96
C GLU A 461 -39.16 16.45 15.04
N VAL A 462 -39.75 15.26 15.05
CA VAL A 462 -40.85 14.90 14.16
C VAL A 462 -42.11 14.54 14.94
N VAL A 463 -41.97 13.63 15.91
CA VAL A 463 -43.13 13.11 16.62
C VAL A 463 -43.68 14.16 17.58
N GLY A 464 -44.98 14.25 17.68
CA GLY A 464 -45.59 15.09 18.68
C GLY A 464 -46.17 16.36 18.09
N ARG A 465 -47.21 16.87 18.75
CA ARG A 465 -47.91 18.06 18.26
C ARG A 465 -46.99 19.27 18.21
N GLY A 466 -45.99 19.33 19.07
CA GLY A 466 -45.06 20.44 19.02
C GLY A 466 -44.04 20.37 17.90
N LYS A 467 -44.01 19.27 17.14
CA LYS A 467 -43.04 19.09 16.07
C LYS A 467 -43.81 18.99 14.76
N LEU A 468 -43.63 17.91 14.00
CA LEU A 468 -44.37 17.70 12.77
C LEU A 468 -45.64 16.88 12.98
N ASP A 469 -45.84 16.36 14.19
CA ASP A 469 -47.03 15.57 14.53
C ASP A 469 -47.20 14.40 13.59
N ARG A 470 -46.11 13.69 13.34
CA ARG A 470 -46.15 12.45 12.59
C ARG A 470 -45.52 11.34 13.41
N PRO A 471 -46.13 10.15 13.41
CA PRO A 471 -45.63 9.06 14.25
C PRO A 471 -44.40 8.42 13.65
N CYS A 472 -43.62 7.79 14.54
CA CYS A 472 -42.44 7.06 14.12
C CYS A 472 -42.41 5.76 14.89
N ARG A 473 -42.19 4.66 14.17
CA ARG A 473 -42.02 3.35 14.77
C ARG A 473 -40.54 3.05 14.85
N ILE A 474 -40.08 2.70 16.04
CA ILE A 474 -38.67 2.46 16.31
C ILE A 474 -38.41 0.98 16.12
N TYR A 475 -37.50 0.66 15.21
CA TYR A 475 -37.06 -0.71 15.01
C TYR A 475 -36.09 -1.05 16.14
N ALA A 476 -36.45 -2.03 16.96
CA ALA A 476 -35.83 -2.23 18.26
C ALA A 476 -35.16 -3.59 18.32
N PRO A 477 -33.86 -3.67 18.12
CA PRO A 477 -33.17 -4.96 18.28
C PRO A 477 -33.20 -5.40 19.72
N VAL A 478 -33.33 -6.70 19.92
CA VAL A 478 -33.42 -7.27 21.25
C VAL A 478 -32.53 -8.49 21.27
N GLY A 479 -31.59 -8.54 22.20
CA GLY A 479 -30.76 -9.71 22.30
C GLY A 479 -29.52 -9.45 23.10
N THR A 480 -28.76 -10.52 23.31
CA THR A 480 -27.58 -10.50 24.16
C THR A 480 -26.40 -9.93 23.39
N HIS A 481 -25.28 -9.77 24.10
CA HIS A 481 -24.05 -9.27 23.47
C HIS A 481 -23.60 -10.19 22.34
N GLU A 482 -23.68 -11.51 22.54
CA GLU A 482 -23.28 -12.44 21.49
C GLU A 482 -24.10 -12.25 20.23
N THR A 483 -25.42 -12.10 20.38
CA THR A 483 -26.31 -11.97 19.23
C THR A 483 -26.14 -10.62 18.53
N LEU A 484 -25.94 -9.55 19.31
CA LEU A 484 -25.87 -8.21 18.73
C LEU A 484 -24.64 -8.05 17.84
N LEU A 485 -23.48 -8.53 18.30
CA LEU A 485 -22.25 -8.30 17.56
C LEU A 485 -22.19 -9.03 16.23
N ALA A 486 -23.05 -10.04 16.03
CA ALA A 486 -22.96 -10.90 14.87
C ALA A 486 -23.05 -10.11 13.56
N TYR A 487 -24.08 -9.26 13.44
CA TYR A 487 -24.29 -8.47 12.23
C TYR A 487 -24.24 -6.96 12.50
N LEU A 488 -23.56 -6.55 13.57
CA LEU A 488 -23.49 -5.12 13.90
C LEU A 488 -22.70 -4.34 12.85
N VAL A 489 -21.73 -4.99 12.22
CA VAL A 489 -20.96 -4.33 11.16
C VAL A 489 -21.88 -3.85 10.05
N ARG A 490 -22.75 -4.73 9.56
CA ARG A 490 -23.71 -4.32 8.53
C ARG A 490 -24.59 -3.17 9.00
N ARG A 491 -25.05 -3.25 10.26
CA ARG A 491 -25.98 -2.26 10.77
C ARG A 491 -25.33 -0.88 10.90
N LEU A 492 -24.02 -0.84 11.11
CA LEU A 492 -23.33 0.43 11.31
C LEU A 492 -23.02 1.13 9.99
N LEU A 493 -22.71 0.36 8.94
CA LEU A 493 -22.51 0.95 7.63
C LEU A 493 -23.81 1.57 7.13
N GLY A 496 -23.04 4.57 8.28
CA GLY A 496 -21.75 5.10 8.70
C GLY A 496 -20.73 5.21 7.57
N ALA A 497 -21.15 4.86 6.35
CA ALA A 497 -20.32 5.03 5.17
C ALA A 497 -20.27 6.51 4.78
N ASN A 498 -19.25 6.86 3.99
CA ASN A 498 -19.05 8.26 3.63
C ASN A 498 -20.28 8.87 2.98
N SER A 499 -21.08 8.07 2.28
CA SER A 499 -22.29 8.54 1.62
C SER A 499 -23.52 8.55 2.53
N SER A 500 -23.42 7.96 3.72
CA SER A 500 -24.57 7.87 4.62
C SER A 500 -24.89 9.22 5.24
N PHE A 501 -26.20 9.52 5.33
CA PHE A 501 -26.65 10.75 5.97
C PHE A 501 -26.12 10.88 7.39
N VAL A 502 -26.18 9.79 8.16
CA VAL A 502 -25.78 9.88 9.56
C VAL A 502 -24.30 10.17 9.68
N HIS A 503 -23.49 9.65 8.76
CA HIS A 503 -22.09 10.05 8.72
C HIS A 503 -21.95 11.51 8.31
N ARG A 504 -22.73 11.93 7.32
CA ARG A 504 -22.59 13.28 6.78
C ARG A 504 -23.09 14.34 7.75
N ILE A 505 -24.15 14.05 8.50
CA ILE A 505 -24.67 15.00 9.48
C ILE A 505 -23.60 15.36 10.50
N ASN A 506 -22.71 14.41 10.81
CA ASN A 506 -21.64 14.65 11.78
C ASN A 506 -20.35 15.14 11.14
N ASP A 507 -20.28 15.24 9.82
CA ASP A 507 -19.08 15.73 9.17
C ASP A 507 -19.11 17.25 9.15
N PRO A 508 -18.16 17.93 9.79
CA PRO A 508 -18.18 19.40 9.77
C PRO A 508 -18.02 20.00 8.38
N LYS A 509 -17.35 19.29 7.47
CA LYS A 509 -17.09 19.79 6.13
C LYS A 509 -18.31 19.70 5.21
N VAL A 510 -19.44 19.20 5.70
CA VAL A 510 -20.65 19.05 4.90
C VAL A 510 -21.64 20.10 5.36
N SER A 511 -21.99 21.02 4.48
CA SER A 511 -22.91 22.08 4.83
C SER A 511 -24.34 21.56 4.85
N ILE A 512 -25.21 22.32 5.50
CA ILE A 512 -26.63 22.00 5.47
C ILE A 512 -27.18 22.08 4.05
N ASP A 513 -26.71 23.05 3.27
CA ASP A 513 -27.16 23.14 1.88
C ASP A 513 -26.83 21.88 1.11
N GLU A 514 -25.67 21.28 1.36
CA GLU A 514 -25.34 20.00 0.75
C GLU A 514 -26.28 18.90 1.24
N LEU A 515 -26.65 18.93 2.53
CA LEU A 515 -27.50 17.87 3.08
C LEU A 515 -28.93 18.00 2.60
N ILE A 516 -29.39 19.21 2.29
CA ILE A 516 -30.75 19.43 1.85
C ILE A 516 -30.87 19.45 0.33
N ALA A 517 -29.79 19.18 -0.39
CA ALA A 517 -29.84 19.08 -1.84
C ALA A 517 -30.90 18.06 -2.24
N ASP A 518 -31.68 18.41 -3.25
CA ASP A 518 -32.78 17.57 -3.70
C ASP A 518 -32.26 16.53 -4.68
N PRO A 519 -32.23 15.27 -4.30
CA PRO A 519 -31.68 14.25 -5.22
C PRO A 519 -32.45 14.17 -6.52
N VAL A 520 -33.76 14.46 -6.51
CA VAL A 520 -34.56 14.39 -7.72
C VAL A 520 -34.08 15.40 -8.74
N GLU A 521 -33.89 16.65 -8.30
CA GLU A 521 -33.44 17.69 -9.23
C GLU A 521 -31.98 17.49 -9.63
N VAL A 522 -31.15 16.96 -8.73
CA VAL A 522 -29.76 16.71 -9.09
C VAL A 522 -29.66 15.65 -10.17
N VAL A 523 -30.40 14.55 -10.00
CA VAL A 523 -30.37 13.48 -11.00
C VAL A 523 -30.95 13.97 -12.32
N ARG A 524 -32.05 14.72 -12.27
CA ARG A 524 -32.69 15.19 -13.49
C ARG A 524 -31.75 16.03 -14.34
N ALA A 525 -30.83 16.74 -13.71
CA ALA A 525 -29.94 17.66 -14.41
C ALA A 525 -28.62 17.03 -14.82
N MET A 526 -28.38 15.76 -14.48
CA MET A 526 -27.16 15.08 -14.88
CA MET A 526 -27.15 15.10 -14.88
C MET A 526 -27.12 14.93 -16.40
N PRO A 527 -25.93 14.86 -17.00
CA PRO A 527 -25.86 14.74 -18.47
C PRO A 527 -26.48 13.46 -19.00
N VAL A 528 -26.21 12.33 -18.37
CA VAL A 528 -26.87 11.08 -18.65
C VAL A 528 -27.63 10.67 -17.40
N VAL A 529 -28.95 10.75 -17.45
CA VAL A 529 -29.76 10.41 -16.29
C VAL A 529 -29.60 8.92 -15.99
N GLY A 530 -29.18 8.60 -14.76
CA GLY A 530 -29.09 7.23 -14.32
C GLY A 530 -27.84 6.47 -14.71
N ALA A 531 -26.77 7.16 -15.11
CA ALA A 531 -25.54 6.46 -15.46
C ALA A 531 -25.01 5.67 -14.26
N LYS A 532 -24.47 4.48 -14.56
CA LYS A 532 -23.79 3.66 -13.56
C LYS A 532 -22.67 4.46 -12.89
N HIS A 533 -22.39 4.15 -11.64
CA HIS A 533 -21.25 4.73 -10.97
C HIS A 533 -19.98 4.43 -11.77
N ASP A 534 -19.16 5.47 -11.97
CA ASP A 534 -17.96 5.33 -12.77
C ASP A 534 -16.96 4.36 -12.16
N ARG A 535 -16.95 4.22 -10.84
CA ARG A 535 -15.93 3.44 -10.17
C ARG A 535 -16.39 2.03 -9.80
N ILE A 536 -17.51 1.58 -10.33
CA ILE A 536 -17.99 0.21 -10.10
C ILE A 536 -18.06 -0.47 -11.46
N ALA A 537 -17.34 -1.58 -11.59
CA ALA A 537 -17.32 -2.29 -12.86
C ALA A 537 -18.54 -3.19 -12.98
N LEU A 538 -19.17 -3.17 -14.15
CA LEU A 538 -20.12 -4.22 -14.46
C LEU A 538 -19.38 -5.56 -14.44
N PRO A 539 -20.08 -6.65 -14.11
CA PRO A 539 -19.39 -7.95 -14.04
C PRO A 539 -18.61 -8.30 -15.29
N ALA A 540 -19.15 -7.99 -16.47
CA ALA A 540 -18.45 -8.30 -17.71
C ALA A 540 -17.15 -7.52 -17.85
N GLU A 541 -16.97 -6.45 -17.09
CA GLU A 541 -15.85 -5.54 -17.29
C GLU A 541 -14.82 -5.62 -16.17
N LEU A 542 -14.86 -6.70 -15.37
CA LEU A 542 -13.96 -6.82 -14.22
C LEU A 542 -12.50 -6.73 -14.62
N PHE A 543 -12.16 -7.16 -15.83
CA PHE A 543 -10.78 -7.18 -16.26
C PHE A 543 -10.47 -6.06 -17.23
N GLY A 544 -11.42 -5.16 -17.46
CA GLY A 544 -11.15 -3.98 -18.28
C GLY A 544 -10.72 -4.37 -19.68
N ASP A 545 -9.68 -3.69 -20.17
CA ASP A 545 -9.25 -3.87 -21.55
C ASP A 545 -8.59 -5.21 -21.80
N ALA A 546 -8.19 -5.92 -20.75
CA ALA A 546 -7.44 -7.16 -20.94
C ALA A 546 -8.29 -8.23 -21.63
N ARG A 547 -9.53 -8.38 -21.20
CA ARG A 547 -10.40 -9.40 -21.78
C ARG A 547 -11.77 -9.25 -21.17
N THR A 548 -12.73 -9.90 -21.80
CA THR A 548 -14.12 -9.83 -21.38
C THR A 548 -14.37 -10.97 -20.42
N ASN A 549 -14.94 -10.64 -19.26
CA ASN A 549 -15.27 -11.67 -18.28
C ASN A 549 -16.35 -12.58 -18.85
N SER A 550 -16.28 -13.86 -18.50
CA SER A 550 -17.37 -14.76 -18.87
C SER A 550 -18.63 -14.35 -18.13
N ALA A 551 -19.77 -14.67 -18.72
CA ALA A 551 -21.07 -14.37 -18.14
C ALA A 551 -21.68 -15.64 -17.57
N GLY A 552 -22.31 -15.51 -16.42
CA GLY A 552 -23.07 -16.57 -15.83
C GLY A 552 -24.55 -16.44 -16.10
N LEU A 553 -25.34 -17.13 -15.29
CA LEU A 553 -26.78 -17.12 -15.41
C LEU A 553 -27.35 -16.99 -14.02
N ASP A 554 -28.46 -16.26 -13.92
CA ASP A 554 -29.07 -15.97 -12.62
C ASP A 554 -30.12 -17.04 -12.34
N LEU A 555 -29.79 -18.02 -11.49
CA LEU A 555 -30.73 -19.09 -11.20
C LEU A 555 -31.82 -18.68 -10.21
N SER A 556 -31.86 -17.40 -9.83
CA SER A 556 -32.99 -16.87 -9.08
C SER A 556 -33.95 -16.09 -9.97
N ASN A 557 -33.66 -15.98 -11.26
CA ASN A 557 -34.47 -15.21 -12.20
C ASN A 557 -35.43 -16.17 -12.88
N GLU A 558 -36.74 -15.93 -12.71
CA GLU A 558 -37.73 -16.87 -13.25
C GLU A 558 -37.66 -16.93 -14.77
N GLU A 559 -37.38 -15.81 -15.43
CA GLU A 559 -37.22 -15.84 -16.89
C GLU A 559 -36.05 -16.73 -17.26
N THR A 560 -34.93 -16.59 -16.55
CA THR A 560 -33.77 -17.42 -16.82
C THR A 560 -34.08 -18.89 -16.57
N LEU A 561 -34.75 -19.18 -15.46
CA LEU A 561 -35.09 -20.57 -15.15
C LEU A 561 -36.01 -21.16 -16.21
N ALA A 562 -36.98 -20.38 -16.68
CA ALA A 562 -37.90 -20.89 -17.69
C ALA A 562 -37.18 -21.14 -19.01
N SER A 563 -36.34 -20.19 -19.42
CA SER A 563 -35.58 -20.36 -20.66
CA SER A 563 -35.60 -20.38 -20.67
C SER A 563 -34.56 -21.49 -20.53
N LEU A 564 -33.92 -21.58 -19.36
CA LEU A 564 -32.94 -22.64 -19.16
C LEU A 564 -33.61 -24.00 -19.15
N THR A 565 -34.80 -24.09 -18.53
CA THR A 565 -35.52 -25.36 -18.53
C THR A 565 -35.71 -25.88 -19.96
N GLU A 566 -36.13 -25.01 -20.87
CA GLU A 566 -36.34 -25.44 -22.24
C GLU A 566 -35.03 -25.84 -22.90
N ALA A 567 -33.99 -25.02 -22.75
CA ALA A 567 -32.71 -25.35 -23.35
C ALA A 567 -32.14 -26.66 -22.80
N LEU A 568 -32.29 -26.88 -21.48
CA LEU A 568 -31.81 -28.11 -20.88
C LEU A 568 -32.57 -29.32 -21.41
N ARG A 569 -33.89 -29.22 -21.48
CA ARG A 569 -34.67 -30.30 -22.08
C ARG A 569 -34.23 -30.55 -23.51
N GLU A 570 -34.02 -29.48 -24.28
CA GLU A 570 -33.61 -29.63 -25.67
C GLU A 570 -32.23 -30.27 -25.76
N SER A 571 -31.35 -29.99 -24.80
CA SER A 571 -30.03 -30.61 -24.82
C SER A 571 -30.13 -32.12 -24.59
N ALA A 572 -31.10 -32.56 -23.80
CA ALA A 572 -31.25 -33.99 -23.55
C ALA A 572 -31.85 -34.72 -24.73
N ALA A 573 -32.37 -34.01 -25.72
CA ALA A 573 -32.87 -34.61 -26.95
C ALA A 573 -31.82 -34.64 -28.06
N MET A 574 -30.62 -34.14 -27.80
CA MET A 574 -29.57 -34.15 -28.79
C MET A 574 -28.84 -35.49 -28.78
N LYS A 575 -28.35 -35.90 -29.95
CA LYS A 575 -27.68 -37.19 -30.12
C LYS A 575 -26.18 -36.98 -29.95
N TRP A 576 -25.79 -36.79 -28.69
CA TRP A 576 -24.40 -36.49 -28.36
C TRP A 576 -23.50 -37.69 -28.66
N THR A 577 -22.40 -37.45 -29.36
CA THR A 577 -21.41 -38.48 -29.61
C THR A 577 -20.01 -37.93 -29.42
N ALA A 578 -19.07 -38.84 -29.22
CA ALA A 578 -17.65 -38.55 -29.20
C ALA A 578 -16.97 -39.59 -30.04
N LEU A 579 -16.20 -39.15 -31.04
CA LEU A 579 -15.55 -40.04 -31.98
C LEU A 579 -14.07 -39.72 -32.02
N PRO A 580 -13.23 -40.67 -32.40
CA PRO A 580 -11.83 -40.36 -32.68
C PRO A 580 -11.77 -39.44 -33.90
N GLN A 581 -11.51 -38.16 -33.67
CA GLN A 581 -11.50 -37.16 -34.72
C GLN A 581 -10.04 -36.94 -35.11
N LEU A 582 -9.56 -37.81 -36.00
CA LEU A 582 -8.22 -37.66 -36.53
C LEU A 582 -8.19 -36.54 -37.58
N ALA A 583 -6.97 -36.17 -37.97
CA ALA A 583 -6.83 -35.13 -38.99
C ALA A 583 -7.48 -35.52 -40.29
N THR A 584 -7.61 -36.83 -40.54
CA THR A 584 -8.16 -37.38 -41.76
C THR A 584 -9.67 -37.59 -41.69
N GLY A 585 -10.30 -37.29 -40.56
CA GLY A 585 -11.71 -37.49 -40.39
C GLY A 585 -12.01 -38.44 -39.24
N PRO A 586 -13.28 -38.64 -38.94
CA PRO A 586 -13.65 -39.55 -37.84
C PRO A 586 -13.14 -40.96 -38.12
N ALA A 587 -12.71 -41.64 -37.07
CA ALA A 587 -12.18 -42.99 -37.19
C ALA A 587 -13.12 -43.97 -36.52
N ALA A 588 -13.11 -45.21 -37.00
CA ALA A 588 -13.93 -46.23 -36.39
C ALA A 588 -13.27 -46.77 -35.13
N GLY A 589 -14.06 -47.45 -34.30
CA GLY A 589 -13.54 -48.02 -33.09
C GLY A 589 -14.66 -48.64 -32.28
N GLU A 590 -14.31 -49.06 -31.07
CA GLU A 590 -15.28 -49.65 -30.17
C GLU A 590 -16.23 -48.58 -29.63
N THR A 591 -17.53 -48.80 -29.80
CA THR A 591 -18.55 -47.84 -29.43
C THR A 591 -19.34 -48.34 -28.24
N ARG A 592 -19.61 -47.44 -27.28
CA ARG A 592 -20.44 -47.80 -26.14
C ARG A 592 -21.23 -46.57 -25.74
N THR A 593 -22.26 -46.78 -24.93
CA THR A 593 -23.06 -45.68 -24.46
C THR A 593 -22.38 -44.97 -23.29
N VAL A 594 -22.74 -43.71 -23.11
CA VAL A 594 -22.35 -42.93 -21.95
C VAL A 594 -23.61 -42.76 -21.10
N LEU A 595 -23.53 -43.16 -19.84
CA LEU A 595 -24.70 -43.17 -18.97
C LEU A 595 -24.60 -42.06 -17.93
N ASN A 596 -25.75 -41.51 -17.55
CA ASN A 596 -25.81 -40.48 -16.53
C ASN A 596 -25.41 -41.11 -15.21
N PRO A 597 -24.37 -40.60 -14.52
CA PRO A 597 -23.95 -41.24 -13.26
C PRO A 597 -25.01 -41.19 -12.19
N GLY A 598 -25.96 -40.29 -12.28
CA GLY A 598 -27.03 -40.21 -11.31
C GLY A 598 -28.22 -41.08 -11.61
N ASP A 599 -28.21 -41.72 -12.77
CA ASP A 599 -29.31 -42.58 -13.19
C ASP A 599 -28.87 -43.30 -14.45
N HIS A 600 -28.42 -44.54 -14.30
CA HIS A 600 -27.85 -45.26 -15.45
C HIS A 600 -28.89 -45.55 -16.52
N ARG A 601 -30.18 -45.40 -16.22
CA ARG A 601 -31.21 -45.54 -17.24
C ARG A 601 -31.22 -44.38 -18.22
N ASP A 602 -30.58 -43.27 -17.87
CA ASP A 602 -30.54 -42.08 -18.73
C ASP A 602 -29.30 -42.17 -19.59
N VAL A 603 -29.48 -42.60 -20.83
CA VAL A 603 -28.36 -42.66 -21.77
C VAL A 603 -28.13 -41.25 -22.31
N VAL A 604 -26.90 -40.75 -22.14
CA VAL A 604 -26.57 -39.39 -22.53
C VAL A 604 -26.04 -39.34 -23.95
N GLY A 605 -25.29 -40.35 -24.35
CA GLY A 605 -24.75 -40.36 -25.67
C GLY A 605 -23.94 -41.61 -25.92
N SER A 606 -23.10 -41.54 -26.95
CA SER A 606 -22.29 -42.67 -27.35
CA SER A 606 -22.30 -42.67 -27.38
C SER A 606 -20.88 -42.21 -27.66
N VAL A 607 -19.90 -42.97 -27.22
CA VAL A 607 -18.50 -42.67 -27.48
C VAL A 607 -17.89 -43.81 -28.28
N THR A 608 -17.17 -43.46 -29.35
CA THR A 608 -16.35 -44.40 -30.08
C THR A 608 -14.92 -44.18 -29.61
N GLU A 609 -14.32 -45.22 -29.02
CA GLU A 609 -13.00 -45.06 -28.44
C GLU A 609 -11.89 -45.35 -29.45
N THR A 610 -10.73 -44.76 -29.20
CA THR A 610 -9.62 -44.75 -30.14
C THR A 610 -8.79 -46.01 -29.97
N SER A 611 -8.44 -46.64 -31.08
CA SER A 611 -7.49 -47.74 -31.01
C SER A 611 -6.09 -47.19 -30.79
N GLU A 612 -5.25 -47.99 -30.16
CA GLU A 612 -3.87 -47.57 -29.95
C GLU A 612 -3.15 -47.32 -31.27
N GLU A 613 -3.52 -48.06 -32.32
CA GLU A 613 -2.96 -47.79 -33.65
C GLU A 613 -3.34 -46.40 -34.12
N ASP A 614 -4.61 -46.02 -33.96
CA ASP A 614 -5.06 -44.70 -34.42
C ASP A 614 -4.51 -43.59 -33.53
N ALA A 615 -4.28 -43.87 -32.25
CA ALA A 615 -3.64 -42.88 -31.40
C ALA A 615 -2.24 -42.57 -31.91
N ARG A 616 -1.46 -43.60 -32.24
CA ARG A 616 -0.14 -43.38 -32.81
C ARG A 616 -0.23 -42.68 -34.15
N ARG A 617 -1.22 -43.06 -34.97
CA ARG A 617 -1.40 -42.38 -36.25
C ARG A 617 -1.72 -40.90 -36.06
N ALA A 618 -2.53 -40.59 -35.04
CA ALA A 618 -2.88 -39.19 -34.79
C ALA A 618 -1.65 -38.37 -34.44
N VAL A 619 -0.73 -38.93 -33.65
CA VAL A 619 0.49 -38.20 -33.33
C VAL A 619 1.32 -37.95 -34.58
N ARG A 620 1.41 -38.94 -35.46
CA ARG A 620 2.14 -38.74 -36.70
C ARG A 620 1.50 -37.65 -37.55
N LEU A 621 0.17 -37.64 -37.62
CA LEU A 621 -0.52 -36.59 -38.37
C LEU A 621 -0.31 -35.22 -37.73
N ALA A 622 -0.36 -35.15 -36.39
CA ALA A 622 -0.06 -33.90 -35.69
C ALA A 622 1.34 -33.42 -36.02
N ALA A 623 2.31 -34.32 -36.07
CA ALA A 623 3.69 -33.94 -36.38
C ALA A 623 3.79 -33.40 -37.80
N ASP A 624 3.12 -34.07 -38.75
CA ASP A 624 3.16 -33.60 -40.13
C ASP A 624 2.49 -32.23 -40.26
N ALA A 625 1.49 -31.96 -39.43
CA ALA A 625 0.73 -30.73 -39.47
C ALA A 625 1.35 -29.61 -38.64
N ALA A 626 2.34 -29.93 -37.80
CA ALA A 626 2.89 -28.93 -36.89
C ALA A 626 3.36 -27.66 -37.59
N PRO A 627 4.15 -27.72 -38.68
CA PRO A 627 4.59 -26.46 -39.32
C PRO A 627 3.45 -25.56 -39.75
N ASP A 628 2.40 -26.13 -40.33
CA ASP A 628 1.30 -25.31 -40.82
C ASP A 628 0.61 -24.58 -39.69
N TRP A 629 0.49 -25.22 -38.52
CA TRP A 629 -0.19 -24.57 -37.42
C TRP A 629 0.72 -23.55 -36.75
N ALA A 630 2.01 -23.86 -36.61
CA ALA A 630 2.95 -22.90 -36.05
C ALA A 630 3.02 -21.65 -36.91
N ALA A 631 2.73 -21.78 -38.20
CA ALA A 631 2.80 -20.66 -39.13
C ALA A 631 1.61 -19.72 -39.01
N VAL A 632 0.53 -20.14 -38.37
CA VAL A 632 -0.59 -19.23 -38.12
C VAL A 632 -0.09 -18.25 -37.07
N PRO A 633 -0.11 -16.95 -37.34
CA PRO A 633 0.49 -16.00 -36.40
C PRO A 633 -0.19 -16.09 -35.03
N PRO A 634 0.55 -15.85 -33.96
CA PRO A 634 -0.07 -15.92 -32.62
C PRO A 634 -1.36 -15.13 -32.49
N SER A 635 -1.43 -13.94 -33.10
CA SER A 635 -2.65 -13.14 -33.00
C SER A 635 -3.84 -13.86 -33.60
N GLU A 636 -3.64 -14.55 -34.72
CA GLU A 636 -4.74 -15.29 -35.33
C GLU A 636 -5.07 -16.56 -34.56
N ARG A 637 -4.06 -17.23 -33.98
CA ARG A 637 -4.35 -18.32 -33.07
C ARG A 637 -5.18 -17.84 -31.88
N ALA A 638 -4.81 -16.70 -31.30
CA ALA A 638 -5.58 -16.15 -30.19
C ALA A 638 -7.00 -15.78 -30.62
N ALA A 639 -7.15 -15.32 -31.86
CA ALA A 639 -8.49 -15.01 -32.36
C ALA A 639 -9.36 -16.26 -32.41
N CYS A 640 -8.77 -17.41 -32.75
CA CYS A 640 -9.54 -18.65 -32.71
C CYS A 640 -10.04 -18.93 -31.30
N LEU A 641 -9.17 -18.75 -30.31
CA LEU A 641 -9.58 -18.97 -28.93
C LEU A 641 -10.70 -18.03 -28.55
N ASP A 642 -10.58 -16.75 -28.93
CA ASP A 642 -11.64 -15.80 -28.59
C ASP A 642 -12.94 -16.16 -29.27
N ARG A 643 -12.88 -16.62 -30.53
CA ARG A 643 -14.10 -17.05 -31.20
C ARG A 643 -14.71 -18.27 -30.51
N ALA A 644 -13.87 -19.20 -30.05
CA ALA A 644 -14.39 -20.34 -29.32
C ALA A 644 -15.06 -19.91 -28.04
N ALA A 645 -14.49 -18.92 -27.35
CA ALA A 645 -15.11 -18.42 -26.11
C ALA A 645 -16.48 -17.84 -26.40
N GLU A 646 -16.60 -17.05 -27.47
CA GLU A 646 -17.90 -16.52 -27.86
C GLU A 646 -18.88 -17.64 -28.15
N LEU A 647 -18.43 -18.69 -28.84
CA LEU A 647 -19.33 -19.79 -29.16
C LEU A 647 -19.74 -20.52 -27.89
N MET A 648 -18.81 -20.72 -26.95
CA MET A 648 -19.16 -21.38 -25.71
C MET A 648 -20.12 -20.54 -24.90
N GLN A 649 -19.91 -19.22 -24.85
CA GLN A 649 -20.83 -18.36 -24.12
C GLN A 649 -22.23 -18.45 -24.70
N ALA A 650 -22.34 -18.45 -26.03
CA ALA A 650 -23.65 -18.52 -26.67
C ALA A 650 -24.31 -19.86 -26.43
N ARG A 651 -23.51 -20.92 -26.37
CA ARG A 651 -24.02 -22.28 -26.26
C ARG A 651 -24.10 -22.75 -24.81
N MET A 652 -23.80 -21.87 -23.86
CA MET A 652 -23.76 -22.27 -22.45
C MET A 652 -24.96 -23.08 -22.01
N PRO A 653 -26.22 -22.68 -22.28
CA PRO A 653 -27.35 -23.48 -21.78
C PRO A 653 -27.32 -24.92 -22.25
N THR A 654 -27.02 -25.14 -23.53
CA THR A 654 -26.90 -26.50 -24.04
C THR A 654 -25.73 -27.23 -23.39
N LEU A 655 -24.59 -26.54 -23.25
CA LEU A 655 -23.45 -27.17 -22.60
C LEU A 655 -23.76 -27.55 -21.16
N LEU A 656 -24.50 -26.69 -20.44
CA LEU A 656 -24.89 -27.02 -19.07
C LEU A 656 -25.63 -28.35 -19.02
N GLY A 657 -26.60 -28.54 -19.91
CA GLY A 657 -27.38 -29.76 -19.87
C GLY A 657 -26.54 -30.98 -20.07
N LEU A 658 -25.56 -30.90 -20.97
CA LEU A 658 -24.70 -32.04 -21.22
C LEU A 658 -23.83 -32.32 -20.00
N ILE A 659 -23.23 -31.27 -19.44
CA ILE A 659 -22.39 -31.44 -18.26
C ILE A 659 -23.20 -31.98 -17.09
N ILE A 660 -24.41 -31.45 -16.89
CA ILE A 660 -25.26 -31.92 -15.79
C ILE A 660 -25.48 -33.42 -15.91
N ARG A 661 -25.83 -33.91 -17.10
CA ARG A 661 -26.19 -35.31 -17.25
C ARG A 661 -24.98 -36.22 -17.39
N GLU A 662 -23.91 -35.75 -18.04
CA GLU A 662 -22.74 -36.61 -18.24
C GLU A 662 -21.87 -36.72 -16.99
N ALA A 663 -21.68 -35.62 -16.24
CA ALA A 663 -20.66 -35.56 -15.21
C ALA A 663 -21.22 -35.45 -13.79
N GLY A 664 -22.54 -35.54 -13.62
CA GLY A 664 -23.09 -35.46 -12.29
C GLY A 664 -23.05 -34.09 -11.66
N LYS A 665 -23.02 -33.03 -12.47
CA LYS A 665 -22.89 -31.68 -11.94
C LYS A 665 -24.26 -31.04 -11.75
N SER A 666 -24.37 -30.23 -10.69
CA SER A 666 -25.53 -29.36 -10.54
C SER A 666 -25.46 -28.23 -11.57
N ALA A 667 -26.59 -27.55 -11.78
CA ALA A 667 -26.59 -26.44 -12.71
C ALA A 667 -25.59 -25.36 -12.32
N LEU A 668 -25.53 -25.01 -11.03
CA LEU A 668 -24.56 -23.99 -10.58
C LEU A 668 -23.14 -24.40 -10.91
N ASN A 669 -22.78 -25.65 -10.67
CA ASN A 669 -21.42 -26.08 -10.94
C ASN A 669 -21.16 -26.22 -12.44
N ALA A 670 -22.19 -26.52 -13.23
CA ALA A 670 -22.01 -26.55 -14.69
C ALA A 670 -21.80 -25.16 -15.23
N ILE A 671 -22.52 -24.17 -14.68
CA ILE A 671 -22.30 -22.79 -15.09
C ILE A 671 -20.86 -22.40 -14.84
N ALA A 672 -20.36 -22.70 -13.63
CA ALA A 672 -18.97 -22.38 -13.29
C ALA A 672 -18.02 -23.09 -14.24
N GLU A 673 -18.34 -24.32 -14.61
CA GLU A 673 -17.49 -25.10 -15.50
C GLU A 673 -17.38 -24.44 -16.87
N VAL A 674 -18.51 -24.02 -17.44
CA VAL A 674 -18.50 -23.39 -18.75
C VAL A 674 -17.86 -22.01 -18.67
N ARG A 675 -18.15 -21.27 -17.60
CA ARG A 675 -17.48 -19.98 -17.44
C ARG A 675 -15.98 -20.16 -17.40
N GLU A 676 -15.51 -21.17 -16.67
CA GLU A 676 -14.06 -21.38 -16.56
C GLU A 676 -13.46 -21.68 -17.93
N ALA A 677 -14.16 -22.47 -18.75
CA ALA A 677 -13.64 -22.76 -20.08
C ALA A 677 -13.54 -21.48 -20.90
N ILE A 678 -14.58 -20.67 -20.87
CA ILE A 678 -14.59 -19.39 -21.57
C ILE A 678 -13.43 -18.53 -21.09
N ASP A 679 -13.22 -18.48 -19.78
CA ASP A 679 -12.15 -17.66 -19.21
C ASP A 679 -10.77 -18.18 -19.60
N PHE A 680 -10.57 -19.50 -19.59
CA PHE A 680 -9.31 -20.05 -20.09
C PHE A 680 -9.04 -19.59 -21.52
N LEU A 681 -10.05 -19.75 -22.39
CA LEU A 681 -9.86 -19.37 -23.78
C LEU A 681 -9.46 -17.90 -23.90
N ARG A 682 -10.17 -17.02 -23.19
CA ARG A 682 -9.90 -15.60 -23.34
C ARG A 682 -8.62 -15.20 -22.65
N TYR A 683 -8.30 -15.87 -21.54
CA TYR A 683 -7.08 -15.55 -20.82
C TYR A 683 -5.86 -15.98 -21.63
N TYR A 684 -5.86 -17.20 -22.14
CA TYR A 684 -4.70 -17.62 -22.92
C TYR A 684 -4.59 -16.82 -24.22
N ALA A 685 -5.72 -16.42 -24.80
CA ALA A 685 -5.67 -15.56 -25.97
C ALA A 685 -4.99 -14.24 -25.63
N GLU A 686 -5.38 -13.62 -24.52
CA GLU A 686 -4.77 -12.34 -24.14
C GLU A 686 -3.31 -12.52 -23.76
N GLN A 687 -3.00 -13.58 -23.03
CA GLN A 687 -1.61 -13.83 -22.67
C GLN A 687 -0.76 -14.03 -23.92
N THR A 688 -1.33 -14.69 -24.93
CA THR A 688 -0.62 -14.85 -26.20
C THR A 688 -0.36 -13.49 -26.84
N ARG A 689 -1.38 -12.64 -26.89
CA ARG A 689 -1.24 -11.32 -27.48
C ARG A 689 -0.24 -10.46 -26.73
N ARG A 690 -0.02 -10.75 -25.45
CA ARG A 690 0.99 -10.03 -24.68
C ARG A 690 2.40 -10.55 -24.89
N THR A 691 2.57 -11.79 -25.36
CA THR A 691 3.89 -12.41 -25.24
C THR A 691 4.49 -13.00 -26.51
N LEU A 692 3.72 -13.79 -27.25
CA LEU A 692 4.32 -14.73 -28.18
C LEU A 692 4.81 -14.04 -29.46
N GLY A 693 6.06 -14.33 -29.82
CA GLY A 693 6.66 -13.81 -31.02
C GLY A 693 7.36 -14.91 -31.81
N PRO A 694 8.02 -14.50 -32.89
CA PRO A 694 8.62 -15.51 -33.80
C PRO A 694 9.65 -16.41 -33.15
N GLY A 695 10.37 -15.92 -32.13
CA GLY A 695 11.38 -16.71 -31.46
C GLY A 695 10.88 -17.65 -30.41
N HIS A 696 9.57 -17.67 -30.13
CA HIS A 696 9.01 -18.58 -29.14
C HIS A 696 8.39 -19.73 -29.91
N GLY A 697 9.25 -20.64 -30.35
CA GLY A 697 8.80 -21.72 -31.20
C GLY A 697 8.03 -22.76 -30.43
N PRO A 698 7.02 -23.35 -31.07
CA PRO A 698 6.24 -24.39 -30.39
C PRO A 698 7.09 -25.62 -30.12
N LEU A 699 6.67 -26.38 -29.10
CA LEU A 699 7.32 -27.66 -28.84
C LEU A 699 7.09 -28.64 -29.97
N GLY A 700 5.88 -28.67 -30.51
CA GLY A 700 5.46 -29.73 -31.40
C GLY A 700 4.18 -30.35 -30.89
N PRO A 701 3.87 -31.56 -31.34
CA PRO A 701 2.62 -32.20 -30.89
C PRO A 701 2.59 -32.33 -29.38
N ILE A 702 1.51 -31.83 -28.77
CA ILE A 702 1.32 -31.91 -27.33
CA ILE A 702 1.31 -31.89 -27.33
C ILE A 702 0.15 -32.82 -27.05
N VAL A 703 0.35 -33.75 -26.14
CA VAL A 703 -0.69 -34.66 -25.69
C VAL A 703 -1.33 -34.03 -24.46
N CYS A 704 -2.63 -33.75 -24.55
CA CYS A 704 -3.40 -33.15 -23.47
C CYS A 704 -4.30 -34.23 -22.90
N ILE A 705 -4.03 -34.63 -21.66
CA ILE A 705 -4.77 -35.67 -20.97
C ILE A 705 -5.48 -35.01 -19.80
N SER A 706 -6.79 -35.18 -19.74
CA SER A 706 -7.60 -34.39 -18.81
C SER A 706 -8.44 -35.29 -17.93
N PRO A 707 -8.87 -34.79 -16.77
CA PRO A 707 -9.63 -35.59 -15.82
C PRO A 707 -11.13 -35.48 -16.11
N TRP A 708 -11.89 -36.38 -15.49
CA TRP A 708 -13.34 -36.36 -15.73
C TRP A 708 -14.03 -35.23 -14.99
N ASN A 709 -13.46 -34.73 -13.90
CA ASN A 709 -14.29 -34.01 -12.96
C ASN A 709 -14.51 -32.55 -13.34
N PHE A 710 -13.61 -31.98 -14.14
CA PHE A 710 -13.82 -30.69 -14.77
C PHE A 710 -13.76 -30.97 -16.27
N PRO A 711 -14.81 -31.60 -16.81
CA PRO A 711 -14.68 -32.25 -18.12
C PRO A 711 -14.67 -31.30 -19.29
N LEU A 712 -15.06 -30.05 -19.10
CA LEU A 712 -14.94 -29.04 -20.14
C LEU A 712 -13.87 -28.02 -19.82
N ALA A 713 -13.81 -27.56 -18.57
CA ALA A 713 -12.92 -26.45 -18.23
C ALA A 713 -11.45 -26.85 -18.34
N ILE A 714 -11.03 -27.88 -17.61
CA ILE A 714 -9.62 -28.24 -17.65
C ILE A 714 -9.27 -28.78 -19.03
N PHE A 715 -10.16 -29.58 -19.60
CA PHE A 715 -9.99 -30.05 -20.97
C PHE A 715 -9.71 -28.88 -21.91
N THR A 716 -10.60 -27.88 -21.92
CA THR A 716 -10.43 -26.73 -22.80
C THR A 716 -9.16 -25.95 -22.46
N GLY A 717 -8.90 -25.75 -21.17
CA GLY A 717 -7.75 -24.96 -20.76
C GLY A 717 -6.45 -25.52 -21.30
N GLN A 718 -6.22 -26.82 -21.11
CA GLN A 718 -4.94 -27.39 -21.56
C GLN A 718 -4.81 -27.29 -23.07
N ILE A 719 -5.88 -27.65 -23.78
CA ILE A 719 -5.85 -27.67 -25.23
C ILE A 719 -5.67 -26.26 -25.78
N ALA A 720 -6.42 -25.31 -25.22
CA ALA A 720 -6.34 -23.93 -25.71
C ALA A 720 -4.94 -23.38 -25.54
N ALA A 721 -4.34 -23.60 -24.37
CA ALA A 721 -2.98 -23.13 -24.12
C ALA A 721 -2.00 -23.73 -25.13
N ALA A 722 -2.05 -25.05 -25.31
CA ALA A 722 -1.11 -25.69 -26.23
C ALA A 722 -1.32 -25.18 -27.66
N LEU A 723 -2.57 -25.12 -28.10
CA LEU A 723 -2.87 -24.63 -29.45
C LEU A 723 -2.40 -23.20 -29.65
N VAL A 724 -2.70 -22.32 -28.70
CA VAL A 724 -2.39 -20.92 -28.95
C VAL A 724 -0.88 -20.69 -28.92
N ALA A 725 -0.15 -21.54 -28.19
CA ALA A 725 1.30 -21.52 -28.22
C ALA A 725 1.87 -22.06 -29.53
N GLY A 726 1.02 -22.50 -30.45
CA GLY A 726 1.48 -22.95 -31.75
C GLY A 726 1.68 -24.44 -31.90
N ASN A 727 1.21 -25.23 -30.94
CA ASN A 727 1.37 -26.68 -30.99
C ASN A 727 0.11 -27.36 -31.45
N PRO A 728 0.20 -28.35 -32.32
CA PRO A 728 -0.96 -29.20 -32.57
C PRO A 728 -1.18 -30.08 -31.36
N VAL A 729 -2.43 -30.43 -31.12
CA VAL A 729 -2.86 -31.08 -29.89
C VAL A 729 -3.51 -32.42 -30.19
N LEU A 730 -3.16 -33.41 -29.38
CA LEU A 730 -3.89 -34.66 -29.29
C LEU A 730 -4.64 -34.58 -27.96
N ALA A 731 -5.97 -34.48 -28.03
CA ALA A 731 -6.82 -34.30 -26.86
C ALA A 731 -7.35 -35.66 -26.44
N LYS A 732 -6.94 -36.11 -25.26
CA LYS A 732 -7.41 -37.39 -24.73
C LYS A 732 -8.26 -37.09 -23.50
N PRO A 733 -9.57 -36.98 -23.64
CA PRO A 733 -10.42 -36.71 -22.48
C PRO A 733 -10.59 -37.97 -21.64
N ALA A 734 -10.95 -37.74 -20.38
CA ALA A 734 -11.23 -38.85 -19.48
C ALA A 734 -12.28 -39.78 -20.08
N GLU A 735 -12.14 -41.07 -19.82
CA GLU A 735 -13.08 -42.03 -20.37
C GLU A 735 -14.50 -41.82 -19.83
N GLU A 736 -14.65 -41.17 -18.68
CA GLU A 736 -15.98 -40.99 -18.12
C GLU A 736 -16.77 -39.90 -18.83
N THR A 737 -16.10 -38.88 -19.37
CA THR A 737 -16.75 -37.67 -19.85
C THR A 737 -16.28 -37.29 -21.26
N PRO A 738 -16.43 -38.18 -22.24
CA PRO A 738 -15.99 -37.85 -23.61
C PRO A 738 -16.92 -36.90 -24.35
N LEU A 739 -18.21 -36.85 -23.99
CA LEU A 739 -19.16 -36.12 -24.83
C LEU A 739 -18.94 -34.61 -24.77
N ILE A 740 -18.80 -34.07 -23.56
CA ILE A 740 -18.60 -32.64 -23.46
C ILE A 740 -17.24 -32.26 -24.06
N ALA A 741 -16.26 -33.15 -23.95
CA ALA A 741 -14.98 -32.93 -24.60
C ALA A 741 -15.15 -32.87 -26.12
N ALA A 742 -15.90 -33.82 -26.68
CA ALA A 742 -16.13 -33.81 -28.11
C ALA A 742 -16.81 -32.52 -28.54
N GLU A 743 -17.75 -32.03 -27.72
CA GLU A 743 -18.42 -30.77 -28.05
C GLU A 743 -17.45 -29.59 -27.96
N GLY A 744 -16.56 -29.61 -26.97
CA GLY A 744 -15.54 -28.57 -26.91
C GLY A 744 -14.63 -28.57 -28.12
N VAL A 745 -14.20 -29.75 -28.55
CA VAL A 745 -13.39 -29.86 -29.77
C VAL A 745 -14.20 -29.38 -30.98
N ARG A 746 -15.49 -29.73 -31.04
CA ARG A 746 -16.30 -29.25 -32.15
C ARG A 746 -16.34 -27.72 -32.17
N ILE A 747 -16.50 -27.10 -31.00
CA ILE A 747 -16.52 -25.64 -30.90
C ILE A 747 -15.18 -25.05 -31.31
N LEU A 748 -14.08 -25.62 -30.81
CA LEU A 748 -12.77 -25.11 -31.20
C LEU A 748 -12.56 -25.22 -32.69
N ARG A 749 -12.97 -26.33 -33.29
CA ARG A 749 -12.84 -26.46 -34.73
C ARG A 749 -13.73 -25.46 -35.46
N GLU A 750 -14.96 -25.24 -34.97
CA GLU A 750 -15.81 -24.23 -35.58
C GLU A 750 -15.18 -22.85 -35.49
N ALA A 751 -14.45 -22.57 -34.41
CA ALA A 751 -13.83 -21.28 -34.21
C ALA A 751 -12.61 -21.09 -35.11
N GLY A 752 -12.19 -22.12 -35.82
CA GLY A 752 -11.12 -21.99 -36.80
C GLY A 752 -9.90 -22.85 -36.53
N ILE A 753 -9.85 -23.61 -35.45
CA ILE A 753 -8.71 -24.52 -35.23
C ILE A 753 -8.82 -25.62 -36.28
N PRO A 754 -7.81 -25.80 -37.12
CA PRO A 754 -7.90 -26.84 -38.16
C PRO A 754 -7.94 -28.23 -37.53
N ALA A 755 -8.56 -29.16 -38.26
CA ALA A 755 -8.64 -30.54 -37.78
C ALA A 755 -7.26 -31.14 -37.55
N SER A 756 -6.28 -30.76 -38.36
CA SER A 756 -4.93 -31.29 -38.17
C SER A 756 -4.28 -30.76 -36.90
N ALA A 757 -4.71 -29.59 -36.42
CA ALA A 757 -4.15 -29.00 -35.21
C ALA A 757 -4.82 -29.50 -33.95
N LEU A 758 -6.02 -30.06 -34.04
CA LEU A 758 -6.75 -30.50 -32.85
C LEU A 758 -7.46 -31.80 -33.17
N GLN A 759 -6.92 -32.89 -32.68
CA GLN A 759 -7.50 -34.22 -32.85
C GLN A 759 -8.04 -34.71 -31.51
N LEU A 760 -9.25 -35.24 -31.53
CA LEU A 760 -9.87 -35.76 -30.33
C LEU A 760 -9.73 -37.28 -30.34
N LEU A 761 -9.21 -37.83 -29.26
CA LEU A 761 -8.95 -39.27 -29.16
CA LEU A 761 -8.94 -39.27 -29.16
C LEU A 761 -9.61 -39.79 -27.89
N PRO A 762 -10.90 -40.10 -27.94
CA PRO A 762 -11.57 -40.64 -26.76
C PRO A 762 -11.04 -42.01 -26.41
N GLY A 763 -11.14 -42.34 -25.13
CA GLY A 763 -10.76 -43.66 -24.67
C GLY A 763 -10.18 -43.56 -23.28
N ASP A 764 -9.68 -44.69 -22.80
CA ASP A 764 -9.23 -44.80 -21.42
C ASP A 764 -7.73 -44.50 -21.32
N GLY A 765 -7.11 -44.94 -20.22
CA GLY A 765 -5.70 -44.67 -19.99
C GLY A 765 -4.78 -45.28 -21.04
N ARG A 766 -5.22 -46.34 -21.69
CA ARG A 766 -4.42 -46.93 -22.76
C ARG A 766 -4.22 -45.95 -23.90
N VAL A 767 -5.25 -45.18 -24.23
CA VAL A 767 -5.12 -44.18 -25.28
C VAL A 767 -4.18 -43.08 -24.82
N GLY A 768 -4.34 -42.63 -23.57
CA GLY A 768 -3.40 -41.67 -23.02
C GLY A 768 -1.98 -42.19 -23.07
N ALA A 769 -1.77 -43.43 -22.66
CA ALA A 769 -0.41 -43.96 -22.57
C ALA A 769 0.19 -44.13 -23.97
N ALA A 770 -0.64 -44.53 -24.94
CA ALA A 770 -0.13 -44.69 -26.30
C ALA A 770 0.28 -43.35 -26.87
N LEU A 771 -0.46 -42.30 -26.52
CA LEU A 771 -0.11 -40.95 -26.98
C LEU A 771 1.17 -40.47 -26.34
N VAL A 772 1.29 -40.64 -25.03
CA VAL A 772 2.51 -40.26 -24.32
C VAL A 772 3.72 -40.97 -24.92
N ALA A 773 3.58 -42.25 -25.24
CA ALA A 773 4.69 -43.06 -25.71
C ALA A 773 5.05 -42.80 -27.16
N ALA A 774 4.20 -42.09 -27.92
CA ALA A 774 4.44 -41.93 -29.35
C ALA A 774 5.67 -41.06 -29.60
N ALA A 775 6.46 -41.44 -30.60
CA ALA A 775 7.79 -40.85 -30.75
C ALA A 775 7.73 -39.35 -31.02
N GLU A 776 6.71 -38.87 -31.72
CA GLU A 776 6.64 -37.46 -32.09
C GLU A 776 6.01 -36.59 -31.00
N THR A 777 5.57 -37.16 -29.90
CA THR A 777 5.02 -36.36 -28.80
C THR A 777 6.10 -35.48 -28.20
N ALA A 778 5.87 -34.17 -28.24
CA ALA A 778 6.86 -33.19 -27.84
C ALA A 778 6.59 -32.61 -26.47
N GLY A 779 5.44 -32.90 -25.90
CA GLY A 779 5.12 -32.40 -24.58
C GLY A 779 3.82 -33.01 -24.14
N VAL A 780 3.64 -33.07 -22.83
CA VAL A 780 2.45 -33.68 -22.24
C VAL A 780 1.89 -32.71 -21.22
N MET A 781 0.60 -32.45 -21.32
CA MET A 781 -0.13 -31.70 -20.31
C MET A 781 -1.11 -32.68 -19.68
N PHE A 782 -0.91 -32.95 -18.40
CA PHE A 782 -1.69 -33.94 -17.67
C PHE A 782 -2.34 -33.27 -16.48
N THR A 783 -3.64 -33.47 -16.32
CA THR A 783 -4.33 -33.17 -15.09
C THR A 783 -5.09 -34.41 -14.69
N GLY A 784 -4.90 -34.86 -13.46
CA GLY A 784 -5.43 -36.14 -13.04
C GLY A 784 -4.80 -36.55 -11.72
N SER A 785 -4.90 -37.83 -11.41
CA SER A 785 -4.39 -38.32 -10.14
C SER A 785 -2.87 -38.35 -10.11
N THR A 786 -2.32 -38.21 -8.91
CA THR A 786 -0.87 -38.28 -8.74
C THR A 786 -0.30 -39.62 -9.20
N GLU A 787 -1.04 -40.72 -8.95
CA GLU A 787 -0.53 -42.03 -9.31
C GLU A 787 -0.42 -42.18 -10.83
N VAL A 788 -1.40 -41.66 -11.57
CA VAL A 788 -1.31 -41.74 -13.02
C VAL A 788 -0.20 -40.84 -13.53
N ALA A 789 -0.09 -39.63 -12.99
CA ALA A 789 0.99 -38.75 -13.40
C ALA A 789 2.34 -39.43 -13.20
N ARG A 790 2.48 -40.21 -12.11
CA ARG A 790 3.73 -40.91 -11.86
C ARG A 790 4.01 -41.95 -12.94
N LEU A 791 2.95 -42.61 -13.45
CA LEU A 791 3.12 -43.52 -14.58
C LEU A 791 3.56 -42.79 -15.83
N ILE A 792 2.98 -41.61 -16.08
CA ILE A 792 3.39 -40.82 -17.24
C ILE A 792 4.82 -40.34 -17.10
N GLN A 793 5.18 -39.88 -15.90
CA GLN A 793 6.55 -39.48 -15.62
C GLN A 793 7.52 -40.60 -15.94
N ALA A 794 7.16 -41.84 -15.57
CA ALA A 794 8.03 -42.98 -15.87
C ALA A 794 8.13 -43.23 -17.36
N GLN A 795 7.01 -43.13 -18.09
CA GLN A 795 7.02 -43.28 -19.54
C GLN A 795 7.97 -42.28 -20.18
N LEU A 796 7.87 -41.02 -19.76
CA LEU A 796 8.67 -39.96 -20.37
C LEU A 796 10.14 -40.03 -19.97
N ALA A 797 10.47 -40.71 -18.88
CA ALA A 797 11.87 -40.75 -18.47
C ALA A 797 12.72 -41.47 -19.49
N ASP A 798 12.11 -42.36 -20.29
CA ASP A 798 12.82 -43.05 -21.37
C ASP A 798 13.10 -42.16 -22.55
N ARG A 799 12.45 -41.00 -22.63
CA ARG A 799 12.32 -40.25 -23.87
CA ARG A 799 12.36 -40.27 -23.88
C ARG A 799 13.17 -38.98 -23.85
N LEU A 800 13.67 -38.61 -25.02
CA LEU A 800 14.31 -37.32 -25.23
C LEU A 800 13.76 -36.72 -26.53
N SER A 801 13.74 -35.40 -26.59
CA SER A 801 13.39 -34.70 -27.82
C SER A 801 14.48 -34.93 -28.86
N PRO A 802 14.20 -34.60 -30.12
CA PRO A 802 15.27 -34.67 -31.14
C PRO A 802 16.49 -33.85 -30.81
N ALA A 803 16.35 -32.80 -30.00
CA ALA A 803 17.50 -32.06 -29.50
C ALA A 803 18.16 -32.73 -28.31
N GLY A 804 17.67 -33.90 -27.89
CA GLY A 804 18.23 -34.58 -26.73
C GLY A 804 17.91 -33.95 -25.38
N ARG A 805 16.70 -33.45 -25.20
CA ARG A 805 16.29 -32.83 -23.95
C ARG A 805 15.00 -33.46 -23.46
N PRO A 806 14.70 -33.39 -22.16
CA PRO A 806 13.49 -34.05 -21.64
C PRO A 806 12.23 -33.48 -22.26
N ILE A 807 11.24 -34.37 -22.42
CA ILE A 807 9.92 -33.97 -22.92
C ILE A 807 9.20 -33.23 -21.81
N PRO A 808 8.79 -31.97 -22.02
CA PRO A 808 8.14 -31.22 -20.95
C PRO A 808 6.83 -31.87 -20.51
N LEU A 809 6.64 -31.94 -19.20
CA LEU A 809 5.43 -32.48 -18.61
C LEU A 809 4.88 -31.47 -17.62
N ILE A 810 3.65 -31.03 -17.86
CA ILE A 810 2.88 -30.33 -16.85
C ILE A 810 1.95 -31.35 -16.25
N ALA A 811 2.10 -31.60 -14.95
CA ALA A 811 1.33 -32.64 -14.27
C ALA A 811 0.67 -31.99 -13.06
N GLU A 812 -0.63 -31.74 -13.18
CA GLU A 812 -1.39 -31.09 -12.13
C GLU A 812 -2.26 -32.14 -11.48
N THR A 813 -1.99 -32.40 -10.20
CA THR A 813 -2.46 -33.64 -9.58
C THR A 813 -3.29 -33.39 -8.33
N GLY A 814 -3.39 -34.38 -7.44
CA GLY A 814 -4.38 -34.36 -6.39
C GLY A 814 -4.01 -33.46 -5.22
N GLY A 815 -4.96 -33.33 -4.30
CA GLY A 815 -4.74 -32.54 -3.09
C GLY A 815 -5.18 -33.31 -1.86
N GLN A 816 -4.73 -32.82 -0.71
CA GLN A 816 -5.22 -33.29 0.58
C GLN A 816 -5.48 -32.03 1.37
N ASN A 817 -6.49 -31.30 0.93
CA ASN A 817 -6.62 -29.89 1.23
C ASN A 817 -7.23 -29.69 2.61
N ALA A 818 -6.60 -28.81 3.39
CA ALA A 818 -7.01 -28.52 4.75
C ALA A 818 -7.58 -27.11 4.83
N MET A 819 -8.44 -26.92 5.83
CA MET A 819 -8.85 -25.60 6.26
C MET A 819 -8.64 -25.53 7.75
N ILE A 820 -8.01 -24.46 8.21
CA ILE A 820 -7.79 -24.24 9.63
C ILE A 820 -8.74 -23.15 10.09
N VAL A 821 -9.44 -23.41 11.19
CA VAL A 821 -10.43 -22.50 11.72
C VAL A 821 -10.06 -22.24 13.17
N ASP A 822 -9.89 -20.97 13.53
CA ASP A 822 -9.62 -20.64 14.92
C ASP A 822 -10.87 -20.12 15.60
N SER A 823 -10.73 -19.79 16.89
CA SER A 823 -11.88 -19.38 17.67
C SER A 823 -12.37 -17.97 17.34
N SER A 824 -11.67 -17.23 16.47
CA SER A 824 -12.15 -15.92 16.06
C SER A 824 -13.06 -15.98 14.86
N ALA A 825 -13.14 -17.13 14.19
CA ALA A 825 -13.95 -17.22 12.99
C ALA A 825 -15.43 -17.24 13.34
N LEU A 826 -16.25 -16.76 12.41
CA LEU A 826 -17.70 -16.79 12.57
C LEU A 826 -18.21 -18.16 12.12
N ALA A 827 -18.83 -18.89 13.06
CA ALA A 827 -19.19 -20.29 12.79
C ALA A 827 -20.07 -20.43 11.55
N GLU A 828 -21.08 -19.57 11.41
CA GLU A 828 -22.00 -19.68 10.28
C GLU A 828 -21.27 -19.51 8.96
N GLN A 829 -20.30 -18.59 8.93
CA GLN A 829 -19.49 -18.38 7.74
C GLN A 829 -18.63 -19.62 7.46
N VAL A 830 -17.96 -20.13 8.49
CA VAL A 830 -17.17 -21.34 8.36
C VAL A 830 -18.02 -22.48 7.81
N VAL A 831 -19.18 -22.71 8.42
CA VAL A 831 -19.97 -23.86 8.02
C VAL A 831 -20.38 -23.77 6.56
N GLY A 832 -20.81 -22.59 6.12
CA GLY A 832 -21.17 -22.42 4.72
C GLY A 832 -20.00 -22.72 3.80
N ASP A 833 -18.82 -22.19 4.14
CA ASP A 833 -17.65 -22.42 3.30
C ASP A 833 -17.19 -23.86 3.34
N VAL A 834 -17.36 -24.54 4.48
CA VAL A 834 -16.99 -25.94 4.60
C VAL A 834 -17.94 -26.82 3.80
N ILE A 835 -19.25 -26.59 3.95
CA ILE A 835 -20.23 -27.36 3.20
C ILE A 835 -19.96 -27.23 1.71
N THR A 836 -19.73 -26.01 1.25
CA THR A 836 -19.43 -25.81 -0.16
C THR A 836 -18.12 -26.48 -0.55
N SER A 837 -17.07 -26.23 0.22
CA SER A 837 -15.75 -26.71 -0.19
C SER A 837 -15.66 -28.22 -0.14
N ALA A 838 -16.33 -28.84 0.81
CA ALA A 838 -16.18 -30.28 0.98
C ALA A 838 -17.14 -31.07 0.11
N PHE A 839 -18.35 -30.56 -0.10
CA PHE A 839 -19.41 -31.39 -0.67
C PHE A 839 -19.97 -30.91 -1.99
N ASP A 840 -19.67 -29.69 -2.41
CA ASP A 840 -19.97 -29.28 -3.78
C ASP A 840 -19.41 -30.32 -4.74
N SER A 841 -20.20 -30.66 -5.76
CA SER A 841 -19.79 -31.67 -6.73
C SER A 841 -19.47 -33.00 -6.08
N ALA A 842 -20.09 -33.27 -4.93
CA ALA A 842 -19.83 -34.49 -4.16
C ALA A 842 -18.35 -34.64 -3.83
N GLY A 843 -17.70 -33.53 -3.53
CA GLY A 843 -16.30 -33.56 -3.20
C GLY A 843 -15.40 -33.90 -4.36
N GLN A 844 -15.93 -33.94 -5.57
CA GLN A 844 -15.14 -34.31 -6.73
C GLN A 844 -14.54 -33.08 -7.42
N ARG A 845 -13.87 -32.26 -6.62
CA ARG A 845 -13.03 -31.19 -7.11
C ARG A 845 -11.65 -31.46 -6.53
N CYS A 846 -10.61 -31.22 -7.33
CA CYS A 846 -9.27 -31.42 -6.80
C CYS A 846 -9.02 -30.47 -5.63
N SER A 847 -9.68 -29.33 -5.63
CA SER A 847 -9.56 -28.30 -4.61
C SER A 847 -10.41 -28.56 -3.39
N ALA A 848 -11.18 -29.65 -3.37
CA ALA A 848 -12.19 -29.82 -2.32
C ALA A 848 -11.53 -29.94 -0.96
N LEU A 849 -12.25 -29.45 0.04
CA LEU A 849 -11.78 -29.52 1.41
C LEU A 849 -11.86 -30.97 1.90
N ARG A 850 -10.72 -31.51 2.32
CA ARG A 850 -10.62 -32.88 2.81
C ARG A 850 -10.45 -32.97 4.31
N VAL A 851 -9.80 -31.97 4.91
CA VAL A 851 -9.45 -32.01 6.32
C VAL A 851 -9.78 -30.66 6.93
N LEU A 852 -10.79 -30.62 7.79
CA LEU A 852 -11.15 -29.41 8.51
C LEU A 852 -10.52 -29.47 9.89
N CYS A 853 -9.79 -28.41 10.25
CA CYS A 853 -9.03 -28.37 11.50
C CYS A 853 -9.63 -27.27 12.36
N LEU A 854 -10.21 -27.68 13.48
CA LEU A 854 -11.00 -26.81 14.33
C LEU A 854 -10.28 -26.60 15.65
N GLN A 855 -10.10 -25.35 16.03
CA GLN A 855 -9.51 -25.07 17.32
C GLN A 855 -10.40 -25.67 18.41
N GLU A 856 -9.77 -26.28 19.41
CA GLU A 856 -10.49 -27.12 20.35
C GLU A 856 -11.66 -26.39 21.01
N ASP A 857 -11.49 -25.11 21.32
CA ASP A 857 -12.47 -24.37 22.10
C ASP A 857 -13.77 -24.14 21.34
N VAL A 858 -13.74 -24.19 20.01
CA VAL A 858 -14.93 -23.97 19.20
C VAL A 858 -15.34 -25.20 18.41
N ALA A 859 -14.59 -26.30 18.54
CA ALA A 859 -14.80 -27.45 17.66
C ALA A 859 -16.17 -28.05 17.84
N ASP A 860 -16.63 -28.19 19.08
CA ASP A 860 -17.92 -28.84 19.30
C ASP A 860 -19.06 -28.03 18.71
N ARG A 861 -19.04 -26.71 18.93
CA ARG A 861 -20.11 -25.86 18.40
C ARG A 861 -20.11 -25.87 16.87
N ILE A 862 -18.92 -25.75 16.26
CA ILE A 862 -18.86 -25.75 14.81
C ILE A 862 -19.26 -27.11 14.25
N LEU A 863 -18.81 -28.19 14.88
CA LEU A 863 -19.15 -29.53 14.42
CA LEU A 863 -19.15 -29.52 14.41
C LEU A 863 -20.66 -29.77 14.48
N THR A 864 -21.29 -29.35 15.57
CA THR A 864 -22.75 -29.47 15.67
C THR A 864 -23.43 -28.71 14.54
N MET A 865 -22.98 -27.47 14.29
CA MET A 865 -23.57 -26.70 13.21
C MET A 865 -23.32 -27.36 11.86
N LEU A 866 -22.11 -27.88 11.67
CA LEU A 866 -21.77 -28.50 10.39
C LEU A 866 -22.64 -29.73 10.14
N LYS A 867 -22.82 -30.57 11.16
CA LYS A 867 -23.67 -31.74 11.00
C LYS A 867 -25.11 -31.34 10.70
N GLY A 868 -25.59 -30.30 11.38
CA GLY A 868 -26.92 -29.80 11.09
C GLY A 868 -27.06 -29.33 9.66
N ALA A 869 -26.03 -28.65 9.17
CA ALA A 869 -26.06 -28.16 7.79
C ALA A 869 -25.96 -29.31 6.80
N LEU A 870 -25.16 -30.33 7.14
CA LEU A 870 -25.03 -31.50 6.28
C LEU A 870 -26.39 -32.11 5.98
N HIS A 871 -27.24 -32.17 7.00
CA HIS A 871 -28.51 -32.86 6.83
C HIS A 871 -29.53 -32.05 6.05
N GLU A 872 -29.21 -30.81 5.71
CA GLU A 872 -30.09 -30.01 4.88
C GLU A 872 -29.78 -30.15 3.39
N LEU A 873 -28.79 -30.96 3.03
CA LEU A 873 -28.40 -31.10 1.64
C LEU A 873 -29.28 -32.11 0.93
N HIS A 874 -29.64 -31.79 -0.30
CA HIS A 874 -30.43 -32.67 -1.15
C HIS A 874 -29.49 -33.36 -2.13
N ILE A 875 -29.46 -34.69 -2.06
CA ILE A 875 -28.60 -35.51 -2.91
C ILE A 875 -29.49 -36.22 -3.93
N GLY A 876 -29.10 -36.15 -5.20
CA GLY A 876 -29.89 -36.85 -6.19
C GLY A 876 -29.42 -36.54 -7.59
N ARG A 877 -30.19 -37.04 -8.56
CA ARG A 877 -29.91 -36.75 -9.95
C ARG A 877 -29.97 -35.25 -10.18
N THR A 878 -28.98 -34.71 -10.89
CA THR A 878 -28.72 -33.28 -10.85
C THR A 878 -29.54 -32.47 -11.83
N ASP A 879 -30.50 -33.08 -12.53
CA ASP A 879 -31.35 -32.33 -13.45
C ASP A 879 -32.54 -31.69 -12.72
N ARG A 880 -32.36 -31.42 -11.43
CA ARG A 880 -33.31 -30.65 -10.63
C ARG A 880 -32.52 -29.56 -9.92
N LEU A 881 -33.01 -28.32 -10.02
CA LEU A 881 -32.38 -27.20 -9.34
C LEU A 881 -32.26 -27.43 -7.84
N SER A 882 -33.19 -28.17 -7.25
CA SER A 882 -33.17 -28.38 -5.81
C SER A 882 -32.07 -29.33 -5.35
N VAL A 883 -31.35 -29.96 -6.27
CA VAL A 883 -30.32 -30.92 -5.88
C VAL A 883 -29.03 -30.18 -5.56
N ASP A 884 -28.47 -30.45 -4.39
CA ASP A 884 -27.23 -29.81 -4.00
C ASP A 884 -26.02 -30.64 -4.36
N VAL A 885 -26.12 -31.95 -4.20
CA VAL A 885 -24.98 -32.85 -4.32
C VAL A 885 -25.40 -33.95 -5.26
N GLY A 886 -24.63 -34.14 -6.33
CA GLY A 886 -24.93 -35.16 -7.29
C GLY A 886 -24.19 -36.44 -7.00
N PRO A 887 -24.15 -37.32 -7.99
CA PRO A 887 -23.55 -38.64 -7.82
C PRO A 887 -22.04 -38.57 -7.89
N VAL A 888 -21.42 -39.66 -7.48
CA VAL A 888 -20.03 -39.89 -7.85
C VAL A 888 -19.99 -40.52 -9.25
N ILE A 889 -18.85 -40.37 -9.91
CA ILE A 889 -18.82 -40.55 -11.37
C ILE A 889 -19.08 -41.99 -11.78
N THR A 890 -18.59 -42.96 -11.01
CA THR A 890 -18.72 -44.37 -11.40
C THR A 890 -18.89 -45.23 -10.17
N SER A 891 -19.30 -46.48 -10.42
CA SER A 891 -19.42 -47.47 -9.35
CA SER A 891 -19.42 -47.43 -9.33
C SER A 891 -18.08 -47.73 -8.69
N GLU A 892 -16.99 -47.70 -9.47
CA GLU A 892 -15.67 -47.96 -8.91
C GLU A 892 -15.25 -46.82 -8.00
N ALA A 893 -15.54 -45.58 -8.39
CA ALA A 893 -15.27 -44.46 -7.50
C ALA A 893 -16.08 -44.60 -6.22
N LYS A 894 -17.38 -44.90 -6.34
CA LYS A 894 -18.21 -45.15 -5.17
C LYS A 894 -17.61 -46.24 -4.29
N ASP A 895 -17.20 -47.36 -4.89
CA ASP A 895 -16.62 -48.44 -4.12
C ASP A 895 -15.36 -47.98 -3.39
N ASN A 896 -14.50 -47.23 -4.08
CA ASN A 896 -13.26 -46.78 -3.45
C ASN A 896 -13.56 -45.85 -2.29
N ILE A 897 -14.50 -44.92 -2.47
CA ILE A 897 -14.84 -44.00 -1.38
C ILE A 897 -15.44 -44.76 -0.21
N GLU A 898 -16.37 -45.67 -0.50
CA GLU A 898 -17.03 -46.37 0.60
C GLU A 898 -16.07 -47.27 1.35
N LYS A 899 -15.09 -47.86 0.66
CA LYS A 899 -14.07 -48.65 1.34
C LYS A 899 -13.30 -47.79 2.33
N HIS A 900 -13.03 -46.53 1.96
CA HIS A 900 -12.35 -45.63 2.89
C HIS A 900 -13.24 -45.31 4.09
N ILE A 901 -14.50 -44.98 3.83
CA ILE A 901 -15.43 -44.69 4.92
C ILE A 901 -15.52 -45.86 5.88
N GLU A 902 -15.58 -47.08 5.35
CA GLU A 902 -15.73 -48.25 6.21
C GLU A 902 -14.47 -48.53 7.02
N ARG A 903 -13.29 -48.34 6.41
CA ARG A 903 -12.05 -48.44 7.15
C ARG A 903 -12.05 -47.48 8.34
N MET A 904 -12.41 -46.22 8.09
CA MET A 904 -12.49 -45.24 9.17
C MET A 904 -13.51 -45.66 10.22
N ARG A 905 -14.70 -46.07 9.77
CA ARG A 905 -15.72 -46.50 10.72
C ARG A 905 -15.23 -47.72 11.49
N GLY A 906 -14.50 -48.62 10.83
CA GLY A 906 -13.99 -49.81 11.48
C GLY A 906 -12.90 -49.54 12.48
N LEU A 907 -12.32 -48.34 12.46
CA LEU A 907 -11.32 -47.94 13.45
C LEU A 907 -11.94 -47.23 14.65
N GLY A 908 -13.25 -47.06 14.67
CA GLY A 908 -13.93 -46.39 15.76
C GLY A 908 -14.17 -44.92 15.55
N ARG A 909 -13.78 -44.35 14.41
CA ARG A 909 -13.98 -42.94 14.17
C ARG A 909 -15.46 -42.63 14.01
N LYS A 910 -15.87 -41.47 14.53
CA LYS A 910 -17.27 -41.07 14.42
C LYS A 910 -17.57 -40.66 12.98
N VAL A 911 -18.64 -41.22 12.43
CA VAL A 911 -18.99 -41.04 11.03
C VAL A 911 -20.43 -40.54 10.97
N GLU A 912 -20.62 -39.36 10.39
CA GLU A 912 -21.94 -38.76 10.18
C GLU A 912 -22.21 -38.80 8.68
N GLN A 913 -23.38 -39.32 8.30
CA GLN A 913 -23.75 -39.40 6.89
C GLN A 913 -25.21 -39.01 6.71
N ILE A 914 -25.48 -38.28 5.63
CA ILE A 914 -26.86 -37.98 5.27
C ILE A 914 -27.53 -39.23 4.75
N GLY A 915 -28.83 -39.35 5.01
CA GLY A 915 -29.60 -40.46 4.48
C GLY A 915 -29.95 -40.19 3.04
N LEU A 916 -29.74 -41.18 2.18
CA LEU A 916 -29.99 -41.03 0.75
C LEU A 916 -31.40 -41.48 0.41
N ALA A 917 -32.02 -40.78 -0.53
CA ALA A 917 -33.34 -41.17 -0.99
C ALA A 917 -33.24 -42.46 -1.81
N SER A 918 -34.34 -43.21 -1.84
CA SER A 918 -34.35 -44.46 -2.59
C SER A 918 -34.06 -44.24 -4.07
N GLU A 919 -34.41 -43.05 -4.59
CA GLU A 919 -34.17 -42.74 -6.00
C GLU A 919 -32.70 -42.77 -6.38
N THR A 920 -31.80 -42.66 -5.41
CA THR A 920 -30.37 -42.71 -5.74
C THR A 920 -29.93 -44.10 -6.16
N GLY A 921 -30.73 -45.14 -5.91
CA GLY A 921 -30.36 -46.49 -6.25
C GLY A 921 -30.10 -46.72 -7.74
N VAL A 922 -30.68 -45.90 -8.61
CA VAL A 922 -30.44 -46.06 -10.05
C VAL A 922 -29.12 -45.43 -10.49
N GLY A 923 -28.46 -44.68 -9.63
CA GLY A 923 -27.16 -44.10 -9.93
C GLY A 923 -26.10 -44.51 -8.93
N THR A 924 -24.96 -43.85 -8.95
CA THR A 924 -23.84 -44.15 -8.04
C THR A 924 -23.63 -42.95 -7.13
N PHE A 925 -24.19 -43.02 -5.94
CA PHE A 925 -24.13 -41.92 -4.99
C PHE A 925 -23.40 -42.36 -3.73
N VAL A 926 -22.69 -41.41 -3.14
CA VAL A 926 -22.10 -41.54 -1.83
C VAL A 926 -22.64 -40.38 -1.00
N PRO A 927 -23.25 -40.64 0.15
CA PRO A 927 -23.77 -39.54 0.95
C PRO A 927 -22.63 -38.68 1.48
N PRO A 928 -22.80 -37.36 1.47
CA PRO A 928 -21.85 -36.50 2.17
C PRO A 928 -21.60 -37.04 3.56
N THR A 929 -20.33 -37.07 3.94
CA THR A 929 -19.87 -37.81 5.10
C THR A 929 -18.88 -36.94 5.85
N ILE A 930 -19.04 -36.90 7.18
CA ILE A 930 -18.09 -36.25 8.07
C ILE A 930 -17.47 -37.32 8.93
N ILE A 931 -16.15 -37.37 8.97
CA ILE A 931 -15.38 -38.35 9.71
C ILE A 931 -14.48 -37.60 10.68
N GLU A 932 -14.64 -37.86 11.96
CA GLU A 932 -13.82 -37.20 12.97
C GLU A 932 -12.56 -38.01 13.21
N LEU A 933 -11.42 -37.43 12.89
CA LEU A 933 -10.13 -38.10 13.01
C LEU A 933 -9.43 -37.70 14.30
N GLU A 934 -8.50 -38.56 14.73
CA GLU A 934 -7.63 -38.28 15.86
C GLU A 934 -6.41 -37.47 15.45
N LYS A 935 -5.74 -37.86 14.37
CA LYS A 935 -4.57 -37.14 13.86
C LYS A 935 -4.62 -37.11 12.34
N LEU A 936 -3.92 -36.12 11.77
CA LEU A 936 -3.89 -35.98 10.31
C LEU A 936 -3.20 -37.16 9.64
N SER A 937 -2.36 -37.88 10.37
CA SER A 937 -1.71 -39.07 9.83
C SER A 937 -2.68 -40.22 9.60
N ASP A 938 -3.94 -40.11 10.07
CA ASP A 938 -4.94 -41.13 9.77
C ASP A 938 -5.25 -41.21 8.29
N LEU A 939 -4.98 -40.16 7.53
CA LEU A 939 -5.24 -40.16 6.10
C LEU A 939 -4.01 -40.60 5.33
N GLN A 940 -4.22 -41.45 4.32
CA GLN A 940 -3.14 -41.89 3.45
C GLN A 940 -3.13 -41.06 2.19
N ARG A 941 -3.97 -41.41 1.22
CA ARG A 941 -4.04 -40.73 -0.06
C ARG A 941 -5.34 -39.93 -0.18
N GLU A 942 -5.37 -39.07 -1.20
CA GLU A 942 -6.57 -38.31 -1.53
C GLU A 942 -7.75 -39.26 -1.71
N VAL A 943 -8.87 -38.94 -1.07
CA VAL A 943 -10.13 -39.66 -1.23
C VAL A 943 -11.06 -38.73 -2.00
N PHE A 944 -11.27 -39.04 -3.27
CA PHE A 944 -11.90 -38.11 -4.20
C PHE A 944 -13.41 -38.32 -4.16
N GLY A 945 -14.01 -37.84 -3.07
CA GLY A 945 -15.43 -38.01 -2.87
C GLY A 945 -15.92 -37.09 -1.79
N PRO A 946 -17.20 -37.23 -1.41
CA PRO A 946 -17.79 -36.27 -0.47
C PRO A 946 -17.52 -36.67 0.97
N VAL A 947 -16.24 -36.65 1.35
CA VAL A 947 -15.80 -37.15 2.65
C VAL A 947 -14.95 -36.11 3.32
N LEU A 948 -15.50 -35.47 4.34
CA LEU A 948 -14.80 -34.45 5.10
C LEU A 948 -14.24 -35.09 6.36
N HIS A 949 -12.96 -34.86 6.62
CA HIS A 949 -12.35 -35.32 7.85
C HIS A 949 -12.16 -34.12 8.75
N VAL A 950 -12.36 -34.33 10.06
CA VAL A 950 -12.32 -33.24 11.03
C VAL A 950 -11.28 -33.58 12.09
N ILE A 951 -10.35 -32.66 12.30
CA ILE A 951 -9.34 -32.77 13.34
C ILE A 951 -9.49 -31.56 14.26
N ARG A 952 -9.17 -31.74 15.53
CA ARG A 952 -9.22 -30.67 16.51
C ARG A 952 -7.81 -30.35 16.94
N TYR A 953 -7.55 -29.09 17.26
CA TYR A 953 -6.20 -28.70 17.68
C TYR A 953 -6.29 -27.66 18.77
N ARG A 954 -5.29 -27.69 19.66
CA ARG A 954 -5.13 -26.65 20.67
C ARG A 954 -4.36 -25.48 20.06
N ARG A 955 -4.74 -24.26 20.45
CA ARG A 955 -4.20 -23.07 19.78
C ARG A 955 -2.68 -23.04 19.81
N ASP A 956 -2.08 -23.46 20.94
CA ASP A 956 -0.63 -23.46 21.02
C ASP A 956 0.01 -24.41 20.02
N ASP A 957 -0.74 -25.41 19.54
CA ASP A 957 -0.23 -26.37 18.59
C ASP A 957 -0.49 -25.97 17.14
N LEU A 958 -0.85 -24.71 16.89
CA LEU A 958 -1.15 -24.30 15.53
C LEU A 958 0.03 -24.54 14.59
N ASP A 959 1.24 -24.17 15.03
CA ASP A 959 2.39 -24.32 14.16
C ASP A 959 2.65 -25.79 13.86
N ARG A 960 2.53 -26.66 14.85
CA ARG A 960 2.67 -28.09 14.63
C ARG A 960 1.61 -28.58 13.66
N LEU A 961 0.38 -28.08 13.78
CA LEU A 961 -0.68 -28.48 12.86
C LEU A 961 -0.33 -28.12 11.44
N VAL A 962 0.15 -26.89 11.21
CA VAL A 962 0.58 -26.50 9.87
C VAL A 962 1.65 -27.45 9.35
N ASP A 963 2.58 -27.85 10.22
CA ASP A 963 3.56 -28.86 9.84
C ASP A 963 2.87 -30.14 9.39
N ASP A 964 1.87 -30.57 10.16
CA ASP A 964 1.16 -31.81 9.82
C ASP A 964 0.46 -31.70 8.48
N VAL A 965 -0.14 -30.54 8.19
CA VAL A 965 -0.75 -30.35 6.88
C VAL A 965 0.30 -30.45 5.79
N ASN A 966 1.43 -29.76 5.97
CA ASN A 966 2.52 -29.82 5.00
C ASN A 966 3.06 -31.24 4.86
N ALA A 967 3.02 -32.01 5.95
CA ALA A 967 3.66 -33.32 5.98
C ALA A 967 3.00 -34.35 5.09
N THR A 968 1.78 -34.11 4.62
CA THR A 968 1.17 -35.05 3.70
C THR A 968 1.93 -35.12 2.39
N GLY A 969 2.67 -34.07 2.03
CA GLY A 969 3.32 -33.98 0.75
C GLY A 969 2.48 -33.30 -0.32
N TYR A 970 1.18 -33.15 -0.10
CA TYR A 970 0.34 -32.42 -1.03
C TYR A 970 0.52 -30.92 -0.79
N GLY A 971 -0.06 -30.12 -1.67
CA GLY A 971 0.09 -28.68 -1.56
C GLY A 971 -0.77 -27.97 -2.57
N LEU A 972 -2.07 -28.28 -2.59
CA LEU A 972 -2.94 -27.72 -3.60
C LEU A 972 -3.70 -26.53 -3.04
N THR A 973 -4.85 -26.74 -2.43
CA THR A 973 -5.59 -25.64 -1.82
C THR A 973 -5.48 -25.70 -0.31
N PHE A 974 -5.65 -24.55 0.31
CA PHE A 974 -5.59 -24.44 1.75
C PHE A 974 -6.44 -23.24 2.16
N GLY A 975 -7.22 -23.41 3.21
CA GLY A 975 -8.07 -22.36 3.71
C GLY A 975 -7.76 -22.02 5.15
N LEU A 976 -7.94 -20.76 5.49
CA LEU A 976 -7.78 -20.30 6.86
C LEU A 976 -8.94 -19.37 7.18
N HIS A 977 -9.64 -19.66 8.27
CA HIS A 977 -10.70 -18.81 8.76
C HIS A 977 -10.24 -18.23 10.08
N THR A 978 -9.97 -16.94 10.08
CA THR A 978 -9.57 -16.23 11.28
C THR A 978 -9.76 -14.75 11.00
N ARG A 979 -9.97 -13.99 12.08
CA ARG A 979 -9.98 -12.54 11.98
C ARG A 979 -8.65 -11.93 12.39
N LEU A 980 -7.68 -12.74 12.77
CA LEU A 980 -6.51 -12.23 13.50
C LEU A 980 -5.30 -12.16 12.56
N ASP A 981 -4.76 -10.95 12.39
CA ASP A 981 -3.63 -10.77 11.48
C ASP A 981 -2.43 -11.61 11.89
N GLU A 982 -2.16 -11.73 13.19
CA GLU A 982 -1.02 -12.53 13.61
C GLU A 982 -1.18 -13.96 13.12
N THR A 983 -2.40 -14.50 13.19
CA THR A 983 -2.61 -15.87 12.78
C THR A 983 -2.52 -16.01 11.27
N ILE A 984 -3.04 -15.02 10.54
CA ILE A 984 -2.91 -15.01 9.09
C ILE A 984 -1.44 -14.99 8.69
N ALA A 985 -0.67 -14.09 9.31
CA ALA A 985 0.74 -13.97 8.94
C ALA A 985 1.47 -15.28 9.23
N HIS A 986 1.24 -15.84 10.42
CA HIS A 986 1.90 -17.09 10.79
C HIS A 986 1.53 -18.22 9.84
N VAL A 987 0.23 -18.49 9.70
CA VAL A 987 -0.19 -19.64 8.92
C VAL A 987 0.20 -19.50 7.46
N THR A 988 -0.02 -18.33 6.86
CA THR A 988 0.27 -18.21 5.44
C THR A 988 1.75 -18.26 5.16
N SER A 989 2.58 -17.87 6.13
CA SER A 989 4.02 -17.93 5.93
C SER A 989 4.56 -19.35 6.04
N ARG A 990 3.84 -20.23 6.74
CA ARG A 990 4.34 -21.57 7.02
C ARG A 990 3.71 -22.65 6.16
N ILE A 991 2.48 -22.43 5.70
CA ILE A 991 1.83 -23.40 4.85
C ILE A 991 2.52 -23.43 3.51
N LYS A 992 2.55 -24.62 2.90
CA LYS A 992 3.17 -24.81 1.59
C LYS A 992 2.10 -25.34 0.65
N ALA A 993 1.35 -24.44 0.04
CA ALA A 993 0.30 -24.84 -0.89
C ALA A 993 0.20 -23.77 -1.97
N GLY A 994 -0.33 -24.16 -3.13
CA GLY A 994 -0.32 -23.26 -4.26
C GLY A 994 -1.45 -22.25 -4.25
N ASN A 995 -2.57 -22.57 -3.61
CA ASN A 995 -3.74 -21.72 -3.62
C ASN A 995 -4.24 -21.58 -2.20
N LEU A 996 -4.11 -20.38 -1.65
CA LEU A 996 -4.56 -20.10 -0.29
C LEU A 996 -5.82 -19.27 -0.32
N TYR A 997 -6.68 -19.49 0.66
CA TYR A 997 -7.96 -18.80 0.72
C TYR A 997 -8.19 -18.40 2.16
N ILE A 998 -8.48 -17.13 2.37
CA ILE A 998 -8.65 -16.57 3.70
CA ILE A 998 -8.65 -16.58 3.71
C ILE A 998 -10.10 -16.13 3.85
N ASN A 999 -10.81 -16.72 4.80
CA ASN A 999 -12.18 -16.34 5.16
C ASN A 999 -13.16 -16.55 4.02
N ARG A 1000 -12.96 -17.61 3.26
CA ARG A 1000 -13.83 -17.95 2.15
C ARG A 1000 -13.68 -19.43 1.87
N ASN A 1001 -14.44 -19.92 0.90
CA ASN A 1001 -14.26 -21.31 0.50
C ASN A 1001 -12.93 -21.49 -0.21
N ILE A 1002 -12.54 -22.74 -0.43
CA ILE A 1002 -11.23 -23.05 -0.98
C ILE A 1002 -11.34 -23.62 -2.40
N ILE A 1003 -12.46 -23.40 -3.06
CA ILE A 1003 -12.65 -24.01 -4.37
C ILE A 1003 -12.56 -22.97 -5.49
N GLY A 1004 -11.96 -21.82 -5.19
CA GLY A 1004 -11.83 -20.75 -6.16
C GLY A 1004 -10.69 -21.02 -7.12
N ALA A 1005 -10.98 -20.96 -8.40
CA ALA A 1005 -9.96 -21.11 -9.42
C ALA A 1005 -10.22 -20.13 -10.54
N VAL A 1006 -10.64 -18.91 -10.20
CA VAL A 1006 -11.00 -17.97 -11.24
C VAL A 1006 -9.76 -17.68 -12.09
N VAL A 1007 -9.87 -17.97 -13.38
CA VAL A 1007 -8.74 -17.86 -14.29
C VAL A 1007 -8.21 -16.43 -14.23
N GLY A 1008 -6.88 -16.30 -14.12
CA GLY A 1008 -6.25 -14.99 -14.09
C GLY A 1008 -6.50 -14.22 -12.81
N VAL A 1009 -7.22 -14.79 -11.86
CA VAL A 1009 -7.52 -14.14 -10.59
C VAL A 1009 -7.02 -14.97 -9.42
N GLN A 1010 -7.34 -16.27 -9.42
CA GLN A 1010 -6.63 -17.26 -8.61
C GLN A 1010 -6.04 -18.25 -9.59
N PRO A 1011 -4.94 -17.89 -10.24
CA PRO A 1011 -4.19 -18.90 -11.02
C PRO A 1011 -4.02 -20.13 -10.15
N PHE A 1012 -4.31 -21.28 -10.72
CA PHE A 1012 -4.58 -22.45 -9.91
C PHE A 1012 -3.54 -23.52 -10.15
N GLY A 1013 -3.05 -24.10 -9.07
CA GLY A 1013 -2.14 -25.22 -9.20
C GLY A 1013 -1.26 -25.26 -7.98
N GLY A 1014 -0.87 -26.47 -7.62
CA GLY A 1014 -0.13 -26.71 -6.41
C GLY A 1014 1.28 -27.25 -6.61
N ARG A 1015 1.83 -27.72 -5.51
CA ARG A 1015 3.22 -28.13 -5.43
C ARG A 1015 3.27 -29.48 -4.75
N GLY A 1016 4.47 -30.02 -4.62
CA GLY A 1016 4.58 -31.33 -4.00
C GLY A 1016 3.86 -32.37 -4.82
N LEU A 1017 3.12 -33.24 -4.13
CA LEU A 1017 2.33 -34.27 -4.80
C LEU A 1017 1.17 -33.68 -5.59
N SER A 1018 0.96 -32.37 -5.52
CA SER A 1018 -0.19 -31.75 -6.15
C SER A 1018 0.12 -31.12 -7.50
N GLY A 1019 1.39 -31.02 -7.88
CA GLY A 1019 1.65 -30.39 -9.16
C GLY A 1019 3.11 -30.13 -9.43
N THR A 1020 3.45 -30.08 -10.71
CA THR A 1020 4.74 -29.59 -11.14
C THR A 1020 4.71 -28.10 -11.41
N GLY A 1021 3.54 -27.55 -11.69
CA GLY A 1021 3.45 -26.23 -12.26
C GLY A 1021 3.93 -26.26 -13.70
N PRO A 1022 3.87 -25.10 -14.36
CA PRO A 1022 3.34 -23.83 -13.86
C PRO A 1022 1.81 -23.88 -13.71
N LYS A 1023 1.25 -22.88 -13.04
CA LYS A 1023 -0.18 -22.85 -12.78
C LYS A 1023 -0.99 -22.61 -14.05
N ALA A 1024 -2.03 -23.41 -14.24
CA ALA A 1024 -3.05 -23.10 -15.22
C ALA A 1024 -3.75 -21.80 -14.83
N GLY A 1025 -4.14 -21.04 -15.85
CA GLY A 1025 -4.81 -19.78 -15.60
C GLY A 1025 -3.90 -18.73 -15.01
N GLY A 1026 -2.59 -18.92 -15.15
CA GLY A 1026 -1.61 -17.95 -14.73
C GLY A 1026 -0.63 -17.65 -15.84
N PRO A 1027 0.26 -16.69 -15.59
CA PRO A 1027 1.05 -16.10 -16.67
C PRO A 1027 2.29 -16.88 -17.04
N LEU A 1028 2.67 -17.91 -16.28
CA LEU A 1028 3.82 -18.73 -16.66
C LEU A 1028 3.43 -19.92 -17.52
N TYR A 1029 2.13 -20.13 -17.74
CA TYR A 1029 1.66 -21.38 -18.32
C TYR A 1029 2.10 -21.51 -19.77
N LEU A 1030 1.80 -20.50 -20.59
CA LEU A 1030 2.11 -20.63 -22.02
C LEU A 1030 3.59 -20.82 -22.25
N GLY A 1031 4.42 -20.19 -21.42
CA GLY A 1031 5.86 -20.28 -21.62
C GLY A 1031 6.41 -21.68 -21.52
N ARG A 1032 5.68 -22.58 -20.88
CA ARG A 1032 6.11 -23.97 -20.79
C ARG A 1032 5.85 -24.73 -22.08
N LEU A 1033 4.99 -24.19 -22.95
CA LEU A 1033 4.57 -24.87 -24.16
C LEU A 1033 5.32 -24.40 -25.39
N VAL A 1034 6.40 -23.67 -25.21
CA VAL A 1034 7.25 -23.21 -26.30
C VAL A 1034 8.69 -23.54 -25.93
N THR A 1035 9.56 -23.57 -26.95
CA THR A 1035 10.94 -23.97 -26.70
C THR A 1035 11.73 -22.89 -25.96
N THR A 1036 11.44 -21.62 -26.21
CA THR A 1036 12.08 -20.51 -25.52
C THR A 1036 10.98 -19.70 -24.86
N ALA A 1037 10.99 -19.66 -23.53
CA ALA A 1037 9.89 -19.05 -22.80
C ALA A 1037 9.92 -17.54 -22.99
N PRO A 1038 8.79 -16.91 -23.27
CA PRO A 1038 8.75 -15.44 -23.29
C PRO A 1038 8.78 -14.90 -21.87
N VAL A 1039 8.88 -13.58 -21.77
CA VAL A 1039 8.79 -12.87 -20.50
C VAL A 1039 7.30 -12.60 -20.25
N PRO A 1040 6.69 -13.21 -19.23
CA PRO A 1040 5.26 -13.00 -19.02
C PRO A 1040 4.99 -11.55 -18.65
N PRO A 1041 3.75 -11.09 -18.85
CA PRO A 1041 3.40 -9.75 -18.36
C PRO A 1041 3.64 -9.65 -16.87
N GLN A 1042 4.10 -8.48 -16.45
CA GLN A 1042 4.35 -8.13 -15.05
C GLN A 1042 5.38 -9.00 -14.36
N HIS A 1043 6.14 -9.81 -15.09
CA HIS A 1043 6.99 -10.82 -14.49
C HIS A 1043 8.40 -10.27 -14.33
N SER A 1044 8.68 -9.76 -13.14
CA SER A 1044 10.01 -9.26 -12.79
C SER A 1044 10.00 -9.09 -11.29
N SER A 1045 11.20 -8.88 -10.74
CA SER A 1045 11.31 -8.57 -9.33
C SER A 1045 12.53 -7.71 -9.11
N VAL A 1046 12.38 -6.67 -8.28
CA VAL A 1046 13.52 -5.84 -7.94
C VAL A 1046 14.38 -6.45 -6.85
N HIS A 1047 13.96 -7.57 -6.30
CA HIS A 1047 14.65 -8.16 -5.16
C HIS A 1047 15.67 -9.17 -5.64
N THR A 1048 16.81 -9.20 -4.96
CA THR A 1048 17.89 -10.09 -5.31
C THR A 1048 18.16 -11.00 -4.11
N ASP A 1049 18.17 -12.30 -4.36
CA ASP A 1049 18.38 -13.23 -3.29
C ASP A 1049 19.76 -12.99 -2.67
N PRO A 1050 19.85 -12.83 -1.35
CA PRO A 1050 21.14 -12.47 -0.76
C PRO A 1050 22.13 -13.60 -0.73
N VAL A 1051 21.65 -14.84 -0.72
CA VAL A 1051 22.56 -15.97 -0.81
C VAL A 1051 23.14 -16.06 -2.20
N LEU A 1052 22.34 -15.77 -3.23
CA LEU A 1052 22.89 -15.63 -4.57
C LEU A 1052 24.00 -14.60 -4.60
N LEU A 1053 23.75 -13.43 -3.99
CA LEU A 1053 24.78 -12.39 -3.98
C LEU A 1053 26.04 -12.87 -3.28
N ASP A 1054 25.90 -13.58 -2.15
CA ASP A 1054 27.06 -14.11 -1.46
C ASP A 1054 27.78 -15.14 -2.31
N PHE A 1055 27.03 -15.95 -3.04
CA PHE A 1055 27.65 -16.93 -3.92
C PHE A 1055 28.41 -16.25 -5.05
N ALA A 1056 27.82 -15.21 -5.64
CA ALA A 1056 28.52 -14.46 -6.69
C ALA A 1056 29.84 -13.89 -6.18
N LYS A 1057 29.85 -13.36 -4.96
CA LYS A 1057 31.11 -12.84 -4.41
C LYS A 1057 32.10 -13.95 -4.17
N TRP A 1058 31.63 -15.09 -3.68
CA TRP A 1058 32.49 -16.25 -3.50
C TRP A 1058 33.09 -16.69 -4.82
N LEU A 1059 32.27 -16.75 -5.88
CA LEU A 1059 32.78 -17.12 -7.19
C LEU A 1059 33.89 -16.20 -7.64
N ASP A 1060 33.71 -14.90 -7.45
CA ASP A 1060 34.76 -13.96 -7.83
C ASP A 1060 36.01 -14.18 -7.02
N GLY A 1061 35.87 -14.43 -5.72
CA GLY A 1061 37.03 -14.73 -4.89
C GLY A 1061 37.76 -15.98 -5.31
N LYS A 1062 37.03 -16.96 -5.86
CA LYS A 1062 37.62 -18.20 -6.34
C LYS A 1062 38.24 -18.06 -7.73
N GLY A 1063 38.06 -16.91 -8.37
CA GLY A 1063 38.53 -16.68 -9.72
C GLY A 1063 37.59 -17.11 -10.83
N ALA A 1064 36.37 -17.55 -10.49
CA ALA A 1064 35.36 -17.96 -11.49
C ALA A 1064 34.61 -16.71 -11.95
N ARG A 1065 35.33 -15.89 -12.72
CA ARG A 1065 34.83 -14.55 -13.05
CA ARG A 1065 34.82 -14.55 -13.04
C ARG A 1065 33.57 -14.62 -13.92
N ALA A 1066 33.62 -15.42 -14.99
CA ALA A 1066 32.46 -15.50 -15.86
C ALA A 1066 31.25 -16.06 -15.12
N GLU A 1067 31.49 -17.03 -14.23
CA GLU A 1067 30.39 -17.62 -13.48
C GLU A 1067 29.80 -16.62 -12.50
N ALA A 1068 30.67 -15.82 -11.86
CA ALA A 1068 30.19 -14.77 -10.97
C ALA A 1068 29.30 -13.79 -11.72
N GLU A 1069 29.71 -13.39 -12.93
CA GLU A 1069 28.86 -12.53 -13.75
C GLU A 1069 27.54 -13.20 -14.08
N ALA A 1070 27.58 -14.48 -14.43
CA ALA A 1070 26.34 -15.19 -14.73
C ALA A 1070 25.47 -15.29 -13.48
N ALA A 1071 26.10 -15.46 -12.32
CA ALA A 1071 25.35 -15.51 -11.07
C ALA A 1071 24.66 -14.18 -10.81
N ARG A 1072 25.40 -13.08 -10.96
CA ARG A 1072 24.77 -11.78 -10.81
C ARG A 1072 23.61 -11.60 -11.79
N ASN A 1073 23.82 -12.03 -13.05
CA ASN A 1073 22.74 -11.94 -14.03
C ASN A 1073 21.54 -12.76 -13.61
N ALA A 1074 21.77 -13.97 -13.07
CA ALA A 1074 20.65 -14.79 -12.61
C ALA A 1074 19.92 -14.10 -11.46
N GLY A 1075 20.68 -13.46 -10.57
CA GLY A 1075 20.05 -12.76 -9.45
C GLY A 1075 19.10 -11.68 -9.93
N SER A 1076 19.49 -10.95 -10.98
CA SER A 1076 18.65 -9.89 -11.54
C SER A 1076 17.49 -10.47 -12.33
N SER A 1077 17.74 -11.53 -13.11
CA SER A 1077 16.71 -12.09 -13.97
CA SER A 1077 16.73 -12.11 -13.97
C SER A 1077 15.64 -12.83 -13.19
N SER A 1078 15.98 -13.34 -12.01
CA SER A 1078 15.02 -14.05 -11.20
C SER A 1078 13.82 -13.16 -10.88
N ALA A 1079 12.62 -13.73 -10.92
CA ALA A 1079 11.43 -13.02 -10.51
C ALA A 1079 11.01 -13.39 -9.11
N LEU A 1080 11.86 -14.11 -8.37
CA LEU A 1080 11.61 -14.37 -6.96
C LEU A 1080 11.28 -13.09 -6.23
N GLY A 1081 10.19 -13.11 -5.47
CA GLY A 1081 9.78 -11.90 -4.76
C GLY A 1081 8.71 -11.10 -5.49
N LEU A 1082 8.36 -11.47 -6.72
CA LEU A 1082 7.24 -10.85 -7.37
CA LEU A 1082 7.23 -10.86 -7.38
C LEU A 1082 6.00 -10.95 -6.47
N ASP A 1083 5.26 -9.85 -6.38
CA ASP A 1083 4.15 -9.79 -5.43
C ASP A 1083 3.10 -8.85 -6.03
N LEU A 1084 2.07 -9.43 -6.63
CA LEU A 1084 1.09 -8.66 -7.39
C LEU A 1084 -0.30 -8.87 -6.82
N GLU A 1085 -1.13 -7.85 -7.00
CA GLU A 1085 -2.56 -7.99 -6.79
C GLU A 1085 -3.23 -8.06 -8.14
N LEU A 1086 -4.02 -9.10 -8.36
CA LEU A 1086 -4.67 -9.31 -9.64
C LEU A 1086 -6.07 -8.71 -9.61
N PRO A 1087 -6.48 -8.05 -10.70
CA PRO A 1087 -7.82 -7.46 -10.74
C PRO A 1087 -8.88 -8.53 -10.58
N GLY A 1088 -9.92 -8.20 -9.84
CA GLY A 1088 -10.99 -9.12 -9.60
C GLY A 1088 -12.20 -8.42 -9.03
N PRO A 1089 -13.08 -9.20 -8.39
CA PRO A 1089 -14.30 -8.62 -7.83
C PRO A 1089 -13.98 -7.76 -6.61
N VAL A 1090 -14.90 -6.84 -6.33
CA VAL A 1090 -14.84 -6.11 -5.08
C VAL A 1090 -14.97 -7.07 -3.90
N GLY A 1091 -14.51 -6.60 -2.75
CA GLY A 1091 -14.66 -7.39 -1.54
C GLY A 1091 -13.73 -8.58 -1.48
N GLU A 1092 -12.71 -8.60 -2.32
CA GLU A 1092 -11.74 -9.68 -2.33
C GLU A 1092 -10.41 -9.07 -2.73
N ARG A 1093 -9.33 -9.58 -2.14
CA ARG A 1093 -7.99 -9.25 -2.61
C ARG A 1093 -7.36 -10.54 -3.11
N ASN A 1094 -6.92 -10.52 -4.35
CA ASN A 1094 -6.36 -11.71 -4.97
C ASN A 1094 -4.90 -11.44 -5.29
N LEU A 1095 -4.03 -12.17 -4.62
CA LEU A 1095 -2.60 -11.92 -4.65
C LEU A 1095 -1.90 -13.05 -5.37
N TYR A 1096 -0.78 -12.71 -6.00
CA TYR A 1096 -0.03 -13.67 -6.78
C TYR A 1096 1.42 -13.39 -6.50
N THR A 1097 2.15 -14.39 -6.01
CA THR A 1097 3.50 -14.18 -5.52
C THR A 1097 4.39 -15.31 -6.02
N LEU A 1098 5.67 -15.01 -6.22
CA LEU A 1098 6.65 -16.00 -6.63
C LEU A 1098 7.61 -16.24 -5.47
N HIS A 1099 7.67 -17.50 -5.06
CA HIS A 1099 8.51 -17.96 -3.95
C HIS A 1099 9.52 -18.97 -4.45
N ALA A 1100 10.46 -19.33 -3.58
CA ALA A 1100 11.33 -20.45 -3.88
C ALA A 1100 10.52 -21.72 -3.98
N ARG A 1101 11.00 -22.67 -4.78
CA ARG A 1101 10.33 -23.97 -4.87
CA ARG A 1101 10.34 -23.96 -4.87
C ARG A 1101 10.65 -24.84 -3.67
N GLY A 1102 11.89 -24.80 -3.20
CA GLY A 1102 12.28 -25.65 -2.11
C GLY A 1102 13.71 -26.11 -2.29
N ARG A 1103 13.95 -27.41 -2.22
CA ARG A 1103 15.30 -27.94 -2.43
C ARG A 1103 15.37 -28.51 -3.84
N ILE A 1104 16.30 -27.99 -4.64
CA ILE A 1104 16.47 -28.43 -6.01
C ILE A 1104 17.60 -29.45 -6.04
N LEU A 1105 17.36 -30.58 -6.69
CA LEU A 1105 18.40 -31.55 -6.94
C LEU A 1105 19.27 -31.06 -8.08
N LEU A 1106 20.57 -30.94 -7.83
CA LEU A 1106 21.53 -30.55 -8.84
C LEU A 1106 22.33 -31.78 -9.25
N VAL A 1107 22.33 -32.06 -10.54
CA VAL A 1107 23.12 -33.17 -11.06
C VAL A 1107 24.11 -32.57 -12.06
N PRO A 1108 25.23 -32.04 -11.59
CA PRO A 1108 26.19 -31.41 -12.51
C PRO A 1108 27.13 -32.43 -13.11
N ALA A 1109 27.81 -32.01 -14.18
CA ALA A 1109 28.88 -32.79 -14.78
C ALA A 1109 30.22 -32.11 -14.68
N THR A 1110 30.24 -30.78 -14.73
CA THR A 1110 31.48 -30.03 -14.72
C THR A 1110 31.39 -28.99 -13.62
N GLU A 1111 32.55 -28.47 -13.24
CA GLU A 1111 32.57 -27.40 -12.24
C GLU A 1111 31.77 -26.19 -12.70
N SER A 1112 31.99 -25.75 -13.94
CA SER A 1112 31.26 -24.59 -14.43
C SER A 1112 29.77 -24.86 -14.49
N GLY A 1113 29.38 -26.06 -14.93
CA GLY A 1113 27.97 -26.39 -14.92
C GLY A 1113 27.39 -26.34 -13.52
N LEU A 1114 28.13 -26.84 -12.53
CA LEU A 1114 27.66 -26.77 -11.15
C LEU A 1114 27.46 -25.33 -10.72
N TYR A 1115 28.42 -24.46 -11.04
CA TYR A 1115 28.30 -23.07 -10.63
C TYR A 1115 27.09 -22.40 -11.28
N HIS A 1116 26.84 -22.68 -12.56
CA HIS A 1116 25.66 -22.17 -13.22
C HIS A 1116 24.38 -22.74 -12.60
N GLN A 1117 24.38 -24.04 -12.31
CA GLN A 1117 23.21 -24.64 -11.69
C GLN A 1117 22.95 -24.02 -10.32
N LEU A 1118 24.00 -23.86 -9.52
CA LEU A 1118 23.86 -23.26 -8.21
C LEU A 1118 23.37 -21.83 -8.32
N ALA A 1119 23.92 -21.07 -9.26
CA ALA A 1119 23.47 -19.70 -9.43
C ALA A 1119 21.99 -19.64 -9.76
N ALA A 1120 21.53 -20.49 -10.68
CA ALA A 1120 20.12 -20.50 -11.04
C ALA A 1120 19.27 -20.83 -9.83
N ALA A 1121 19.67 -21.84 -9.07
CA ALA A 1121 18.86 -22.28 -7.94
C ALA A 1121 18.85 -21.26 -6.81
N LEU A 1122 20.01 -20.70 -6.48
CA LEU A 1122 20.08 -19.71 -5.40
C LEU A 1122 19.39 -18.42 -5.79
N ALA A 1123 19.50 -18.00 -7.06
CA ALA A 1123 18.86 -16.77 -7.49
C ALA A 1123 17.35 -16.84 -7.36
N THR A 1124 16.80 -18.05 -7.33
CA THR A 1124 15.37 -18.27 -7.18
C THR A 1124 15.01 -18.71 -5.78
N GLY A 1125 15.93 -18.54 -4.83
CA GLY A 1125 15.64 -18.67 -3.42
C GLY A 1125 15.72 -20.08 -2.88
N ASN A 1126 16.13 -21.04 -3.70
CA ASN A 1126 16.08 -22.44 -3.32
C ASN A 1126 17.33 -22.86 -2.57
N SER A 1127 17.20 -23.95 -1.84
CA SER A 1127 18.36 -24.71 -1.40
C SER A 1127 18.63 -25.79 -2.43
N VAL A 1128 19.76 -26.48 -2.29
CA VAL A 1128 20.12 -27.49 -3.26
C VAL A 1128 20.60 -28.74 -2.57
N ALA A 1129 20.41 -29.87 -3.24
CA ALA A 1129 21.12 -31.09 -2.93
C ALA A 1129 21.91 -31.46 -4.17
N ILE A 1130 23.24 -31.52 -4.03
CA ILE A 1130 24.12 -31.73 -5.16
C ILE A 1130 24.51 -33.19 -5.21
N ASP A 1131 24.42 -33.80 -6.39
CA ASP A 1131 24.80 -35.19 -6.57
C ASP A 1131 26.24 -35.42 -6.15
N ALA A 1132 26.43 -36.21 -5.09
CA ALA A 1132 27.78 -36.51 -4.61
C ALA A 1132 28.56 -37.34 -5.61
N ALA A 1133 27.86 -38.11 -6.45
CA ALA A 1133 28.54 -38.94 -7.44
C ALA A 1133 29.17 -38.11 -8.56
N SER A 1134 28.91 -36.81 -8.60
CA SER A 1134 29.55 -35.97 -9.59
C SER A 1134 31.03 -35.79 -9.34
N GLY A 1135 31.49 -36.07 -8.12
CA GLY A 1135 32.89 -35.86 -7.79
C GLY A 1135 33.32 -34.41 -7.75
N LEU A 1136 32.39 -33.47 -7.63
CA LEU A 1136 32.72 -32.06 -7.72
C LEU A 1136 32.83 -31.39 -6.36
N GLN A 1137 32.92 -32.18 -5.27
CA GLN A 1137 33.02 -31.62 -3.93
C GLN A 1137 34.12 -30.57 -3.82
N ALA A 1138 35.29 -30.83 -4.42
CA ALA A 1138 36.38 -29.88 -4.29
C ALA A 1138 36.10 -28.54 -4.97
N SER A 1139 35.03 -28.43 -5.76
CA SER A 1139 34.71 -27.18 -6.42
C SER A 1139 33.95 -26.21 -5.52
N LEU A 1140 33.51 -26.64 -4.34
CA LEU A 1140 32.72 -25.81 -3.43
C LEU A 1140 33.38 -25.68 -2.07
N LYS A 1141 34.71 -25.53 -2.05
CA LYS A 1141 35.42 -25.36 -0.81
C LYS A 1141 35.28 -23.93 -0.28
N ASN A 1142 35.15 -23.80 1.04
CA ASN A 1142 35.18 -22.51 1.72
C ASN A 1142 33.97 -21.64 1.38
N LEU A 1143 32.80 -22.24 1.25
CA LEU A 1143 31.63 -21.45 0.96
C LEU A 1143 31.30 -20.53 2.14
N PRO A 1144 30.76 -19.34 1.87
CA PRO A 1144 30.20 -18.54 2.96
C PRO A 1144 29.15 -19.37 3.68
N GLN A 1145 29.07 -19.18 4.99
CA GLN A 1145 28.07 -19.90 5.79
C GLN A 1145 26.66 -19.72 5.24
N THR A 1146 26.34 -18.55 4.70
CA THR A 1146 24.99 -18.34 4.16
C THR A 1146 24.72 -19.27 3.00
N VAL A 1147 25.73 -19.50 2.15
CA VAL A 1147 25.56 -20.40 1.02
C VAL A 1147 25.61 -21.84 1.48
N GLY A 1148 26.58 -22.17 2.34
CA GLY A 1148 26.64 -23.52 2.88
C GLY A 1148 25.34 -23.98 3.51
N LEU A 1149 24.60 -23.06 4.15
CA LEU A 1149 23.33 -23.41 4.75
C LEU A 1149 22.33 -23.90 3.71
N ARG A 1150 22.47 -23.45 2.47
CA ARG A 1150 21.58 -23.86 1.40
C ARG A 1150 22.08 -25.07 0.64
N VAL A 1151 23.29 -25.55 0.91
CA VAL A 1151 23.93 -26.58 0.11
C VAL A 1151 24.05 -27.86 0.92
N SER A 1152 23.55 -28.95 0.36
CA SER A 1152 23.80 -30.28 0.87
C SER A 1152 24.30 -31.14 -0.27
N TRP A 1153 25.01 -32.20 0.08
CA TRP A 1153 25.49 -33.17 -0.88
C TRP A 1153 24.74 -34.48 -0.67
N SER A 1154 24.33 -35.10 -1.77
CA SER A 1154 23.45 -36.25 -1.69
C SER A 1154 24.07 -37.43 -2.42
N LYS A 1155 24.35 -38.50 -1.69
CA LYS A 1155 24.72 -39.76 -2.33
C LYS A 1155 23.51 -40.62 -2.66
N ASP A 1156 22.48 -40.56 -1.83
CA ASP A 1156 21.25 -41.35 -2.01
C ASP A 1156 20.14 -40.32 -2.20
N TRP A 1157 19.85 -39.99 -3.46
CA TRP A 1157 18.89 -38.92 -3.72
C TRP A 1157 17.54 -39.21 -3.11
N ALA A 1158 17.12 -40.48 -3.12
CA ALA A 1158 15.81 -40.84 -2.60
C ALA A 1158 15.71 -40.62 -1.10
N ALA A 1159 16.85 -40.63 -0.39
CA ALA A 1159 16.85 -40.41 1.05
C ALA A 1159 16.78 -38.93 1.41
N ASP A 1160 17.18 -38.05 0.51
CA ASP A 1160 17.36 -36.63 0.82
C ASP A 1160 16.25 -35.76 0.25
N GLY A 1161 15.22 -36.36 -0.33
CA GLY A 1161 14.09 -35.61 -0.82
C GLY A 1161 13.10 -35.29 0.29
N PRO A 1162 11.92 -34.79 -0.08
CA PRO A 1162 11.46 -34.54 -1.45
C PRO A 1162 12.15 -33.32 -2.03
N PHE A 1163 12.45 -33.38 -3.31
CA PHE A 1163 12.94 -32.21 -4.00
C PHE A 1163 11.77 -31.48 -4.66
N ALA A 1164 12.04 -30.26 -5.10
CA ALA A 1164 11.02 -29.44 -5.75
C ALA A 1164 11.37 -29.15 -7.20
N GLY A 1165 12.43 -29.75 -7.70
CA GLY A 1165 12.83 -29.62 -9.08
C GLY A 1165 14.23 -30.17 -9.20
N ALA A 1166 14.75 -30.14 -10.43
CA ALA A 1166 16.09 -30.66 -10.63
C ALA A 1166 16.73 -29.94 -11.82
N LEU A 1167 18.04 -29.80 -11.75
CA LEU A 1167 18.85 -29.27 -12.83
C LEU A 1167 19.92 -30.32 -13.14
N VAL A 1168 20.03 -30.66 -14.42
CA VAL A 1168 20.89 -31.75 -14.87
C VAL A 1168 21.79 -31.21 -15.95
N GLU A 1169 23.07 -31.59 -15.89
CA GLU A 1169 24.03 -31.26 -16.92
C GLU A 1169 24.58 -32.57 -17.48
N GLY A 1170 24.63 -32.67 -18.80
CA GLY A 1170 25.28 -33.81 -19.39
C GLY A 1170 24.95 -33.95 -20.85
N ASP A 1171 25.58 -34.92 -21.48
CA ASP A 1171 25.20 -35.28 -22.84
C ASP A 1171 23.84 -35.98 -22.83
N ALA A 1172 23.34 -36.27 -24.03
CA ALA A 1172 21.98 -36.80 -24.16
C ALA A 1172 21.79 -38.07 -23.35
N GLU A 1173 22.74 -39.01 -23.42
CA GLU A 1173 22.55 -40.27 -22.71
C GLU A 1173 22.69 -40.09 -21.20
N ARG A 1174 23.57 -39.19 -20.75
CA ARG A 1174 23.61 -38.86 -19.33
C ARG A 1174 22.30 -38.26 -18.86
N ILE A 1175 21.73 -37.35 -19.65
CA ILE A 1175 20.45 -36.74 -19.30
C ILE A 1175 19.37 -37.82 -19.19
N ARG A 1176 19.36 -38.74 -20.17
CA ARG A 1176 18.35 -39.80 -20.15
C ARG A 1176 18.50 -40.65 -18.89
N ALA A 1177 19.73 -41.02 -18.55
CA ALA A 1177 19.95 -41.86 -17.37
C ALA A 1177 19.56 -41.13 -16.10
N VAL A 1178 19.93 -39.85 -16.00
CA VAL A 1178 19.57 -39.08 -14.82
C VAL A 1178 18.06 -38.92 -14.73
N ASN A 1179 17.40 -38.67 -15.86
CA ASN A 1179 15.96 -38.50 -15.87
C ASN A 1179 15.26 -39.77 -15.36
N LYS A 1180 15.78 -40.93 -15.74
CA LYS A 1180 15.22 -42.19 -15.23
C LYS A 1180 15.42 -42.31 -13.73
N ALA A 1181 16.61 -41.95 -13.24
CA ALA A 1181 16.85 -42.01 -11.80
C ALA A 1181 15.97 -41.01 -11.05
N ILE A 1182 15.76 -39.82 -11.60
CA ILE A 1182 14.91 -38.85 -10.93
C ILE A 1182 13.46 -39.32 -10.90
N ALA A 1183 12.99 -39.91 -12.00
CA ALA A 1183 11.62 -40.38 -12.04
C ALA A 1183 11.38 -41.46 -11.00
N ALA A 1184 12.43 -42.19 -10.64
CA ALA A 1184 12.32 -43.27 -9.67
C ALA A 1184 12.31 -42.77 -8.24
N LEU A 1185 12.59 -41.49 -8.01
CA LEU A 1185 12.55 -40.98 -6.65
C LEU A 1185 11.12 -41.04 -6.11
N PRO A 1186 10.94 -41.38 -4.84
CA PRO A 1186 9.59 -41.39 -4.28
C PRO A 1186 9.02 -39.98 -4.20
N GLY A 1187 7.69 -39.91 -4.22
CA GLY A 1187 7.00 -38.68 -3.91
C GLY A 1187 6.68 -37.85 -5.14
N PRO A 1188 6.98 -36.55 -5.06
CA PRO A 1188 6.46 -35.63 -6.07
C PRO A 1188 7.15 -35.80 -7.41
N LEU A 1189 6.40 -35.52 -8.47
CA LEU A 1189 7.03 -35.38 -9.78
C LEU A 1189 7.93 -34.16 -9.75
N LEU A 1190 9.14 -34.29 -10.29
CA LEU A 1190 10.09 -33.19 -10.29
C LEU A 1190 10.10 -32.54 -11.67
N LEU A 1191 9.99 -31.22 -11.69
CA LEU A 1191 10.23 -30.48 -12.92
C LEU A 1191 11.74 -30.44 -13.15
N VAL A 1192 12.20 -31.20 -14.13
CA VAL A 1192 13.60 -31.37 -14.45
C VAL A 1192 13.94 -30.49 -15.64
N GLN A 1193 15.04 -29.76 -15.55
CA GLN A 1193 15.61 -29.04 -16.67
C GLN A 1193 17.00 -29.58 -16.91
N ALA A 1194 17.31 -29.89 -18.16
CA ALA A 1194 18.61 -30.43 -18.50
C ALA A 1194 19.29 -29.56 -19.56
N ALA A 1195 20.61 -29.59 -19.54
CA ALA A 1195 21.38 -28.88 -20.54
C ALA A 1195 22.71 -29.58 -20.68
N SER A 1196 23.29 -29.50 -21.88
CA SER A 1196 24.64 -29.99 -22.03
C SER A 1196 25.63 -28.95 -21.51
N SER A 1197 26.89 -29.38 -21.33
CA SER A 1197 27.91 -28.43 -20.91
C SER A 1197 28.05 -27.31 -21.93
N GLY A 1198 28.02 -27.66 -23.22
CA GLY A 1198 28.11 -26.64 -24.25
C GLY A 1198 26.93 -25.69 -24.25
N GLU A 1199 25.73 -26.22 -24.01
CA GLU A 1199 24.55 -25.36 -23.92
C GLU A 1199 24.69 -24.37 -22.78
N ILE A 1200 25.18 -24.82 -21.63
CA ILE A 1200 25.40 -23.91 -20.51
C ILE A 1200 26.38 -22.81 -20.91
N ALA A 1201 27.41 -23.15 -21.68
CA ALA A 1201 28.38 -22.16 -22.10
C ALA A 1201 27.78 -21.18 -23.10
N ARG A 1202 26.90 -21.66 -23.97
CA ARG A 1202 26.38 -20.82 -25.04
C ARG A 1202 25.14 -20.04 -24.64
N ASN A 1203 24.30 -20.58 -23.77
CA ASN A 1203 22.97 -20.00 -23.55
C ASN A 1203 22.83 -19.57 -22.10
N PRO A 1204 22.79 -18.26 -21.81
CA PRO A 1204 22.59 -17.82 -20.43
C PRO A 1204 21.32 -18.34 -19.81
N ASP A 1205 20.33 -18.72 -20.61
CA ASP A 1205 19.07 -19.24 -20.12
C ASP A 1205 18.94 -20.74 -20.33
N ALA A 1206 20.08 -21.44 -20.41
CA ALA A 1206 20.06 -22.89 -20.49
C ALA A 1206 19.12 -23.49 -19.47
N TYR A 1207 19.16 -22.98 -18.24
CA TYR A 1207 18.19 -23.30 -17.21
C TYR A 1207 17.28 -22.09 -17.03
N CYS A 1208 15.99 -22.29 -17.23
CA CYS A 1208 15.04 -21.21 -17.21
C CYS A 1208 14.58 -20.96 -15.79
N LEU A 1209 14.71 -19.72 -15.32
CA LEU A 1209 14.36 -19.40 -13.95
C LEU A 1209 12.84 -19.42 -13.70
N ASN A 1210 12.02 -19.39 -14.76
CA ASN A 1210 10.57 -19.49 -14.58
C ASN A 1210 10.21 -20.75 -13.81
N TRP A 1211 10.94 -21.85 -14.04
CA TRP A 1211 10.56 -23.13 -13.49
C TRP A 1211 11.26 -23.43 -12.17
N LEU A 1212 12.05 -22.48 -11.65
CA LEU A 1212 12.73 -22.63 -10.38
C LEU A 1212 12.07 -21.82 -9.27
N VAL A 1213 11.00 -21.10 -9.57
CA VAL A 1213 10.19 -20.45 -8.56
C VAL A 1213 8.85 -21.17 -8.50
N GLU A 1214 8.14 -20.91 -7.42
CA GLU A 1214 6.85 -21.50 -7.15
C GLU A 1214 5.84 -20.38 -7.07
N GLU A 1215 4.76 -20.50 -7.84
CA GLU A 1215 3.70 -19.51 -7.78
C GLU A 1215 2.79 -19.83 -6.61
N VAL A 1216 2.37 -18.79 -5.91
CA VAL A 1216 1.38 -18.92 -4.86
C VAL A 1216 0.29 -17.90 -5.10
N SER A 1217 -0.95 -18.36 -5.09
CA SER A 1217 -2.11 -17.50 -5.22
C SER A 1217 -2.78 -17.45 -3.87
N ALA A 1218 -3.16 -16.26 -3.44
CA ALA A 1218 -3.88 -16.10 -2.18
C ALA A 1218 -5.10 -15.24 -2.43
N SER A 1219 -6.27 -15.73 -2.01
CA SER A 1219 -7.52 -15.03 -2.20
C SER A 1219 -8.10 -14.75 -0.82
N ILE A 1220 -8.23 -13.46 -0.51
CA ILE A 1220 -8.66 -13.01 0.80
C ILE A 1220 -10.03 -12.36 0.66
N ASN A 1221 -11.01 -12.88 1.39
CA ASN A 1221 -12.34 -12.29 1.42
C ASN A 1221 -12.29 -11.09 2.36
N THR A 1222 -12.27 -9.88 1.80
CA THR A 1222 -12.17 -8.68 2.60
C THR A 1222 -13.53 -8.13 2.99
N ALA A 1223 -14.60 -8.82 2.62
CA ALA A 1223 -15.94 -8.50 3.08
C ALA A 1223 -16.37 -9.39 4.24
N ALA A 1224 -15.47 -10.24 4.76
CA ALA A 1224 -15.86 -11.24 5.75
C ALA A 1224 -16.27 -10.62 7.09
N ALA A 1225 -15.78 -9.42 7.41
CA ALA A 1225 -16.17 -8.78 8.66
C ALA A 1225 -17.61 -8.27 8.64
N GLY A 1226 -18.28 -8.30 7.48
CA GLY A 1226 -19.66 -7.87 7.39
C GLY A 1226 -19.91 -6.73 6.42
N GLY A 1227 -18.87 -6.18 5.81
CA GLY A 1227 -19.05 -5.07 4.88
C GLY A 1227 -17.78 -4.85 4.10
N ASN A 1228 -17.85 -3.92 3.17
CA ASN A 1228 -16.75 -3.62 2.25
C ASN A 1228 -16.25 -2.21 2.56
N ALA A 1229 -15.03 -2.12 3.10
CA ALA A 1229 -14.46 -0.82 3.45
C ALA A 1229 -14.22 0.04 2.21
N SER A 1230 -13.65 -0.56 1.15
CA SER A 1230 -13.36 0.23 -0.05
C SER A 1230 -14.63 0.80 -0.65
N LEU A 1231 -15.72 0.05 -0.63
CA LEU A 1231 -16.98 0.51 -1.19
C LEU A 1231 -17.72 1.49 -0.27
N MET A 1232 -17.29 1.63 0.99
CA MET A 1232 -17.86 2.67 1.84
C MET A 1232 -17.58 4.06 1.29
N ALA A 1233 -16.50 4.22 0.53
CA ALA A 1233 -16.17 5.49 -0.10
C ALA A 1233 -16.82 5.68 -1.46
N ILE A 1234 -17.51 4.66 -1.97
CA ILE A 1234 -18.16 4.72 -3.29
C ILE A 1234 -19.63 5.02 -3.08
N GLY A 1235 -20.05 6.21 -3.50
CA GLY A 1235 -21.44 6.61 -3.44
C GLY A 1235 -21.80 7.40 -4.69
N ALA B 16 39.00 43.78 14.97
CA ALA B 16 38.05 42.73 14.57
C ALA B 16 36.69 43.35 14.30
N PRO B 17 36.06 42.96 13.20
CA PRO B 17 34.73 43.49 12.89
C PRO B 17 33.74 43.13 13.99
N ALA B 18 32.88 44.10 14.33
CA ALA B 18 31.87 43.88 15.35
C ALA B 18 30.99 42.70 14.94
N PRO B 19 30.60 41.85 15.88
CA PRO B 19 29.79 40.68 15.52
C PRO B 19 28.48 41.10 14.87
N PHE B 20 28.17 40.48 13.74
CA PHE B 20 26.91 40.65 13.02
C PHE B 20 26.73 42.04 12.43
N ALA B 21 27.77 42.86 12.39
CA ALA B 21 27.63 44.21 11.86
C ALA B 21 27.31 44.23 10.38
N ASP B 22 27.65 43.17 9.66
CA ASP B 22 27.35 43.06 8.23
C ASP B 22 26.66 41.74 7.95
N PHE B 23 25.72 41.36 8.82
CA PHE B 23 25.15 40.02 8.71
C PHE B 23 24.41 39.81 7.40
N ALA B 24 23.46 40.69 7.09
CA ALA B 24 22.69 40.52 5.87
C ALA B 24 22.09 41.85 5.42
N PRO B 25 22.90 42.86 5.13
CA PRO B 25 22.35 44.17 4.74
C PRO B 25 21.58 44.03 3.44
N PRO B 26 20.42 44.67 3.32
CA PRO B 26 19.65 44.56 2.08
C PRO B 26 20.36 45.27 0.93
N VAL B 27 20.03 44.85 -0.29
CA VAL B 27 20.62 45.47 -1.47
C VAL B 27 20.32 46.95 -1.49
N ARG B 28 19.13 47.34 -1.08
CA ARG B 28 18.71 48.74 -1.09
C ARG B 28 17.71 48.95 0.03
N PRO B 29 17.53 50.18 0.49
CA PRO B 29 16.45 50.45 1.44
C PRO B 29 15.11 50.03 0.83
N GLN B 30 14.28 49.41 1.65
CA GLN B 30 13.03 48.83 1.18
C GLN B 30 11.96 49.90 1.12
N SER B 31 11.46 50.18 -0.09
CA SER B 31 10.42 51.15 -0.30
C SER B 31 9.10 50.65 0.27
N THR B 32 8.12 51.55 0.35
CA THR B 32 6.79 51.16 0.78
C THR B 32 6.25 50.00 -0.05
N LEU B 33 6.40 50.08 -1.37
CA LEU B 33 5.92 49.00 -2.23
C LEU B 33 6.69 47.70 -1.99
N ARG B 34 8.01 47.79 -1.82
CA ARG B 34 8.77 46.57 -1.56
C ARG B 34 8.36 45.96 -0.21
N ARG B 35 8.11 46.81 0.78
CA ARG B 35 7.70 46.30 2.08
C ARG B 35 6.34 45.61 2.01
N ALA B 36 5.44 46.12 1.17
CA ALA B 36 4.14 45.49 1.04
C ALA B 36 4.27 44.11 0.41
N ILE B 37 5.23 43.94 -0.49
CA ILE B 37 5.52 42.62 -1.02
C ILE B 37 5.95 41.68 0.09
N THR B 38 7.00 42.09 0.83
CA THR B 38 7.54 41.24 1.88
C THR B 38 6.47 40.90 2.92
N ALA B 39 5.60 41.87 3.24
CA ALA B 39 4.57 41.64 4.24
C ALA B 39 3.61 40.53 3.83
N ALA B 40 3.47 40.29 2.53
CA ALA B 40 2.52 39.29 2.04
C ALA B 40 3.13 37.90 1.90
N TYR B 41 4.44 37.77 2.14
CA TYR B 41 5.18 36.57 1.74
C TYR B 41 4.47 35.29 2.17
N ARG B 42 4.09 35.21 3.45
CA ARG B 42 3.43 34.01 3.96
C ARG B 42 2.10 34.34 4.62
N ARG B 43 1.40 35.31 4.07
CA ARG B 43 0.12 35.74 4.63
C ARG B 43 -0.87 34.57 4.63
N PRO B 44 -1.66 34.40 5.69
CA PRO B 44 -2.63 33.30 5.70
C PRO B 44 -3.52 33.33 4.48
N GLU B 45 -3.82 32.14 3.96
CA GLU B 45 -4.62 32.04 2.76
C GLU B 45 -5.99 32.68 2.93
N THR B 46 -6.58 32.59 4.12
CA THR B 46 -7.88 33.22 4.36
C THR B 46 -7.79 34.74 4.33
N GLU B 47 -6.60 35.31 4.52
CA GLU B 47 -6.45 36.75 4.37
C GLU B 47 -6.15 37.15 2.93
N CYS B 48 -5.49 36.29 2.17
CA CYS B 48 -5.15 36.64 0.79
C CYS B 48 -6.38 36.62 -0.10
N LEU B 49 -7.29 35.68 0.12
CA LEU B 49 -8.32 35.42 -0.87
C LEU B 49 -9.39 36.51 -1.03
N PRO B 50 -9.93 37.09 0.05
CA PRO B 50 -11.05 38.02 -0.10
C PRO B 50 -10.73 39.20 -1.02
N PRO B 51 -9.57 39.86 -0.88
CA PRO B 51 -9.29 40.94 -1.85
C PRO B 51 -9.13 40.45 -3.28
N LEU B 52 -8.62 39.23 -3.47
CA LEU B 52 -8.49 38.69 -4.82
C LEU B 52 -9.86 38.39 -5.42
N VAL B 53 -10.75 37.78 -4.62
CA VAL B 53 -12.12 37.55 -5.07
C VAL B 53 -12.76 38.86 -5.51
N GLU B 54 -12.61 39.91 -4.70
CA GLU B 54 -13.18 41.20 -5.04
C GLU B 54 -12.61 41.72 -6.36
N ALA B 55 -11.28 41.64 -6.52
CA ALA B 55 -10.65 42.16 -7.73
C ALA B 55 -11.00 41.32 -8.96
N ALA B 56 -11.23 40.02 -8.79
CA ALA B 56 -11.54 39.13 -9.90
C ALA B 56 -13.03 39.12 -10.26
N THR B 57 -13.87 39.84 -9.52
CA THR B 57 -15.30 39.78 -9.76
C THR B 57 -15.67 40.45 -11.08
N GLN B 58 -16.54 39.79 -11.84
CA GLN B 58 -17.05 40.35 -13.09
C GLN B 58 -18.58 40.24 -13.09
N SER B 59 -19.20 41.05 -13.94
CA SER B 59 -20.66 41.10 -14.03
C SER B 59 -21.20 39.77 -14.55
N LYS B 60 -22.50 39.56 -14.34
CA LYS B 60 -23.16 38.38 -14.89
C LYS B 60 -22.99 38.32 -16.40
N GLU B 61 -23.08 39.47 -17.07
CA GLU B 61 -22.96 39.50 -18.52
C GLU B 61 -21.61 38.98 -18.98
N ILE B 62 -20.53 39.53 -18.42
CA ILE B 62 -19.19 39.08 -18.80
C ILE B 62 -18.98 37.62 -18.40
N ARG B 63 -19.50 37.22 -17.23
CA ARG B 63 -19.32 35.84 -16.78
C ARG B 63 -20.02 34.85 -17.71
N ASP B 64 -21.26 35.14 -18.10
CA ASP B 64 -21.94 34.27 -19.06
C ASP B 64 -21.18 34.23 -20.37
N ALA B 65 -20.73 35.38 -20.87
CA ALA B 65 -20.00 35.42 -22.13
C ALA B 65 -18.71 34.62 -22.05
N ALA B 66 -18.02 34.70 -20.92
CA ALA B 66 -16.78 33.94 -20.76
C ALA B 66 -17.04 32.45 -20.68
N ALA B 67 -18.13 32.05 -20.02
CA ALA B 67 -18.46 30.63 -19.97
C ALA B 67 -18.79 30.09 -21.36
N SER B 68 -19.42 30.91 -22.21
CA SER B 68 -19.70 30.50 -23.58
C SER B 68 -18.41 30.44 -24.41
N THR B 69 -17.52 31.40 -24.24
CA THR B 69 -16.25 31.35 -24.95
C THR B 69 -15.42 30.15 -24.51
N ALA B 70 -15.35 29.91 -23.20
CA ALA B 70 -14.61 28.76 -22.71
C ALA B 70 -15.20 27.45 -23.23
N ARG B 71 -16.53 27.36 -23.31
CA ARG B 71 -17.15 26.17 -23.87
C ARG B 71 -16.76 25.98 -25.33
N LYS B 72 -16.77 27.07 -26.10
CA LYS B 72 -16.40 26.99 -27.51
C LYS B 72 -14.96 26.53 -27.67
N LEU B 73 -14.07 26.94 -26.75
CA LEU B 73 -12.68 26.53 -26.86
C LEU B 73 -12.50 25.06 -26.48
N ILE B 74 -13.21 24.60 -25.44
CA ILE B 74 -13.01 23.25 -24.94
C ILE B 74 -13.58 22.22 -25.90
N GLU B 75 -14.80 22.46 -26.39
CA GLU B 75 -15.37 21.59 -27.42
C GLU B 75 -14.44 21.49 -28.62
N ALA B 76 -13.89 22.63 -29.07
CA ALA B 76 -12.91 22.62 -30.15
C ALA B 76 -11.71 21.74 -29.80
N LEU B 77 -11.19 21.85 -28.57
CA LEU B 77 -10.05 21.05 -28.17
C LEU B 77 -10.40 19.57 -28.12
N ARG B 78 -11.55 19.23 -27.54
CA ARG B 78 -11.93 17.84 -27.37
C ARG B 78 -12.38 17.20 -28.68
N GLY B 79 -12.63 18.00 -29.70
CA GLY B 79 -13.10 17.52 -30.98
C GLY B 79 -12.02 17.23 -31.99
N LYS B 80 -10.75 17.39 -31.63
CA LYS B 80 -9.66 17.22 -32.58
C LYS B 80 -8.49 16.48 -31.95
N GLY B 85 0.42 11.03 -30.40
CA GLY B 85 1.45 10.26 -31.09
C GLY B 85 1.80 8.97 -30.38
N VAL B 86 2.17 9.08 -29.09
CA VAL B 86 2.49 7.89 -28.31
C VAL B 86 1.26 7.00 -28.14
N GLU B 87 0.10 7.61 -28.00
CA GLU B 87 -1.14 6.84 -27.87
C GLU B 87 -1.34 5.91 -29.07
N GLY B 88 -1.13 6.44 -30.29
CA GLY B 88 -1.30 5.60 -31.47
C GLY B 88 -0.27 4.49 -31.55
N LEU B 89 0.96 4.76 -31.10
CA LEU B 89 1.98 3.72 -31.08
C LEU B 89 1.62 2.63 -30.09
N VAL B 90 1.16 3.00 -28.90
CA VAL B 90 0.73 2.03 -27.90
C VAL B 90 -0.42 1.18 -28.42
N GLN B 91 -1.37 1.81 -29.12
CA GLN B 91 -2.50 1.04 -29.66
C GLN B 91 -2.07 0.13 -30.80
N GLU B 92 -1.20 0.62 -31.69
CA GLU B 92 -0.81 -0.18 -32.85
C GLU B 92 -0.08 -1.46 -32.45
N TYR B 93 0.80 -1.36 -31.46
CA TYR B 93 1.58 -2.52 -31.04
C TYR B 93 1.09 -3.14 -29.75
N SER B 94 -0.09 -2.72 -29.29
CA SER B 94 -0.70 -3.27 -28.07
C SER B 94 0.28 -3.27 -26.92
N LEU B 95 0.92 -2.11 -26.70
CA LEU B 95 1.92 -2.02 -25.65
C LEU B 95 1.25 -1.82 -24.32
N SER B 96 1.80 -2.48 -23.29
CA SER B 96 1.49 -2.07 -21.94
C SER B 96 2.16 -0.73 -21.67
N SER B 97 1.80 -0.10 -20.56
CA SER B 97 2.43 1.17 -20.20
C SER B 97 3.93 0.98 -20.01
N GLN B 98 4.35 -0.05 -19.28
CA GLN B 98 5.77 -0.29 -19.07
C GLN B 98 6.48 -0.55 -20.38
N GLU B 99 5.81 -1.24 -21.32
CA GLU B 99 6.42 -1.45 -22.63
C GLU B 99 6.57 -0.14 -23.38
N GLY B 100 5.56 0.72 -23.32
CA GLY B 100 5.68 2.02 -23.94
C GLY B 100 6.82 2.83 -23.36
N VAL B 101 6.96 2.82 -22.03
CA VAL B 101 8.04 3.55 -21.39
C VAL B 101 9.38 2.96 -21.81
N ALA B 102 9.50 1.63 -21.74
CA ALA B 102 10.76 0.98 -22.08
C ALA B 102 11.14 1.25 -23.53
N LEU B 103 10.15 1.24 -24.43
CA LEU B 103 10.41 1.49 -25.84
C LEU B 103 10.94 2.91 -26.04
N MET B 104 10.35 3.89 -25.35
CA MET B 104 10.83 5.25 -25.52
C MET B 104 12.22 5.41 -24.94
N CYS B 105 12.52 4.71 -23.85
CA CYS B 105 13.88 4.74 -23.33
C CYS B 105 14.86 4.18 -24.35
N LEU B 106 14.52 3.04 -24.95
CA LEU B 106 15.36 2.48 -26.00
C LEU B 106 15.50 3.44 -27.16
N ALA B 107 14.39 4.07 -27.54
CA ALA B 107 14.43 5.02 -28.65
C ALA B 107 15.32 6.21 -28.32
N GLU B 108 15.20 6.74 -27.10
CA GLU B 108 16.08 7.82 -26.65
C GLU B 108 17.54 7.41 -26.77
N ALA B 109 17.88 6.19 -26.33
CA ALA B 109 19.26 5.74 -26.42
C ALA B 109 19.70 5.60 -27.88
N LEU B 110 18.84 5.05 -28.73
CA LEU B 110 19.20 4.90 -30.14
C LEU B 110 19.41 6.25 -30.81
N LEU B 111 18.70 7.28 -30.37
CA LEU B 111 18.87 8.60 -30.95
C LEU B 111 20.16 9.29 -30.50
N ARG B 112 20.81 8.79 -29.46
CA ARG B 112 22.14 9.29 -29.13
C ARG B 112 23.17 8.85 -30.15
N ILE B 113 22.85 7.87 -30.99
CA ILE B 113 23.69 7.51 -32.13
C ILE B 113 23.40 8.51 -33.24
N PRO B 114 24.33 9.41 -33.55
CA PRO B 114 24.00 10.48 -34.50
C PRO B 114 23.85 10.01 -35.95
N ASP B 115 24.60 9.00 -36.36
CA ASP B 115 24.59 8.55 -37.74
C ASP B 115 23.39 7.64 -37.98
N THR B 116 22.50 8.04 -38.89
CA THR B 116 21.30 7.25 -39.17
C THR B 116 21.67 5.85 -39.65
N ALA B 117 22.69 5.73 -40.49
CA ALA B 117 23.08 4.42 -40.99
C ALA B 117 23.58 3.53 -39.87
N THR B 118 24.43 4.06 -38.99
CA THR B 118 24.93 3.28 -37.87
C THR B 118 23.78 2.88 -36.95
N ARG B 119 22.80 3.76 -36.79
CA ARG B 119 21.69 3.47 -35.89
C ARG B 119 20.79 2.39 -36.48
N ASP B 120 20.37 2.57 -37.73
CA ASP B 120 19.52 1.58 -38.38
C ASP B 120 20.21 0.22 -38.48
N ALA B 121 21.53 0.22 -38.62
CA ALA B 121 22.26 -1.05 -38.66
C ALA B 121 22.22 -1.75 -37.29
N LEU B 122 22.43 -0.98 -36.22
CA LEU B 122 22.36 -1.59 -34.88
C LEU B 122 20.97 -2.13 -34.60
N ILE B 123 19.94 -1.43 -35.07
CA ILE B 123 18.57 -1.86 -34.83
C ILE B 123 18.29 -3.19 -35.53
N ARG B 124 18.57 -3.25 -36.84
CA ARG B 124 18.24 -4.43 -37.61
C ARG B 124 19.10 -5.64 -37.22
N ASP B 125 20.35 -5.40 -36.82
CA ASP B 125 21.30 -6.50 -36.65
C ASP B 125 21.55 -6.88 -35.21
N LYS B 126 21.32 -5.99 -34.25
CA LYS B 126 21.64 -6.29 -32.86
C LYS B 126 20.46 -6.11 -31.91
N ILE B 127 19.63 -5.10 -32.13
CA ILE B 127 18.52 -4.83 -31.20
C ILE B 127 17.31 -5.69 -31.53
N ALA B 128 16.92 -5.75 -32.81
CA ALA B 128 15.72 -6.49 -33.19
C ALA B 128 15.84 -7.97 -32.88
N ASP B 129 17.07 -8.50 -32.87
CA ASP B 129 17.30 -9.89 -32.51
C ASP B 129 17.24 -10.13 -31.00
N GLY B 130 16.78 -9.14 -30.24
CA GLY B 130 16.63 -9.26 -28.80
C GLY B 130 17.85 -8.83 -28.00
N ASN B 131 19.05 -9.05 -28.52
CA ASN B 131 20.27 -8.73 -27.78
C ASN B 131 20.42 -7.23 -27.58
N TRP B 132 19.52 -6.63 -26.80
CA TRP B 132 19.57 -5.19 -26.57
C TRP B 132 20.38 -4.81 -25.34
N LYS B 133 20.49 -5.72 -24.36
CA LYS B 133 21.22 -5.41 -23.14
C LYS B 133 22.69 -5.14 -23.44
N SER B 134 23.39 -6.13 -23.97
CA SER B 134 24.81 -5.99 -24.32
C SER B 134 24.95 -5.32 -25.69
N HIS B 135 24.50 -4.06 -25.75
CA HIS B 135 24.57 -3.29 -26.99
C HIS B 135 24.32 -1.81 -26.72
N LEU B 136 23.66 -1.50 -25.61
CA LEU B 136 23.39 -0.11 -25.24
C LEU B 136 23.51 0.06 -23.72
N ARG B 140 25.64 2.34 -18.06
CA ARG B 140 24.52 3.26 -17.82
C ARG B 140 23.21 2.65 -18.28
N SER B 141 22.26 2.56 -17.36
CA SER B 141 20.98 1.92 -17.65
C SER B 141 20.27 2.62 -18.81
N LEU B 142 19.65 1.83 -19.67
CA LEU B 142 18.76 2.37 -20.68
C LEU B 142 17.64 3.20 -20.07
N PHE B 143 17.32 2.97 -18.80
CA PHE B 143 16.10 3.47 -18.20
C PHE B 143 16.34 4.65 -17.28
N VAL B 144 17.52 5.27 -17.35
CA VAL B 144 17.84 6.43 -16.52
C VAL B 144 16.73 7.47 -16.56
N ASN B 145 16.15 7.72 -17.73
CA ASN B 145 15.15 8.77 -17.87
C ASN B 145 13.72 8.23 -17.95
N ALA B 146 13.50 7.02 -17.43
CA ALA B 146 12.19 6.39 -17.58
C ALA B 146 11.10 7.12 -16.79
N ALA B 147 11.46 7.83 -15.72
CA ALA B 147 10.44 8.61 -15.01
C ALA B 147 9.84 9.65 -15.93
N THR B 148 10.68 10.30 -16.74
CA THR B 148 10.19 11.26 -17.71
C THR B 148 9.32 10.59 -18.76
N TRP B 149 9.78 9.47 -19.31
CA TRP B 149 8.97 8.77 -20.30
C TRP B 149 7.72 8.17 -19.67
N GLY B 150 7.80 7.76 -18.40
CA GLY B 150 6.61 7.33 -17.71
C GLY B 150 5.54 8.42 -17.68
N LEU B 151 5.97 9.66 -17.45
CA LEU B 151 5.02 10.75 -17.46
C LEU B 151 4.44 10.96 -18.86
N VAL B 152 5.28 10.83 -19.89
CA VAL B 152 4.81 10.96 -21.27
C VAL B 152 3.79 9.88 -21.60
N VAL B 153 4.05 8.65 -21.19
CA VAL B 153 3.24 7.51 -21.61
C VAL B 153 1.97 7.39 -20.78
N THR B 154 2.09 7.56 -19.46
CA THR B 154 1.00 7.27 -18.54
C THR B 154 0.42 8.50 -17.87
N GLY B 155 1.09 9.65 -17.98
CA GLY B 155 0.64 10.83 -17.26
C GLY B 155 0.94 10.82 -15.79
N LYS B 156 1.61 9.79 -15.28
CA LYS B 156 1.95 9.70 -13.88
C LYS B 156 3.46 9.76 -13.72
N LEU B 157 3.91 10.37 -12.63
CA LEU B 157 5.32 10.52 -12.34
C LEU B 157 5.66 9.66 -11.13
N THR B 158 6.72 8.86 -11.26
CA THR B 158 7.34 8.23 -10.10
C THR B 158 8.71 8.83 -9.90
N SER B 159 9.22 8.72 -8.68
CA SER B 159 10.53 9.29 -8.39
C SER B 159 11.65 8.35 -8.84
N THR B 160 11.41 7.05 -8.77
CA THR B 160 12.40 6.07 -9.18
C THR B 160 11.75 5.11 -10.16
N VAL B 161 12.60 4.30 -10.78
CA VAL B 161 12.28 3.54 -11.97
C VAL B 161 12.37 2.06 -11.61
N ASN B 162 11.35 1.29 -11.97
CA ASN B 162 11.46 -0.16 -11.78
C ASN B 162 12.18 -0.72 -13.00
N ASP B 163 13.50 -0.77 -12.90
CA ASP B 163 14.32 -1.16 -14.05
C ASP B 163 14.19 -2.63 -14.38
N ARG B 164 13.84 -3.48 -13.41
CA ARG B 164 13.60 -4.87 -13.75
C ARG B 164 12.31 -5.02 -14.55
N SER B 165 11.26 -4.29 -14.16
CA SER B 165 10.01 -4.31 -14.91
C SER B 165 10.21 -3.76 -16.33
N LEU B 166 10.99 -2.69 -16.44
CA LEU B 166 11.23 -2.10 -17.75
C LEU B 166 12.08 -3.02 -18.62
N ALA B 167 13.11 -3.65 -18.03
CA ALA B 167 13.92 -4.59 -18.79
C ALA B 167 13.06 -5.75 -19.31
N ALA B 168 12.19 -6.29 -18.44
CA ALA B 168 11.28 -7.33 -18.85
C ALA B 168 10.35 -6.85 -19.96
N ALA B 169 9.82 -5.63 -19.82
CA ALA B 169 8.91 -5.10 -20.82
C ALA B 169 9.61 -4.91 -22.16
N LEU B 170 10.85 -4.43 -22.13
CA LEU B 170 11.55 -4.20 -23.40
C LEU B 170 11.88 -5.52 -24.09
N THR B 171 12.35 -6.50 -23.33
CA THR B 171 12.55 -7.82 -23.90
C THR B 171 11.25 -8.37 -24.48
N ARG B 172 10.15 -8.21 -23.75
CA ARG B 172 8.89 -8.76 -24.22
C ARG B 172 8.44 -8.08 -25.50
N LEU B 173 8.55 -6.75 -25.55
CA LEU B 173 8.04 -6.06 -26.73
C LEU B 173 8.92 -6.33 -27.95
N ILE B 174 10.23 -6.40 -27.77
CA ILE B 174 11.08 -6.67 -28.92
C ILE B 174 10.87 -8.09 -29.41
N SER B 175 10.80 -9.05 -28.49
CA SER B 175 10.59 -10.43 -28.89
C SER B 175 9.21 -10.63 -29.52
N ARG B 176 8.25 -9.79 -29.18
CA ARG B 176 6.91 -9.91 -29.77
C ARG B 176 6.80 -9.18 -31.10
N CYS B 177 7.35 -7.97 -31.19
CA CYS B 177 7.08 -7.09 -32.33
C CYS B 177 8.30 -6.78 -33.19
N GLY B 178 9.52 -7.02 -32.70
CA GLY B 178 10.66 -6.96 -33.58
C GLY B 178 11.05 -5.57 -34.03
N GLU B 179 11.78 -5.53 -35.14
CA GLU B 179 12.25 -4.26 -35.70
C GLU B 179 11.15 -3.23 -35.96
N PRO B 180 9.98 -3.58 -36.48
CA PRO B 180 8.97 -2.53 -36.75
C PRO B 180 8.61 -1.69 -35.54
N VAL B 181 8.51 -2.26 -34.34
CA VAL B 181 8.16 -1.42 -33.19
C VAL B 181 9.32 -0.53 -32.78
N ILE B 182 10.56 -1.02 -32.93
CA ILE B 182 11.72 -0.20 -32.61
C ILE B 182 11.80 0.99 -33.55
N ARG B 183 11.62 0.73 -34.85
CA ARG B 183 11.61 1.81 -35.84
C ARG B 183 10.55 2.85 -35.50
N ARG B 184 9.32 2.40 -35.22
CA ARG B 184 8.25 3.33 -34.86
C ARG B 184 8.58 4.10 -33.59
N GLY B 185 9.15 3.43 -32.59
CA GLY B 185 9.53 4.13 -31.37
C GLY B 185 10.60 5.18 -31.61
N VAL B 186 11.60 4.84 -32.42
CA VAL B 186 12.66 5.80 -32.72
C VAL B 186 12.10 7.01 -33.45
N ASP B 187 11.28 6.76 -34.47
CA ASP B 187 10.66 7.87 -35.20
C ASP B 187 9.81 8.73 -34.28
N MET B 188 9.05 8.09 -33.38
CA MET B 188 8.23 8.83 -32.43
C MET B 188 9.09 9.69 -31.52
N ALA B 189 10.13 9.10 -30.93
CA ALA B 189 10.98 9.85 -30.00
C ALA B 189 11.69 11.00 -30.72
N MET B 190 12.14 10.74 -31.95
CA MET B 190 12.78 11.80 -32.75
C MET B 190 11.84 12.99 -32.93
N ARG B 191 10.58 12.72 -33.28
CA ARG B 191 9.63 13.81 -33.48
C ARG B 191 9.36 14.54 -32.17
N MET B 192 9.12 13.79 -31.09
CA MET B 192 8.81 14.42 -29.81
C MET B 192 9.97 15.26 -29.32
N MET B 193 11.18 14.69 -29.31
CA MET B 193 12.34 15.38 -28.76
CA MET B 193 12.32 15.41 -28.76
C MET B 193 12.88 16.45 -29.71
N GLY B 194 12.60 16.34 -31.00
CA GLY B 194 13.14 17.28 -31.95
C GLY B 194 12.18 18.38 -32.37
N GLU B 195 10.88 18.14 -32.24
CA GLU B 195 9.88 19.05 -32.77
C GLU B 195 8.77 19.44 -31.81
N GLN B 196 8.56 18.70 -30.72
CA GLN B 196 7.51 19.02 -29.76
C GLN B 196 8.05 19.49 -28.43
N PHE B 197 8.99 18.76 -27.83
CA PHE B 197 9.59 19.23 -26.59
C PHE B 197 10.43 20.48 -26.82
N VAL B 198 10.97 20.64 -28.03
CA VAL B 198 11.71 21.83 -28.39
C VAL B 198 11.24 22.28 -29.77
N THR B 199 11.38 23.57 -30.04
CA THR B 199 11.11 24.09 -31.36
CA THR B 199 11.12 24.09 -31.37
C THR B 199 12.22 23.73 -32.34
N GLY B 200 13.42 23.48 -31.84
CA GLY B 200 14.53 23.09 -32.69
C GLY B 200 15.72 22.83 -31.80
N GLU B 201 16.73 22.20 -32.39
CA GLU B 201 17.96 21.91 -31.65
C GLU B 201 18.91 23.10 -31.60
N THR B 202 18.81 24.00 -32.56
CA THR B 202 19.61 25.22 -32.60
C THR B 202 18.69 26.40 -32.79
N ILE B 203 19.20 27.59 -32.49
CA ILE B 203 18.36 28.78 -32.60
C ILE B 203 18.01 29.07 -34.05
N ARG B 204 18.94 28.83 -34.98
CA ARG B 204 18.59 29.07 -36.38
C ARG B 204 17.53 28.10 -36.87
N GLU B 205 17.53 26.85 -36.39
CA GLU B 205 16.46 25.93 -36.77
C GLU B 205 15.14 26.33 -36.15
N ALA B 206 15.15 26.71 -34.87
CA ALA B 206 13.93 27.17 -34.22
C ALA B 206 13.38 28.41 -34.91
N LEU B 207 14.26 29.35 -35.28
CA LEU B 207 13.80 30.54 -36.00
C LEU B 207 13.19 30.18 -37.35
N LYS B 208 13.81 29.23 -38.08
CA LYS B 208 13.24 28.82 -39.36
C LYS B 208 11.86 28.18 -39.18
N ARG B 209 11.70 27.38 -38.12
CA ARG B 209 10.43 26.72 -37.90
C ARG B 209 9.36 27.66 -37.38
N SER B 210 9.74 28.85 -36.93
CA SER B 210 8.79 29.79 -36.38
C SER B 210 8.01 30.55 -37.45
N LYS B 211 8.47 30.53 -38.70
CA LYS B 211 7.83 31.33 -39.74
C LYS B 211 6.37 30.95 -39.91
N GLU B 212 6.05 29.66 -39.82
CA GLU B 212 4.71 29.18 -40.14
C GLU B 212 3.67 29.80 -39.22
N LEU B 213 3.88 29.72 -37.91
CA LEU B 213 2.93 30.30 -36.97
C LEU B 213 3.03 31.81 -36.88
N GLU B 214 4.22 32.39 -37.14
CA GLU B 214 4.33 33.84 -37.17
C GLU B 214 3.46 34.44 -38.26
N GLU B 215 3.44 33.82 -39.45
CA GLU B 215 2.58 34.29 -40.52
C GLU B 215 1.10 34.24 -40.13
N LYS B 216 0.73 33.38 -39.18
CA LYS B 216 -0.64 33.33 -38.69
C LYS B 216 -0.91 34.35 -37.60
N GLY B 217 0.12 35.00 -37.06
CA GLY B 217 -0.07 36.00 -36.03
C GLY B 217 0.47 35.60 -34.67
N PHE B 218 1.09 34.43 -34.55
CA PHE B 218 1.82 34.12 -33.33
C PHE B 218 3.13 34.87 -33.30
N SER B 219 3.68 35.00 -32.09
CA SER B 219 5.04 35.46 -31.91
C SER B 219 5.77 34.43 -31.07
N TYR B 220 7.05 34.68 -30.79
CA TYR B 220 7.87 33.69 -30.10
C TYR B 220 8.72 34.33 -29.03
N SER B 221 9.03 33.54 -28.02
CA SER B 221 10.04 33.88 -27.02
C SER B 221 10.87 32.62 -26.83
N TYR B 222 12.16 32.70 -27.17
CA TYR B 222 13.01 31.52 -27.18
C TYR B 222 13.69 31.29 -25.86
N ASP B 223 13.75 30.03 -25.44
CA ASP B 223 14.35 29.59 -24.19
C ASP B 223 15.51 28.67 -24.54
N MET B 224 16.74 29.13 -24.31
CA MET B 224 17.93 28.36 -24.64
C MET B 224 18.28 27.32 -23.60
N LEU B 225 17.41 27.12 -22.61
CA LEU B 225 17.41 26.03 -21.64
C LEU B 225 18.36 26.21 -20.48
N GLY B 226 19.14 27.30 -20.42
CA GLY B 226 20.00 27.53 -19.28
C GLY B 226 19.21 27.64 -18.00
N GLU B 227 19.67 26.97 -16.94
CA GLU B 227 18.97 27.07 -15.67
C GLU B 227 19.88 26.53 -14.58
N ALA B 228 19.84 27.16 -13.42
CA ALA B 228 20.46 26.61 -12.21
C ALA B 228 21.92 26.21 -12.46
N ALA B 229 22.72 27.19 -12.88
CA ALA B 229 24.15 26.97 -12.99
C ALA B 229 24.69 26.42 -11.69
N THR B 230 25.54 25.40 -11.78
CA THR B 230 26.20 24.82 -10.62
C THR B 230 27.62 25.33 -10.48
N THR B 231 28.28 25.65 -11.59
CA THR B 231 29.64 26.11 -11.56
C THR B 231 29.72 27.42 -12.34
N ALA B 232 30.85 28.10 -12.15
CA ALA B 232 31.12 29.31 -12.94
C ALA B 232 31.11 28.99 -14.42
N ALA B 233 31.66 27.83 -14.81
CA ALA B 233 31.69 27.47 -16.22
C ALA B 233 30.28 27.28 -16.78
N ASP B 234 29.38 26.72 -15.97
CA ASP B 234 27.99 26.61 -16.39
C ASP B 234 27.42 27.97 -16.69
N ALA B 235 27.58 28.91 -15.76
CA ALA B 235 27.00 30.23 -15.90
C ALA B 235 27.58 30.95 -17.11
N GLU B 236 28.89 30.81 -17.32
CA GLU B 236 29.51 31.44 -18.47
C GLU B 236 28.98 30.85 -19.77
N ARG B 237 28.85 29.53 -19.83
CA ARG B 237 28.30 28.90 -21.02
C ARG B 237 26.88 29.39 -21.29
N TYR B 238 26.03 29.39 -20.25
CA TYR B 238 24.65 29.82 -20.45
C TYR B 238 24.59 31.27 -20.90
N TYR B 239 25.46 32.11 -20.32
CA TYR B 239 25.54 33.49 -20.78
C TYR B 239 25.86 33.56 -22.26
N ARG B 240 26.90 32.85 -22.68
CA ARG B 240 27.29 32.88 -24.08
C ARG B 240 26.19 32.33 -24.98
N ASP B 241 25.45 31.32 -24.51
CA ASP B 241 24.34 30.79 -25.27
C ASP B 241 23.24 31.82 -25.45
N TYR B 242 22.92 32.57 -24.38
CA TYR B 242 21.93 33.64 -24.51
C TYR B 242 22.42 34.72 -25.45
N GLU B 243 23.69 35.10 -25.31
CA GLU B 243 24.25 36.14 -26.16
C GLU B 243 24.16 35.75 -27.63
N SER B 244 24.57 34.51 -27.93
CA SER B 244 24.51 34.03 -29.30
CA SER B 244 24.52 34.04 -29.31
C SER B 244 23.08 34.00 -29.81
N ALA B 245 22.15 33.55 -28.95
CA ALA B 245 20.75 33.52 -29.34
C ALA B 245 20.20 34.92 -29.60
N ILE B 246 20.57 35.89 -28.76
CA ILE B 246 20.07 37.25 -28.97
C ILE B 246 20.49 37.76 -30.33
N HIS B 247 21.74 37.55 -30.71
CA HIS B 247 22.17 37.97 -32.04
C HIS B 247 21.34 37.32 -33.13
N ALA B 248 21.07 36.02 -33.00
CA ALA B 248 20.29 35.33 -34.03
C ALA B 248 18.84 35.81 -34.02
N ILE B 249 18.25 35.90 -32.83
CA ILE B 249 16.86 36.33 -32.73
C ILE B 249 16.71 37.77 -33.16
N GLY B 250 17.66 38.62 -32.77
CA GLY B 250 17.60 40.01 -33.14
C GLY B 250 17.74 40.22 -34.63
N LYS B 251 18.63 39.47 -35.28
CA LYS B 251 18.75 39.60 -36.72
C LYS B 251 17.50 39.08 -37.42
N ALA B 252 16.94 37.97 -36.93
CA ALA B 252 15.71 37.43 -37.50
C ALA B 252 14.53 38.37 -37.27
N SER B 253 14.50 39.04 -36.11
CA SER B 253 13.43 39.99 -35.85
C SER B 253 13.37 41.06 -36.93
N ALA B 254 14.54 41.57 -37.33
CA ALA B 254 14.66 42.48 -38.47
C ALA B 254 13.77 43.72 -38.32
N GLY B 255 13.74 44.28 -37.12
CA GLY B 255 13.00 45.50 -36.85
C GLY B 255 11.52 45.33 -36.64
N ARG B 256 11.04 44.09 -36.48
CA ARG B 256 9.62 43.90 -36.22
C ARG B 256 9.18 44.43 -34.87
N GLY B 257 10.11 44.72 -33.96
CA GLY B 257 9.75 45.27 -32.68
C GLY B 257 9.40 44.20 -31.66
N ILE B 258 9.13 44.66 -30.44
CA ILE B 258 8.98 43.74 -29.33
C ILE B 258 7.65 43.00 -29.31
N TYR B 259 6.64 43.48 -30.04
CA TYR B 259 5.33 42.83 -30.01
C TYR B 259 5.15 41.82 -31.13
N GLU B 260 5.35 42.25 -32.37
CA GLU B 260 5.26 41.32 -33.49
C GLU B 260 6.46 40.38 -33.51
N GLY B 261 7.63 40.90 -33.20
CA GLY B 261 8.86 40.17 -33.39
C GLY B 261 9.19 39.28 -32.21
N PRO B 262 10.13 38.36 -32.42
CA PRO B 262 10.48 37.40 -31.37
C PRO B 262 11.30 38.03 -30.26
N GLY B 263 11.27 37.35 -29.12
CA GLY B 263 12.07 37.74 -27.97
C GLY B 263 12.81 36.54 -27.39
N ILE B 264 13.47 36.79 -26.26
CA ILE B 264 14.20 35.76 -25.57
C ILE B 264 13.77 35.75 -24.11
N SER B 265 13.81 34.57 -23.50
CA SER B 265 13.53 34.42 -22.08
C SER B 265 14.77 33.87 -21.41
N ILE B 266 15.13 34.43 -20.26
CA ILE B 266 16.32 33.99 -19.54
C ILE B 266 15.93 33.64 -18.11
N LYS B 267 16.80 32.88 -17.46
CA LYS B 267 16.65 32.57 -16.04
C LYS B 267 17.88 33.10 -15.33
N LEU B 268 17.65 33.93 -14.30
CA LEU B 268 18.77 34.46 -13.54
C LEU B 268 19.61 33.35 -12.93
N SER B 269 19.00 32.23 -12.55
CA SER B 269 19.78 31.13 -11.99
C SER B 269 20.74 30.54 -13.01
N ALA B 270 20.50 30.73 -14.31
CA ALA B 270 21.44 30.27 -15.31
C ALA B 270 22.72 31.08 -15.30
N LEU B 271 22.67 32.31 -14.79
CA LEU B 271 23.74 33.27 -15.02
C LEU B 271 24.68 33.41 -13.85
N HIS B 272 24.45 32.68 -12.76
CA HIS B 272 25.38 32.74 -11.64
C HIS B 272 25.15 31.51 -10.80
N PRO B 273 26.21 30.84 -10.33
CA PRO B 273 26.03 29.61 -9.55
C PRO B 273 25.57 29.85 -8.13
N ARG B 274 25.54 31.09 -7.65
CA ARG B 274 25.10 31.42 -6.29
C ARG B 274 24.02 32.47 -6.34
N TYR B 275 22.98 32.22 -7.14
CA TYR B 275 21.88 33.16 -7.26
C TYR B 275 20.94 32.94 -6.08
N SER B 276 21.15 33.71 -5.01
CA SER B 276 20.38 33.54 -3.79
C SER B 276 20.51 34.79 -2.95
N ARG B 277 19.52 35.00 -2.08
CA ARG B 277 19.56 36.17 -1.20
C ARG B 277 20.79 36.13 -0.30
N ALA B 278 21.21 34.94 0.12
CA ALA B 278 22.39 34.86 0.97
C ALA B 278 23.63 35.39 0.27
N GLN B 279 23.64 35.37 -1.06
CA GLN B 279 24.77 35.87 -1.83
C GLN B 279 24.40 37.12 -2.62
N ALA B 280 23.53 37.95 -2.04
CA ALA B 280 23.00 39.09 -2.78
C ALA B 280 24.11 40.00 -3.30
N ALA B 281 25.18 40.18 -2.52
CA ALA B 281 26.26 41.04 -2.97
C ALA B 281 26.90 40.50 -4.25
N ARG B 282 27.13 39.20 -4.31
CA ARG B 282 27.68 38.61 -5.53
C ARG B 282 26.66 38.66 -6.66
N VAL B 283 25.38 38.53 -6.35
CA VAL B 283 24.37 38.63 -7.39
C VAL B 283 24.41 40.01 -8.03
N MET B 284 24.39 41.06 -7.20
CA MET B 284 24.40 42.41 -7.74
C MET B 284 25.71 42.74 -8.40
N GLY B 285 26.81 42.17 -7.91
CA GLY B 285 28.12 42.52 -8.44
C GLY B 285 28.52 41.74 -9.67
N GLU B 286 28.05 40.50 -9.80
CA GLU B 286 28.48 39.59 -10.85
C GLU B 286 27.37 39.16 -11.78
N LEU B 287 26.18 38.89 -11.26
CA LEU B 287 25.07 38.47 -12.10
C LEU B 287 24.46 39.66 -12.83
N LEU B 288 24.14 40.73 -12.10
CA LEU B 288 23.53 41.91 -12.70
C LEU B 288 24.25 42.43 -13.93
N PRO B 289 25.57 42.59 -13.94
CA PRO B 289 26.24 43.06 -15.17
C PRO B 289 26.02 42.14 -16.36
N ARG B 290 25.88 40.84 -16.14
CA ARG B 290 25.62 39.92 -17.23
CA ARG B 290 25.62 39.92 -17.23
C ARG B 290 24.22 40.13 -17.80
N VAL B 291 23.23 40.31 -16.93
CA VAL B 291 21.88 40.59 -17.42
C VAL B 291 21.88 41.91 -18.15
N LYS B 292 22.57 42.91 -17.62
CA LYS B 292 22.58 44.21 -18.29
C LYS B 292 23.17 44.07 -19.69
N ALA B 293 24.24 43.29 -19.84
CA ALA B 293 24.86 43.12 -21.15
C ALA B 293 23.91 42.46 -22.13
N LEU B 294 23.17 41.44 -21.67
CA LEU B 294 22.19 40.80 -22.55
C LEU B 294 21.04 41.75 -22.87
N ALA B 295 20.57 42.49 -21.86
CA ALA B 295 19.49 43.45 -22.11
C ALA B 295 19.94 44.52 -23.10
N LEU B 296 21.20 44.94 -23.02
CA LEU B 296 21.70 45.93 -23.96
C LEU B 296 21.70 45.39 -25.39
N LEU B 297 22.12 44.13 -25.56
CA LEU B 297 22.01 43.52 -26.88
C LEU B 297 20.55 43.45 -27.33
N ALA B 298 19.65 43.05 -26.43
CA ALA B 298 18.24 42.96 -26.81
C ALA B 298 17.69 44.32 -27.21
N LYS B 299 18.07 45.36 -26.46
CA LYS B 299 17.65 46.70 -26.80
C LYS B 299 18.19 47.11 -28.16
N ASN B 300 19.45 46.78 -28.45
CA ASN B 300 20.03 47.18 -29.73
C ASN B 300 19.29 46.55 -30.90
N TYR B 301 18.78 45.34 -30.73
CA TYR B 301 17.97 44.70 -31.76
C TYR B 301 16.49 45.00 -31.62
N ASP B 302 16.10 45.70 -30.56
CA ASP B 302 14.70 45.96 -30.23
C ASP B 302 13.87 44.69 -30.18
N ILE B 303 14.33 43.75 -29.36
CA ILE B 303 13.58 42.53 -29.09
C ILE B 303 13.27 42.51 -27.59
N GLY B 304 12.31 41.65 -27.23
CA GLY B 304 12.00 41.48 -25.83
C GLY B 304 12.99 40.55 -25.15
N LEU B 305 13.31 40.87 -23.89
CA LEU B 305 14.13 40.00 -23.05
C LEU B 305 13.38 39.81 -21.75
N ASN B 306 12.96 38.59 -21.48
CA ASN B 306 12.09 38.30 -20.36
C ASN B 306 12.87 37.53 -19.29
N ILE B 307 12.68 37.93 -18.03
CA ILE B 307 13.27 37.23 -16.91
C ILE B 307 12.22 36.27 -16.36
N ASP B 308 12.47 34.97 -16.53
CA ASP B 308 11.56 33.96 -16.01
C ASP B 308 11.57 33.99 -14.49
N ALA B 309 10.46 33.59 -13.90
CA ALA B 309 10.33 33.57 -12.45
C ALA B 309 10.60 32.17 -11.93
N GLU B 310 11.36 32.09 -10.84
CA GLU B 310 11.81 30.81 -10.35
C GLU B 310 11.25 30.57 -8.95
N GLU B 311 12.07 30.07 -8.04
CA GLU B 311 11.58 29.72 -6.71
C GLU B 311 11.15 30.97 -5.94
N ALA B 312 10.26 30.75 -4.96
CA ALA B 312 9.72 31.87 -4.21
C ALA B 312 10.79 32.66 -3.50
N ASP B 313 11.88 32.00 -3.07
CA ASP B 313 12.93 32.72 -2.35
C ASP B 313 13.84 33.52 -3.26
N ARG B 314 13.59 33.52 -4.57
CA ARG B 314 14.31 34.36 -5.50
C ARG B 314 13.48 35.54 -6.00
N LEU B 315 12.19 35.59 -5.68
CA LEU B 315 11.33 36.61 -6.24
C LEU B 315 11.84 38.00 -5.90
N GLU B 316 11.99 38.29 -4.61
CA GLU B 316 12.30 39.67 -4.24
C GLU B 316 13.72 40.04 -4.66
N LEU B 317 14.65 39.09 -4.59
CA LEU B 317 15.99 39.33 -5.11
C LEU B 317 15.94 39.75 -6.57
N SER B 318 15.12 39.08 -7.39
CA SER B 318 15.07 39.44 -8.79
C SER B 318 14.56 40.86 -8.99
N LEU B 319 13.72 41.36 -8.08
CA LEU B 319 13.21 42.71 -8.20
C LEU B 319 14.32 43.74 -8.07
N ASP B 320 15.35 43.45 -7.26
CA ASP B 320 16.47 44.37 -7.17
C ASP B 320 17.22 44.49 -8.48
N LEU B 321 17.27 43.42 -9.26
CA LEU B 321 17.86 43.54 -10.59
C LEU B 321 16.94 44.27 -11.54
N LEU B 322 15.65 43.96 -11.49
CA LEU B 322 14.71 44.65 -12.37
C LEU B 322 14.77 46.15 -12.15
N GLU B 323 14.88 46.57 -10.89
CA GLU B 323 14.96 47.98 -10.56
C GLU B 323 16.14 48.64 -11.23
N VAL B 324 17.33 48.04 -11.11
CA VAL B 324 18.52 48.62 -11.71
C VAL B 324 18.39 48.71 -13.22
N LEU B 325 17.89 47.65 -13.85
CA LEU B 325 17.78 47.64 -15.30
C LEU B 325 16.83 48.72 -15.80
N CYS B 326 15.69 48.91 -15.11
CA CYS B 326 14.73 49.91 -15.54
C CYS B 326 15.24 51.33 -15.37
N LEU B 327 16.18 51.55 -14.47
CA LEU B 327 16.77 52.87 -14.26
C LEU B 327 18.09 53.05 -15.00
N ASP B 328 18.51 52.07 -15.79
CA ASP B 328 19.79 52.14 -16.51
C ASP B 328 19.59 52.92 -17.81
N GLY B 329 20.19 54.10 -17.90
CA GLY B 329 20.05 54.92 -19.09
C GLY B 329 20.56 54.27 -20.36
N ASP B 330 21.47 53.31 -20.26
CA ASP B 330 21.90 52.58 -21.45
C ASP B 330 20.72 51.88 -22.13
N LEU B 331 19.66 51.59 -21.39
CA LEU B 331 18.49 50.91 -21.93
C LEU B 331 17.36 51.87 -22.27
N SER B 332 17.66 53.17 -22.33
CA SER B 332 16.66 54.21 -22.51
C SER B 332 15.70 53.91 -23.66
N GLY B 333 14.41 54.06 -23.38
CA GLY B 333 13.40 53.94 -24.42
C GLY B 333 13.06 52.53 -24.84
N TRP B 334 13.73 51.53 -24.29
CA TRP B 334 13.49 50.14 -24.66
C TRP B 334 12.34 49.60 -23.83
N ASN B 335 11.27 49.19 -24.50
CA ASN B 335 10.13 48.64 -23.80
C ASN B 335 10.13 47.12 -23.79
N GLY B 336 11.26 46.51 -24.09
CA GLY B 336 11.31 45.06 -24.17
C GLY B 336 11.71 44.33 -22.93
N MET B 337 11.96 45.03 -21.82
CA MET B 337 12.27 44.31 -20.58
C MET B 337 11.03 43.58 -20.12
N GLY B 338 11.15 42.27 -19.92
CA GLY B 338 10.04 41.44 -19.50
C GLY B 338 10.32 40.81 -18.15
N PHE B 339 9.25 40.57 -17.40
CA PHE B 339 9.40 40.04 -16.05
C PHE B 339 8.19 39.19 -15.75
N VAL B 340 8.41 37.98 -15.27
CA VAL B 340 7.32 37.06 -14.98
C VAL B 340 6.89 37.26 -13.54
N VAL B 341 5.59 37.22 -13.31
CA VAL B 341 5.05 37.17 -11.95
C VAL B 341 4.12 35.97 -11.86
N GLN B 342 4.23 35.25 -10.75
CA GLN B 342 3.57 33.96 -10.55
C GLN B 342 2.33 34.17 -9.69
N ALA B 343 1.17 33.95 -10.28
CA ALA B 343 -0.08 34.20 -9.59
C ALA B 343 -0.36 33.17 -8.50
N TYR B 344 0.34 32.02 -8.49
CA TYR B 344 0.19 31.13 -7.37
C TYR B 344 0.85 31.66 -6.11
N GLY B 345 1.57 32.78 -6.22
CA GLY B 345 2.27 33.34 -5.09
C GLY B 345 1.43 34.40 -4.41
N LYS B 346 1.50 34.40 -3.08
CA LYS B 346 0.71 35.35 -2.30
C LYS B 346 1.15 36.78 -2.52
N ARG B 347 2.38 37.00 -2.97
CA ARG B 347 2.86 38.36 -3.15
C ARG B 347 2.48 38.94 -4.50
N CYS B 348 1.90 38.13 -5.38
CA CYS B 348 1.70 38.53 -6.78
C CYS B 348 1.07 39.91 -6.97
N PRO B 349 -0.08 40.24 -6.37
CA PRO B 349 -0.62 41.59 -6.60
C PRO B 349 0.28 42.70 -6.12
N PHE B 350 1.02 42.47 -5.03
CA PHE B 350 1.91 43.50 -4.51
C PHE B 350 3.15 43.64 -5.37
N VAL B 351 3.62 42.52 -5.94
CA VAL B 351 4.71 42.59 -6.91
C VAL B 351 4.26 43.38 -8.15
N LEU B 352 3.03 43.13 -8.61
CA LEU B 352 2.51 43.89 -9.75
C LEU B 352 2.43 45.37 -9.42
N ASP B 353 1.96 45.72 -8.21
CA ASP B 353 1.95 47.13 -7.81
C ASP B 353 3.35 47.71 -7.90
N PHE B 354 4.34 46.98 -7.38
CA PHE B 354 5.73 47.43 -7.48
C PHE B 354 6.15 47.63 -8.94
N ILE B 355 5.86 46.66 -9.80
CA ILE B 355 6.29 46.74 -11.19
C ILE B 355 5.59 47.87 -11.93
N ILE B 356 4.28 48.01 -11.71
CA ILE B 356 3.55 49.09 -12.37
C ILE B 356 4.12 50.44 -11.94
N ASP B 357 4.43 50.60 -10.66
CA ASP B 357 5.01 51.84 -10.20
C ASP B 357 6.40 52.05 -10.78
N LEU B 358 7.21 50.98 -10.82
CA LEU B 358 8.53 51.07 -11.43
C LEU B 358 8.41 51.51 -12.88
N ALA B 359 7.47 50.92 -13.62
CA ALA B 359 7.28 51.31 -15.02
C ALA B 359 6.94 52.78 -15.12
N ARG B 360 6.02 53.26 -14.28
CA ARG B 360 5.61 54.66 -14.30
C ARG B 360 6.77 55.58 -14.03
N ARG B 361 7.57 55.28 -13.00
CA ARG B 361 8.59 56.24 -12.61
C ARG B 361 9.85 56.13 -13.46
N SER B 362 10.06 55.01 -14.16
CA SER B 362 11.24 54.85 -14.99
C SER B 362 10.99 55.18 -16.47
N GLY B 363 9.74 55.36 -16.88
CA GLY B 363 9.48 55.64 -18.27
C GLY B 363 9.74 54.45 -19.17
N ARG B 364 9.48 53.24 -18.67
CA ARG B 364 9.65 52.01 -19.41
C ARG B 364 8.32 51.29 -19.37
N ARG B 365 7.82 50.87 -20.52
CA ARG B 365 6.74 49.91 -20.49
C ARG B 365 7.38 48.56 -20.22
N ILE B 366 7.00 47.92 -19.14
CA ILE B 366 7.55 46.64 -18.76
C ILE B 366 6.60 45.55 -19.24
N MET B 367 7.13 44.55 -19.93
CA MET B 367 6.33 43.41 -20.36
C MET B 367 6.18 42.51 -19.15
N VAL B 368 4.95 42.21 -18.76
CA VAL B 368 4.71 41.42 -17.56
C VAL B 368 4.02 40.13 -17.96
N ARG B 369 4.73 39.02 -17.80
CA ARG B 369 4.13 37.73 -18.08
C ARG B 369 3.49 37.23 -16.80
N LEU B 370 2.16 37.11 -16.81
CA LEU B 370 1.45 36.54 -15.70
C LEU B 370 1.32 35.05 -15.93
N VAL B 371 1.86 34.27 -15.02
CA VAL B 371 1.77 32.82 -15.05
C VAL B 371 1.13 32.41 -13.75
N LYS B 372 0.74 31.13 -13.68
CA LYS B 372 0.36 30.59 -12.38
C LYS B 372 1.61 30.25 -11.57
N GLY B 373 2.40 29.30 -12.03
CA GLY B 373 3.69 29.07 -11.42
C GLY B 373 4.08 27.61 -11.54
N ALA B 374 5.39 27.37 -11.67
CA ALA B 374 5.89 26.06 -12.08
C ALA B 374 6.48 25.24 -10.94
N TYR B 375 6.56 25.79 -9.74
CA TYR B 375 7.30 25.14 -8.66
C TYR B 375 6.40 24.72 -7.50
N TRP B 376 5.12 24.50 -7.75
CA TRP B 376 4.16 24.38 -6.65
C TRP B 376 4.55 23.28 -5.66
N ASP B 377 4.75 22.04 -6.15
CA ASP B 377 5.06 20.94 -5.24
C ASP B 377 6.31 21.24 -4.43
N ALA B 378 7.31 21.82 -5.09
CA ALA B 378 8.57 22.10 -4.41
C ALA B 378 8.39 23.19 -3.36
N GLU B 379 7.50 24.15 -3.60
CA GLU B 379 7.30 25.21 -2.62
C GLU B 379 6.60 24.68 -1.38
N ILE B 380 5.66 23.74 -1.56
CA ILE B 380 5.01 23.13 -0.40
C ILE B 380 6.03 22.39 0.43
N LYS B 381 6.84 21.55 -0.24
CA LYS B 381 7.83 20.76 0.49
C LYS B 381 8.82 21.67 1.20
N ARG B 382 9.28 22.73 0.53
CA ARG B 382 10.34 23.54 1.13
C ARG B 382 9.83 24.26 2.38
N ALA B 383 8.61 24.76 2.32
CA ALA B 383 8.07 25.46 3.49
C ALA B 383 7.87 24.49 4.64
N GLN B 384 7.45 23.26 4.34
CA GLN B 384 7.30 22.27 5.40
C GLN B 384 8.64 21.89 6.00
N LEU B 385 9.65 21.62 5.16
CA LEU B 385 10.99 21.30 5.66
C LEU B 385 11.52 22.42 6.53
N ASP B 386 11.28 23.67 6.15
CA ASP B 386 11.87 24.79 6.86
C ASP B 386 11.06 25.25 8.05
N GLY B 387 9.89 24.65 8.29
CA GLY B 387 9.09 25.00 9.45
C GLY B 387 8.63 26.43 9.40
N LEU B 388 8.28 26.93 8.23
CA LEU B 388 7.97 28.34 8.14
C LEU B 388 6.48 28.58 8.43
N ALA B 389 6.14 29.86 8.61
CA ALA B 389 4.83 30.20 9.16
C ALA B 389 3.71 29.73 8.24
N ASP B 390 3.92 29.82 6.94
CA ASP B 390 2.91 29.42 5.98
C ASP B 390 3.62 29.19 4.65
N PHE B 391 2.86 28.84 3.65
CA PHE B 391 3.41 28.69 2.33
C PHE B 391 3.48 30.05 1.64
N PRO B 392 4.39 30.20 0.69
CA PRO B 392 4.44 31.43 -0.12
C PRO B 392 3.59 31.30 -1.37
N VAL B 393 2.91 30.17 -1.51
CA VAL B 393 1.99 29.93 -2.61
C VAL B 393 0.67 29.48 -2.00
N PHE B 394 -0.38 29.57 -2.81
CA PHE B 394 -1.67 29.02 -2.41
C PHE B 394 -1.62 27.50 -2.38
N THR B 395 -2.57 26.91 -1.65
CA THR B 395 -2.64 25.47 -1.48
C THR B 395 -3.85 24.83 -2.15
N ARG B 396 -4.83 25.62 -2.58
CA ARG B 396 -5.93 25.12 -3.40
C ARG B 396 -5.75 25.68 -4.80
N LYS B 397 -5.87 24.81 -5.81
CA LYS B 397 -5.64 25.25 -7.18
C LYS B 397 -6.61 26.35 -7.56
N ILE B 398 -7.85 26.27 -7.07
CA ILE B 398 -8.82 27.29 -7.39
C ILE B 398 -8.39 28.65 -6.87
N HIS B 399 -7.59 28.69 -5.79
CA HIS B 399 -7.10 29.96 -5.28
C HIS B 399 -6.11 30.60 -6.24
N THR B 400 -5.23 29.78 -6.82
CA THR B 400 -4.32 30.30 -7.82
C THR B 400 -5.09 30.84 -9.02
N ASP B 401 -6.18 30.17 -9.40
CA ASP B 401 -6.98 30.62 -10.54
C ASP B 401 -7.61 31.96 -10.25
N VAL B 402 -8.15 32.14 -9.04
CA VAL B 402 -8.73 33.42 -8.64
C VAL B 402 -7.64 34.49 -8.61
N SER B 403 -6.50 34.16 -7.99
CA SER B 403 -5.38 35.10 -7.95
C SER B 403 -4.97 35.53 -9.36
N TYR B 404 -4.91 34.58 -10.29
CA TYR B 404 -4.57 34.90 -11.67
C TYR B 404 -5.55 35.89 -12.26
N ILE B 405 -6.85 35.63 -12.08
CA ILE B 405 -7.86 36.51 -12.65
C ILE B 405 -7.82 37.89 -11.99
N ALA B 406 -7.61 37.93 -10.67
CA ALA B 406 -7.50 39.21 -9.98
C ALA B 406 -6.29 39.99 -10.45
N CYS B 407 -5.17 39.29 -10.66
CA CYS B 407 -3.97 39.97 -11.14
C CYS B 407 -4.12 40.38 -12.59
N ALA B 408 -4.85 39.60 -13.38
CA ALA B 408 -5.15 40.01 -14.75
C ALA B 408 -5.98 41.29 -14.76
N ALA B 409 -6.91 41.41 -13.81
CA ALA B 409 -7.70 42.64 -13.71
C ALA B 409 -6.80 43.83 -13.43
N LYS B 410 -5.83 43.66 -12.53
CA LYS B 410 -4.89 44.74 -12.25
C LYS B 410 -4.06 45.07 -13.48
N LEU B 411 -3.55 44.04 -14.17
CA LEU B 411 -2.76 44.29 -15.36
C LEU B 411 -3.59 44.93 -16.46
N LEU B 412 -4.81 44.44 -16.70
CA LEU B 412 -5.63 44.97 -17.77
C LEU B 412 -6.03 46.41 -17.53
N ALA B 413 -6.06 46.85 -16.28
CA ALA B 413 -6.29 48.26 -15.99
C ALA B 413 -5.03 49.10 -16.13
N ALA B 414 -3.88 48.47 -16.39
CA ALA B 414 -2.62 49.19 -16.48
C ALA B 414 -1.94 49.00 -17.84
N THR B 415 -2.70 48.68 -18.89
CA THR B 415 -2.09 48.42 -20.19
C THR B 415 -1.41 49.64 -20.77
N ASP B 416 -1.76 50.83 -20.29
CA ASP B 416 -1.04 52.04 -20.67
C ASP B 416 0.37 52.08 -20.08
N VAL B 417 0.68 51.22 -19.11
CA VAL B 417 1.88 51.34 -18.30
C VAL B 417 2.73 50.08 -18.43
N VAL B 418 2.09 48.93 -18.58
CA VAL B 418 2.79 47.67 -18.74
C VAL B 418 2.14 46.93 -19.90
N PHE B 419 2.87 45.94 -20.40
CA PHE B 419 2.35 45.09 -21.47
C PHE B 419 2.02 43.73 -20.87
N PRO B 420 0.75 43.44 -20.59
CA PRO B 420 0.40 42.18 -19.94
C PRO B 420 0.45 41.02 -20.93
N GLN B 421 1.04 39.92 -20.47
CA GLN B 421 1.20 38.72 -21.27
C GLN B 421 0.63 37.58 -20.45
N PHE B 422 -0.52 37.07 -20.87
CA PHE B 422 -1.26 36.09 -20.07
C PHE B 422 -0.90 34.70 -20.53
N ALA B 423 0.07 34.09 -19.85
CA ALA B 423 0.51 32.75 -20.14
C ALA B 423 -0.41 31.77 -19.43
N THR B 424 -1.16 30.99 -20.20
CA THR B 424 -2.02 29.97 -19.61
C THR B 424 -2.46 29.02 -20.71
N HIS B 425 -2.60 27.74 -20.36
CA HIS B 425 -3.21 26.77 -21.26
C HIS B 425 -4.65 26.48 -20.89
N ASN B 426 -5.19 27.18 -19.91
CA ASN B 426 -6.51 26.90 -19.37
C ASN B 426 -7.54 27.75 -20.12
N ALA B 427 -8.44 27.08 -20.86
CA ALA B 427 -9.42 27.79 -21.67
C ALA B 427 -10.37 28.62 -20.82
N GLN B 428 -10.68 28.16 -19.62
CA GLN B 428 -11.53 28.95 -18.74
C GLN B 428 -10.82 30.22 -18.30
N THR B 429 -9.54 30.11 -17.89
CA THR B 429 -8.78 31.29 -17.54
C THR B 429 -8.68 32.25 -18.72
N LEU B 430 -8.32 31.71 -19.89
CA LEU B 430 -8.21 32.54 -21.09
C LEU B 430 -9.52 33.25 -21.39
N ALA B 431 -10.62 32.51 -21.38
CA ALA B 431 -11.92 33.10 -21.72
C ALA B 431 -12.29 34.20 -20.74
N ALA B 432 -11.98 34.00 -19.45
CA ALA B 432 -12.27 35.02 -18.45
C ALA B 432 -11.50 36.30 -18.76
N ILE B 433 -10.22 36.18 -19.10
CA ILE B 433 -9.41 37.36 -19.39
C ILE B 433 -9.82 37.99 -20.70
N TYR B 434 -10.12 37.17 -21.71
CA TYR B 434 -10.54 37.69 -23.00
C TYR B 434 -11.73 38.62 -22.85
N HIS B 435 -12.71 38.22 -22.06
CA HIS B 435 -13.89 39.07 -21.89
C HIS B 435 -13.65 40.20 -20.91
N MET B 436 -12.86 39.95 -19.86
CA MET B 436 -12.50 41.00 -18.92
C MET B 436 -11.82 42.15 -19.63
N ALA B 437 -11.05 41.87 -20.68
CA ALA B 437 -10.33 42.92 -21.40
C ALA B 437 -11.25 43.79 -22.25
N GLY B 438 -12.48 43.37 -22.49
CA GLY B 438 -13.40 44.18 -23.25
C GLY B 438 -13.20 44.04 -24.74
N LYS B 439 -13.95 44.86 -25.48
CA LYS B 439 -14.02 44.76 -26.93
C LYS B 439 -12.89 45.47 -27.64
N ASP B 440 -12.26 46.47 -27.03
CA ASP B 440 -11.26 47.29 -27.70
C ASP B 440 -9.91 46.61 -27.60
N PHE B 441 -9.36 46.19 -28.74
CA PHE B 441 -8.08 45.51 -28.74
C PHE B 441 -7.22 45.99 -29.91
N HIS B 442 -5.91 46.06 -29.65
CA HIS B 442 -4.93 46.28 -30.69
C HIS B 442 -3.66 45.55 -30.28
N VAL B 443 -2.89 45.11 -31.27
CA VAL B 443 -1.61 44.49 -30.97
C VAL B 443 -0.76 45.47 -30.20
N GLY B 444 -0.15 45.00 -29.11
CA GLY B 444 0.57 45.86 -28.19
C GLY B 444 -0.21 46.22 -26.94
N LYS B 445 -1.51 45.96 -26.91
CA LYS B 445 -2.29 46.19 -25.70
C LYS B 445 -1.96 45.12 -24.66
N TYR B 446 -2.15 43.86 -25.03
CA TYR B 446 -1.74 42.72 -24.24
C TYR B 446 -1.65 41.55 -25.20
N GLU B 447 -1.11 40.43 -24.72
CA GLU B 447 -1.11 39.22 -25.51
C GLU B 447 -1.34 38.05 -24.58
N PHE B 448 -1.63 36.91 -25.19
CA PHE B 448 -1.57 35.64 -24.48
C PHE B 448 -0.22 34.99 -24.77
N GLN B 449 0.10 33.96 -23.99
CA GLN B 449 1.32 33.19 -24.18
C GLN B 449 1.01 31.73 -23.92
N CYS B 450 1.74 30.86 -24.59
CA CYS B 450 1.61 29.43 -24.37
C CYS B 450 2.96 28.78 -24.59
N LEU B 451 3.02 27.50 -24.27
CA LEU B 451 4.23 26.72 -24.45
C LEU B 451 4.19 26.02 -25.80
N HIS B 452 5.34 26.03 -26.48
CA HIS B 452 5.46 25.29 -27.74
C HIS B 452 5.06 23.84 -27.52
N GLY B 453 4.33 23.29 -28.50
CA GLY B 453 3.98 21.88 -28.48
C GLY B 453 3.04 21.47 -27.38
N MET B 454 2.40 22.44 -26.72
CA MET B 454 1.38 22.16 -25.72
C MET B 454 0.22 23.12 -25.95
N GLY B 455 0.55 24.39 -26.19
CA GLY B 455 -0.45 25.43 -26.27
C GLY B 455 -1.07 25.68 -27.63
N GLU B 456 -0.49 25.16 -28.70
CA GLU B 456 -1.03 25.45 -30.02
C GLU B 456 -2.48 25.00 -30.22
N PRO B 457 -2.89 23.80 -29.77
CA PRO B 457 -4.30 23.42 -29.98
C PRO B 457 -5.28 24.43 -29.41
N LEU B 458 -5.00 24.97 -28.23
CA LEU B 458 -5.88 26.00 -27.68
C LEU B 458 -5.76 27.29 -28.48
N TYR B 459 -4.54 27.73 -28.74
CA TYR B 459 -4.36 29.04 -29.32
C TYR B 459 -4.57 29.09 -30.82
N GLU B 460 -4.62 27.95 -31.50
CA GLU B 460 -5.10 27.99 -32.87
C GLU B 460 -6.59 28.31 -32.93
N GLU B 461 -7.28 28.20 -31.80
CA GLU B 461 -8.66 28.65 -31.66
C GLU B 461 -8.77 30.10 -31.18
N VAL B 462 -7.64 30.81 -31.07
CA VAL B 462 -7.59 32.14 -30.51
C VAL B 462 -6.98 33.15 -31.48
N VAL B 463 -5.80 32.82 -32.02
CA VAL B 463 -5.10 33.73 -32.92
C VAL B 463 -5.80 33.77 -34.27
N GLY B 464 -5.90 34.96 -34.83
CA GLY B 464 -6.43 35.07 -36.19
C GLY B 464 -7.75 35.80 -36.23
N ARG B 465 -7.99 36.52 -37.34
CA ARG B 465 -9.21 37.28 -37.50
C ARG B 465 -10.45 36.40 -37.44
N GLY B 466 -10.34 35.15 -37.86
CA GLY B 466 -11.43 34.20 -37.81
C GLY B 466 -11.64 33.50 -36.50
N LYS B 467 -10.84 33.85 -35.48
CA LYS B 467 -10.95 33.23 -34.16
C LYS B 467 -11.28 34.33 -33.16
N LEU B 468 -10.47 34.52 -32.12
CA LEU B 468 -10.67 35.63 -31.21
C LEU B 468 -9.86 36.86 -31.58
N ASP B 469 -9.02 36.76 -32.61
CA ASP B 469 -8.18 37.85 -33.06
C ASP B 469 -7.33 38.40 -31.92
N ARG B 470 -6.74 37.47 -31.16
CA ARG B 470 -5.83 37.83 -30.10
C ARG B 470 -4.49 37.15 -30.32
N PRO B 471 -3.38 37.87 -30.13
CA PRO B 471 -2.07 37.29 -30.38
C PRO B 471 -1.65 36.37 -29.25
N CYS B 472 -0.77 35.45 -29.59
CA CYS B 472 -0.20 34.54 -28.62
C CYS B 472 1.29 34.41 -28.89
N ARG B 473 2.10 34.60 -27.85
CA ARG B 473 3.54 34.38 -27.95
C ARG B 473 3.84 32.98 -27.46
N ILE B 474 4.56 32.22 -28.29
CA ILE B 474 4.90 30.85 -27.98
C ILE B 474 6.26 30.84 -27.28
N TYR B 475 6.30 30.31 -26.07
CA TYR B 475 7.54 30.06 -25.35
C TYR B 475 8.19 28.83 -25.97
N ALA B 476 9.35 29.02 -26.57
CA ALA B 476 9.94 28.02 -27.47
C ALA B 476 11.26 27.52 -26.91
N PRO B 477 11.28 26.34 -26.28
CA PRO B 477 12.56 25.75 -25.86
C PRO B 477 13.41 25.44 -27.08
N VAL B 478 14.71 25.63 -26.93
CA VAL B 478 15.65 25.38 -28.01
C VAL B 478 16.84 24.67 -27.41
N GLY B 479 17.16 23.49 -27.93
CA GLY B 479 18.30 22.76 -27.43
C GLY B 479 18.20 21.29 -27.76
N THR B 480 19.24 20.57 -27.32
CA THR B 480 19.47 19.18 -27.68
C THR B 480 18.57 18.26 -26.88
N HIS B 481 18.67 16.96 -27.17
CA HIS B 481 17.88 15.96 -26.46
C HIS B 481 18.28 15.87 -24.99
N GLU B 482 19.59 15.78 -24.73
CA GLU B 482 20.06 15.62 -23.35
C GLU B 482 19.69 16.83 -22.50
N THR B 483 19.74 18.03 -23.08
CA THR B 483 19.38 19.23 -22.33
C THR B 483 17.86 19.30 -22.11
N LEU B 484 17.07 18.89 -23.11
CA LEU B 484 15.62 18.98 -22.97
C LEU B 484 15.10 18.12 -21.84
N LEU B 485 15.64 16.91 -21.70
CA LEU B 485 15.13 15.95 -20.73
C LEU B 485 15.23 16.43 -19.29
N ALA B 486 16.13 17.38 -19.02
CA ALA B 486 16.51 17.73 -17.65
C ALA B 486 15.43 18.48 -16.86
N TYR B 487 14.28 18.80 -17.44
CA TYR B 487 13.23 19.47 -16.69
C TYR B 487 11.88 19.34 -17.39
N LEU B 488 11.70 18.27 -18.17
CA LEU B 488 10.53 18.06 -19.00
C LEU B 488 9.23 17.88 -18.21
N VAL B 489 9.31 17.74 -16.88
CA VAL B 489 8.10 17.62 -16.08
C VAL B 489 7.19 18.85 -16.24
N ARG B 490 7.74 19.97 -16.70
CA ARG B 490 6.96 21.21 -16.73
C ARG B 490 5.89 21.17 -17.81
N ARG B 491 6.23 20.68 -19.01
CA ARG B 491 5.23 20.60 -20.07
C ARG B 491 4.03 19.76 -19.66
N LEU B 492 4.25 18.77 -18.78
CA LEU B 492 3.20 17.83 -18.38
C LEU B 492 2.75 18.02 -16.94
N LEU B 493 3.64 17.85 -15.96
CA LEU B 493 3.24 17.91 -14.55
C LEU B 493 2.69 19.29 -14.18
N ALA B 497 -0.04 16.31 -13.03
CA ALA B 497 -1.00 16.63 -11.97
C ALA B 497 -2.44 16.49 -12.46
N ASN B 498 -3.25 15.78 -11.68
CA ASN B 498 -4.65 15.55 -12.04
C ASN B 498 -5.45 16.85 -12.05
N SER B 499 -5.04 17.85 -11.27
CA SER B 499 -5.77 19.10 -11.18
C SER B 499 -5.48 20.04 -12.34
N SER B 500 -4.54 19.69 -13.20
CA SER B 500 -4.14 20.59 -14.28
C SER B 500 -5.11 20.48 -15.46
N PHE B 501 -5.29 21.62 -16.13
CA PHE B 501 -6.10 21.63 -17.35
C PHE B 501 -5.50 20.70 -18.40
N VAL B 502 -4.17 20.59 -18.44
CA VAL B 502 -3.49 19.74 -19.42
C VAL B 502 -3.97 18.30 -19.28
N HIS B 503 -4.21 17.85 -18.04
CA HIS B 503 -4.71 16.50 -17.82
C HIS B 503 -6.23 16.44 -17.93
N ARG B 504 -6.92 17.48 -17.45
CA ARG B 504 -8.37 17.40 -17.31
C ARG B 504 -9.07 17.45 -18.67
N ILE B 505 -8.52 18.21 -19.62
CA ILE B 505 -9.13 18.29 -20.95
C ILE B 505 -9.18 16.92 -21.62
N ASN B 506 -8.29 16.01 -21.25
CA ASN B 506 -8.24 14.68 -21.82
C ASN B 506 -8.91 13.61 -20.97
N ASP B 507 -9.53 14.00 -19.86
CA ASP B 507 -10.19 13.03 -18.99
C ASP B 507 -11.68 13.05 -19.31
N PRO B 508 -12.22 11.98 -19.93
CA PRO B 508 -13.65 11.99 -20.28
C PRO B 508 -14.57 11.96 -19.07
N LYS B 509 -14.04 11.63 -17.88
CA LYS B 509 -14.82 11.69 -16.65
C LYS B 509 -15.01 13.13 -16.17
N VAL B 510 -14.23 14.07 -16.69
CA VAL B 510 -14.38 15.49 -16.36
C VAL B 510 -15.15 16.14 -17.50
N SER B 511 -16.31 16.70 -17.19
CA SER B 511 -17.18 17.24 -18.23
C SER B 511 -16.76 18.66 -18.59
N ILE B 512 -17.37 19.17 -19.66
CA ILE B 512 -17.11 20.54 -20.07
C ILE B 512 -17.69 21.54 -19.08
N ASP B 513 -18.81 21.19 -18.45
CA ASP B 513 -19.36 22.06 -17.40
C ASP B 513 -18.38 22.25 -16.26
N GLU B 514 -17.70 21.17 -15.84
CA GLU B 514 -16.69 21.32 -14.78
C GLU B 514 -15.55 22.23 -15.23
N LEU B 515 -15.13 22.10 -16.48
CA LEU B 515 -13.97 22.85 -16.96
C LEU B 515 -14.27 24.34 -17.07
N ILE B 516 -15.54 24.71 -17.26
CA ILE B 516 -15.91 26.11 -17.40
C ILE B 516 -16.40 26.71 -16.09
N ALA B 517 -16.38 25.94 -15.00
CA ALA B 517 -16.72 26.48 -13.69
C ALA B 517 -15.87 27.70 -13.41
N ASP B 518 -16.52 28.76 -12.92
CA ASP B 518 -15.86 30.03 -12.64
C ASP B 518 -15.21 29.91 -11.28
N PRO B 519 -13.87 29.88 -11.20
CA PRO B 519 -13.22 29.76 -9.90
C PRO B 519 -13.59 30.87 -8.94
N VAL B 520 -13.80 32.09 -9.46
CA VAL B 520 -14.12 33.22 -8.60
C VAL B 520 -15.41 32.97 -7.83
N GLU B 521 -16.46 32.55 -8.54
CA GLU B 521 -17.73 32.33 -7.86
C GLU B 521 -17.70 31.09 -6.99
N VAL B 522 -16.94 30.06 -7.38
CA VAL B 522 -16.82 28.88 -6.53
C VAL B 522 -16.13 29.25 -5.20
N VAL B 523 -15.05 30.04 -5.27
CA VAL B 523 -14.39 30.47 -4.04
C VAL B 523 -15.31 31.35 -3.20
N ARG B 524 -16.02 32.27 -3.85
CA ARG B 524 -16.87 33.20 -3.11
C ARG B 524 -17.91 32.45 -2.27
N ALA B 525 -18.34 31.28 -2.74
CA ALA B 525 -19.43 30.55 -2.11
C ALA B 525 -18.95 29.55 -1.07
N MET B 526 -17.65 29.41 -0.87
CA MET B 526 -17.12 28.50 0.13
CA MET B 526 -17.16 28.49 0.13
C MET B 526 -17.45 29.02 1.53
N PRO B 527 -17.66 28.12 2.50
CA PRO B 527 -18.01 28.59 3.86
C PRO B 527 -16.95 29.49 4.47
N VAL B 528 -15.68 29.20 4.23
CA VAL B 528 -14.58 30.03 4.71
C VAL B 528 -13.76 30.38 3.47
N VAL B 529 -13.90 31.62 2.99
CA VAL B 529 -13.18 32.02 1.79
C VAL B 529 -11.68 31.92 2.03
N GLY B 530 -10.99 31.16 1.18
CA GLY B 530 -9.55 31.08 1.24
C GLY B 530 -9.00 30.08 2.22
N ALA B 531 -9.82 29.15 2.71
CA ALA B 531 -9.30 28.12 3.60
C ALA B 531 -8.22 27.30 2.91
N LYS B 532 -7.16 27.00 3.66
CA LYS B 532 -6.09 26.14 3.19
C LYS B 532 -6.67 24.79 2.75
N HIS B 533 -5.99 24.16 1.79
CA HIS B 533 -6.34 22.80 1.40
C HIS B 533 -6.40 21.90 2.63
N ASP B 534 -7.48 21.12 2.72
CA ASP B 534 -7.69 20.27 3.88
C ASP B 534 -6.63 19.17 4.02
N ARG B 535 -5.95 18.82 2.93
CA ARG B 535 -5.03 17.70 2.93
C ARG B 535 -3.56 18.12 2.85
N ILE B 536 -3.26 19.40 3.03
CA ILE B 536 -1.88 19.90 3.03
C ILE B 536 -1.66 20.53 4.39
N ALA B 537 -0.69 20.01 5.13
CA ALA B 537 -0.45 20.49 6.47
C ALA B 537 0.35 21.78 6.42
N LEU B 538 -0.05 22.78 7.21
CA LEU B 538 0.87 23.86 7.49
C LEU B 538 2.14 23.29 8.09
N PRO B 539 3.29 23.93 7.87
CA PRO B 539 4.53 23.41 8.47
C PRO B 539 4.40 23.15 9.96
N ALA B 540 3.73 24.03 10.70
CA ALA B 540 3.58 23.83 12.14
C ALA B 540 2.77 22.60 12.45
N GLU B 541 1.96 22.11 11.51
CA GLU B 541 0.99 21.06 11.78
C GLU B 541 1.37 19.72 11.15
N LEU B 542 2.66 19.55 10.79
CA LEU B 542 3.08 18.31 10.14
C LEU B 542 2.76 17.07 10.97
N PHE B 543 2.74 17.20 12.29
CA PHE B 543 2.54 16.04 13.17
C PHE B 543 1.14 16.01 13.75
N GLY B 544 0.25 16.85 13.26
CA GLY B 544 -1.14 16.81 13.68
C GLY B 544 -1.26 17.04 15.17
N ASP B 545 -2.15 16.27 15.79
CA ASP B 545 -2.45 16.45 17.21
C ASP B 545 -1.32 16.00 18.13
N ALA B 546 -0.32 15.28 17.60
CA ALA B 546 0.72 14.73 18.49
C ALA B 546 1.57 15.84 19.09
N ARG B 547 1.95 16.83 18.30
CA ARG B 547 2.80 17.89 18.78
C ARG B 547 2.92 18.95 17.69
N THR B 548 3.38 20.11 18.10
CA THR B 548 3.59 21.22 17.20
C THR B 548 5.01 21.16 16.66
N ASN B 549 5.15 21.26 15.35
CA ASN B 549 6.46 21.23 14.73
C ASN B 549 7.22 22.50 15.10
N SER B 550 8.53 22.37 15.31
CA SER B 550 9.34 23.55 15.53
C SER B 550 9.27 24.46 14.31
N ALA B 551 9.42 25.76 14.55
CA ALA B 551 9.39 26.73 13.48
C ALA B 551 10.79 27.27 13.23
N GLY B 552 11.10 27.48 11.95
CA GLY B 552 12.34 28.09 11.56
C GLY B 552 12.18 29.58 11.34
N LEU B 553 13.13 30.14 10.62
CA LEU B 553 13.11 31.55 10.25
C LEU B 553 13.44 31.62 8.78
N ASP B 554 12.76 32.52 8.08
CA ASP B 554 12.91 32.63 6.62
C ASP B 554 14.02 33.62 6.32
N LEU B 555 15.19 33.10 5.96
CA LEU B 555 16.35 33.95 5.70
C LEU B 555 16.30 34.60 4.33
N SER B 556 15.20 34.46 3.61
CA SER B 556 14.96 35.25 2.42
C SER B 556 13.98 36.39 2.65
N ASN B 557 13.45 36.51 3.87
CA ASN B 557 12.47 37.54 4.17
C ASN B 557 13.21 38.73 4.76
N GLU B 558 13.09 39.89 4.10
CA GLU B 558 13.85 41.07 4.54
C GLU B 558 13.44 41.53 5.93
N GLU B 559 12.15 41.41 6.27
CA GLU B 559 11.74 41.76 7.63
C GLU B 559 12.45 40.86 8.63
N THR B 560 12.49 39.57 8.31
CA THR B 560 13.14 38.61 9.20
C THR B 560 14.63 38.92 9.32
N LEU B 561 15.28 39.18 8.19
CA LEU B 561 16.71 39.47 8.23
C LEU B 561 16.98 40.72 9.03
N ALA B 562 16.14 41.75 8.89
CA ALA B 562 16.34 42.99 9.64
C ALA B 562 16.17 42.76 11.13
N SER B 563 15.12 42.05 11.53
CA SER B 563 14.90 41.83 12.95
C SER B 563 15.94 40.87 13.51
N LEU B 564 16.32 39.86 12.71
CA LEU B 564 17.34 38.93 13.16
C LEU B 564 18.68 39.63 13.32
N THR B 565 19.04 40.50 12.37
CA THR B 565 20.26 41.29 12.50
C THR B 565 20.33 41.96 13.86
N GLU B 566 19.23 42.61 14.28
CA GLU B 566 19.26 43.34 15.54
C GLU B 566 19.33 42.38 16.71
N ALA B 567 18.61 41.26 16.65
CA ALA B 567 18.67 40.28 17.73
C ALA B 567 20.06 39.67 17.82
N LEU B 568 20.69 39.40 16.68
CA LEU B 568 22.03 38.82 16.69
C LEU B 568 23.03 39.80 17.26
N ARG B 569 22.99 41.06 16.82
CA ARG B 569 23.85 42.08 17.40
C ARG B 569 23.65 42.16 18.91
N GLU B 570 22.40 42.19 19.35
CA GLU B 570 22.13 42.29 20.78
C GLU B 570 22.65 41.08 21.53
N SER B 571 22.60 39.89 20.90
CA SER B 571 23.08 38.69 21.58
C SER B 571 24.56 38.80 21.84
N ALA B 572 25.28 39.50 20.98
CA ALA B 572 26.72 39.63 21.16
C ALA B 572 27.06 40.61 22.27
N ALA B 573 26.12 41.48 22.66
CA ALA B 573 26.36 42.41 23.75
C ALA B 573 26.06 41.82 25.12
N MET B 574 25.46 40.64 25.18
CA MET B 574 25.09 40.03 26.45
C MET B 574 26.29 39.35 27.07
N LYS B 575 26.29 39.29 28.40
CA LYS B 575 27.35 38.59 29.15
C LYS B 575 26.94 37.14 29.26
N TRP B 576 27.56 36.29 28.42
CA TRP B 576 27.27 34.87 28.43
C TRP B 576 28.24 34.17 29.37
N THR B 577 27.68 33.39 30.27
CA THR B 577 28.49 32.66 31.24
C THR B 577 27.95 31.25 31.32
N ALA B 578 28.80 30.35 31.79
CA ALA B 578 28.40 28.99 32.11
C ALA B 578 29.11 28.65 33.40
N LEU B 579 28.36 28.22 34.39
CA LEU B 579 28.88 27.98 35.72
C LEU B 579 28.49 26.58 36.15
N PRO B 580 29.18 26.01 37.12
CA PRO B 580 28.69 24.78 37.76
C PRO B 580 27.45 25.14 38.55
N GLN B 581 26.29 24.81 38.00
CA GLN B 581 25.01 25.15 38.60
C GLN B 581 24.53 23.93 39.37
N LEU B 582 24.87 23.88 40.65
CA LEU B 582 24.41 22.80 41.50
C LEU B 582 23.03 23.15 42.06
N ALA B 583 22.41 22.17 42.72
CA ALA B 583 21.07 22.41 43.24
C ALA B 583 21.07 23.56 44.24
N THR B 584 22.15 23.72 44.98
CA THR B 584 22.29 24.75 46.00
C THR B 584 22.78 26.08 45.46
N GLY B 585 23.02 26.17 44.16
CA GLY B 585 23.47 27.40 43.56
C GLY B 585 24.77 27.19 42.81
N PRO B 586 25.27 28.22 42.14
CA PRO B 586 26.50 28.06 41.38
C PRO B 586 27.69 27.88 42.29
N ALA B 587 28.61 27.01 41.85
CA ALA B 587 29.82 26.71 42.60
C ALA B 587 30.99 27.46 42.00
N ALA B 588 32.00 27.73 42.83
CA ALA B 588 33.21 28.34 42.33
C ALA B 588 34.03 27.32 41.53
N GLY B 589 34.89 27.83 40.67
CA GLY B 589 35.75 26.94 39.90
C GLY B 589 36.74 27.73 39.08
N GLU B 590 37.48 27.01 38.24
CA GLU B 590 38.45 27.63 37.36
C GLU B 590 37.73 28.24 36.17
N THR B 591 38.00 29.50 35.87
CA THR B 591 37.27 30.23 34.84
C THR B 591 38.18 30.53 33.66
N ARG B 592 37.63 30.43 32.45
CA ARG B 592 38.37 30.84 31.27
C ARG B 592 37.39 31.45 30.27
N THR B 593 37.95 32.13 29.28
CA THR B 593 37.12 32.71 28.23
C THR B 593 36.76 31.66 27.20
N VAL B 594 35.62 31.90 26.56
CA VAL B 594 35.16 31.12 25.41
C VAL B 594 35.33 32.03 24.21
N LEU B 595 36.10 31.58 23.22
CA LEU B 595 36.45 32.39 22.06
C LEU B 595 35.75 31.86 20.82
N ASN B 596 35.42 32.76 19.92
CA ASN B 596 34.80 32.38 18.65
C ASN B 596 35.80 31.55 17.85
N PRO B 597 35.49 30.31 17.47
CA PRO B 597 36.47 29.53 16.69
C PRO B 597 36.82 30.15 15.36
N GLY B 598 35.95 30.99 14.81
CA GLY B 598 36.26 31.66 13.56
C GLY B 598 37.05 32.93 13.71
N ASP B 599 37.22 33.41 14.94
CA ASP B 599 37.98 34.62 15.18
C ASP B 599 38.25 34.69 16.68
N HIS B 600 39.45 34.27 17.10
CA HIS B 600 39.75 34.22 18.52
C HIS B 600 39.76 35.60 19.17
N ARG B 601 39.72 36.68 18.38
CA ARG B 601 39.60 38.00 18.97
C ARG B 601 38.20 38.27 19.49
N ASP B 602 37.21 37.49 19.04
CA ASP B 602 35.82 37.67 19.43
C ASP B 602 35.57 36.83 20.67
N VAL B 603 35.54 37.47 21.84
CA VAL B 603 35.29 36.77 23.09
C VAL B 603 33.79 36.58 23.22
N VAL B 604 33.35 35.33 23.30
CA VAL B 604 31.92 35.06 23.37
C VAL B 604 31.42 35.10 24.80
N GLY B 605 32.21 34.60 25.73
CA GLY B 605 31.75 34.54 27.10
C GLY B 605 32.79 33.89 27.96
N SER B 606 32.36 33.41 29.12
CA SER B 606 33.28 32.82 30.08
CA SER B 606 33.27 32.84 30.11
C SER B 606 32.64 31.59 30.68
N VAL B 607 33.47 30.59 30.95
CA VAL B 607 33.00 29.35 31.55
C VAL B 607 33.77 29.10 32.83
N THR B 608 33.05 28.77 33.89
CA THR B 608 33.66 28.32 35.13
C THR B 608 33.47 26.81 35.19
N GLU B 609 34.57 26.10 35.28
CA GLU B 609 34.49 24.66 35.15
C GLU B 609 34.40 24.01 36.52
N THR B 610 33.86 22.80 36.53
CA THR B 610 33.43 22.13 37.75
C THR B 610 34.58 21.32 38.32
N SER B 611 34.82 21.44 39.62
CA SER B 611 35.79 20.55 40.25
C SER B 611 35.21 19.14 40.34
N GLU B 612 36.09 18.15 40.39
CA GLU B 612 35.62 16.78 40.52
C GLU B 612 34.84 16.60 41.83
N GLU B 613 35.26 17.29 42.89
CA GLU B 613 34.51 17.22 44.15
C GLU B 613 33.10 17.76 43.98
N ASP B 614 32.95 18.88 43.25
CA ASP B 614 31.61 19.41 43.05
C ASP B 614 30.79 18.54 42.10
N ALA B 615 31.46 17.84 41.18
CA ALA B 615 30.74 16.89 40.34
C ALA B 615 30.14 15.79 41.20
N ARG B 616 30.92 15.26 42.13
CA ARG B 616 30.38 14.23 43.03
C ARG B 616 29.30 14.81 43.93
N ARG B 617 29.50 16.04 44.42
CA ARG B 617 28.46 16.67 45.23
C ARG B 617 27.16 16.82 44.45
N ALA B 618 27.27 17.18 43.17
CA ALA B 618 26.07 17.33 42.36
C ALA B 618 25.30 16.01 42.28
N VAL B 619 26.02 14.90 42.11
CA VAL B 619 25.34 13.61 42.01
C VAL B 619 24.63 13.28 43.31
N ARG B 620 25.25 13.59 44.44
CA ARG B 620 24.59 13.37 45.73
C ARG B 620 23.34 14.23 45.84
N LEU B 621 23.43 15.49 45.42
CA LEU B 621 22.26 16.36 45.45
C LEU B 621 21.16 15.83 44.53
N ALA B 622 21.55 15.29 43.37
CA ALA B 622 20.55 14.70 42.48
C ALA B 622 19.90 13.47 43.11
N ALA B 623 20.70 12.64 43.78
CA ALA B 623 20.16 11.46 44.44
C ALA B 623 19.17 11.86 45.53
N ASP B 624 19.50 12.89 46.32
CA ASP B 624 18.60 13.33 47.37
C ASP B 624 17.28 13.79 46.80
N ALA B 625 17.32 14.45 45.65
CA ALA B 625 16.13 15.01 45.04
C ALA B 625 15.41 14.03 44.13
N ALA B 626 15.98 12.86 43.91
CA ALA B 626 15.38 11.94 42.93
C ALA B 626 13.94 11.58 43.26
N PRO B 627 13.58 11.22 44.49
CA PRO B 627 12.17 10.89 44.76
C PRO B 627 11.20 12.04 44.46
N ASP B 628 11.59 13.28 44.78
CA ASP B 628 10.67 14.40 44.57
C ASP B 628 10.40 14.61 43.09
N TRP B 629 11.41 14.44 42.25
CA TRP B 629 11.18 14.63 40.82
C TRP B 629 10.42 13.46 40.23
N ALA B 630 10.73 12.24 40.68
CA ALA B 630 9.99 11.09 40.19
C ALA B 630 8.52 11.21 40.54
N ALA B 631 8.19 11.92 41.62
CA ALA B 631 6.81 12.06 42.05
C ALA B 631 6.04 13.11 41.26
N VAL B 632 6.71 13.89 40.43
CA VAL B 632 5.99 14.83 39.57
C VAL B 632 5.35 13.98 38.50
N PRO B 633 4.04 14.06 38.30
CA PRO B 633 3.36 13.21 37.33
C PRO B 633 3.98 13.36 35.95
N PRO B 634 4.06 12.28 35.19
CA PRO B 634 4.66 12.36 33.84
C PRO B 634 4.07 13.47 32.99
N SER B 635 2.75 13.68 33.02
CA SER B 635 2.17 14.73 32.20
C SER B 635 2.67 16.11 32.62
N GLU B 636 2.95 16.31 33.92
CA GLU B 636 3.50 17.59 34.34
C GLU B 636 4.98 17.70 34.01
N ARG B 637 5.72 16.60 34.07
CA ARG B 637 7.09 16.65 33.59
C ARG B 637 7.12 16.98 32.11
N ALA B 638 6.21 16.38 31.33
CA ALA B 638 6.11 16.68 29.91
C ALA B 638 5.74 18.13 29.68
N ALA B 639 4.87 18.70 30.53
CA ALA B 639 4.50 20.11 30.38
C ALA B 639 5.70 21.02 30.56
N CYS B 640 6.65 20.66 31.41
CA CYS B 640 7.87 21.44 31.54
C CYS B 640 8.66 21.42 30.24
N LEU B 641 8.77 20.24 29.62
CA LEU B 641 9.45 20.16 28.33
C LEU B 641 8.75 21.03 27.31
N ASP B 642 7.41 20.96 27.26
CA ASP B 642 6.69 21.79 26.29
C ASP B 642 6.88 23.27 26.58
N ARG B 643 6.89 23.65 27.86
CA ARG B 643 7.16 25.05 28.17
C ARG B 643 8.55 25.45 27.73
N ALA B 644 9.53 24.57 27.94
CA ALA B 644 10.89 24.89 27.52
C ALA B 644 10.96 25.07 26.02
N ALA B 645 10.21 24.26 25.27
CA ALA B 645 10.21 24.39 23.82
C ALA B 645 9.64 25.73 23.40
N GLU B 646 8.57 26.18 24.06
CA GLU B 646 7.99 27.49 23.74
C GLU B 646 9.01 28.59 23.97
N LEU B 647 9.77 28.50 25.07
CA LEU B 647 10.78 29.51 25.35
C LEU B 647 11.90 29.47 24.33
N MET B 648 12.37 28.28 23.96
CA MET B 648 13.43 28.22 22.96
C MET B 648 12.95 28.75 21.62
N GLN B 649 11.68 28.48 21.28
CA GLN B 649 11.15 28.99 20.02
C GLN B 649 11.12 30.51 20.05
N ALA B 650 10.63 31.08 21.14
CA ALA B 650 10.51 32.54 21.22
C ALA B 650 11.86 33.21 21.25
N ARG B 651 12.85 32.55 21.84
CA ARG B 651 14.19 33.11 21.98
C ARG B 651 15.15 32.63 20.91
N MET B 652 14.64 31.94 19.89
CA MET B 652 15.50 31.44 18.83
C MET B 652 16.48 32.48 18.28
N PRO B 653 16.09 33.72 17.98
CA PRO B 653 17.07 34.66 17.42
C PRO B 653 18.28 34.87 18.31
N THR B 654 18.08 35.03 19.62
CA THR B 654 19.19 35.19 20.55
C THR B 654 20.03 33.91 20.61
N LEU B 655 19.38 32.75 20.73
CA LEU B 655 20.10 31.50 20.76
C LEU B 655 20.94 31.32 19.51
N LEU B 656 20.41 31.71 18.35
CA LEU B 656 21.17 31.60 17.10
C LEU B 656 22.47 32.38 17.21
N GLY B 657 22.39 33.61 17.69
CA GLY B 657 23.59 34.42 17.81
C GLY B 657 24.65 33.74 18.63
N LEU B 658 24.25 33.13 19.75
CA LEU B 658 25.22 32.44 20.58
C LEU B 658 25.81 31.23 19.87
N ILE B 659 24.96 30.43 19.22
CA ILE B 659 25.44 29.22 18.55
C ILE B 659 26.36 29.58 17.41
N ILE B 660 26.02 30.61 16.65
CA ILE B 660 26.84 31.04 15.53
C ILE B 660 28.25 31.38 16.01
N ARG B 661 28.34 32.11 17.12
CA ARG B 661 29.62 32.62 17.58
C ARG B 661 30.39 31.61 18.41
N GLU B 662 29.70 30.76 19.17
CA GLU B 662 30.40 29.81 20.03
C GLU B 662 30.81 28.55 19.28
N ALA B 663 29.99 28.08 18.35
CA ALA B 663 30.20 26.78 17.75
C ALA B 663 30.55 26.83 16.27
N GLY B 664 30.77 28.02 15.72
CA GLY B 664 31.15 28.09 14.31
C GLY B 664 30.06 27.75 13.33
N LYS B 665 28.80 27.88 13.73
CA LYS B 665 27.70 27.49 12.86
C LYS B 665 27.25 28.68 12.03
N SER B 666 26.81 28.37 10.81
CA SER B 666 26.10 29.36 10.01
C SER B 666 24.70 29.55 10.56
N ALA B 667 24.08 30.65 10.13
CA ALA B 667 22.72 30.95 10.58
C ALA B 667 21.77 29.79 10.28
N LEU B 668 21.82 29.23 9.07
CA LEU B 668 20.90 28.15 8.75
C LEU B 668 21.12 26.95 9.66
N ASN B 669 22.37 26.61 9.94
CA ASN B 669 22.59 25.45 10.79
C ASN B 669 22.30 25.75 12.25
N ALA B 670 22.44 27.00 12.68
CA ALA B 670 22.03 27.37 14.02
C ALA B 670 20.52 27.27 14.17
N ILE B 671 19.78 27.70 13.14
CA ILE B 671 18.33 27.52 13.15
C ILE B 671 17.98 26.04 13.29
N ALA B 672 18.64 25.20 12.50
CA ALA B 672 18.36 23.76 12.58
C ALA B 672 18.67 23.23 13.96
N GLU B 673 19.75 23.71 14.57
CA GLU B 673 20.12 23.30 15.92
C GLU B 673 19.01 23.62 16.92
N VAL B 674 18.54 24.86 16.93
CA VAL B 674 17.48 25.24 17.87
C VAL B 674 16.19 24.49 17.57
N ARG B 675 15.85 24.35 16.29
CA ARG B 675 14.64 23.61 15.95
C ARG B 675 14.72 22.19 16.46
N GLU B 676 15.88 21.57 16.32
CA GLU B 676 16.01 20.18 16.77
C GLU B 676 15.82 20.09 18.27
N ALA B 677 16.37 21.05 19.02
CA ALA B 677 16.18 21.04 20.46
C ALA B 677 14.71 21.17 20.80
N ILE B 678 14.01 22.08 20.12
CA ILE B 678 12.58 22.24 20.34
C ILE B 678 11.85 20.94 20.04
N ASP B 679 12.21 20.30 18.93
CA ASP B 679 11.55 19.07 18.54
C ASP B 679 11.82 17.94 19.53
N PHE B 680 13.05 17.83 20.03
CA PHE B 680 13.29 16.82 21.07
C PHE B 680 12.39 17.06 22.26
N LEU B 681 12.34 18.32 22.73
CA LEU B 681 11.49 18.63 23.87
C LEU B 681 10.07 18.19 23.62
N ARG B 682 9.53 18.57 22.48
CA ARG B 682 8.12 18.30 22.24
C ARG B 682 7.87 16.83 21.94
N TYR B 683 8.83 16.18 21.30
CA TYR B 683 8.65 14.77 20.98
C TYR B 683 8.70 13.93 22.25
N TYR B 684 9.72 14.14 23.10
CA TYR B 684 9.77 13.35 24.31
C TYR B 684 8.60 13.67 25.24
N ALA B 685 8.10 14.90 25.21
CA ALA B 685 6.88 15.22 25.96
C ALA B 685 5.72 14.39 25.46
N GLU B 686 5.53 14.36 24.15
CA GLU B 686 4.42 13.57 23.61
C GLU B 686 4.62 12.09 23.86
N GLN B 687 5.84 11.58 23.67
CA GLN B 687 6.04 10.15 23.92
C GLN B 687 5.76 9.82 25.37
N THR B 688 6.11 10.73 26.28
CA THR B 688 5.77 10.54 27.69
C THR B 688 4.27 10.47 27.87
N ARG B 689 3.54 11.41 27.28
CA ARG B 689 2.09 11.42 27.43
C ARG B 689 1.46 10.16 26.86
N ARG B 690 2.09 9.54 25.87
CA ARG B 690 1.58 8.30 25.29
C ARG B 690 1.91 7.05 26.11
N THR B 691 2.90 7.10 27.00
CA THR B 691 3.43 5.85 27.54
C THR B 691 3.57 5.77 29.05
N LEU B 692 4.06 6.81 29.72
CA LEU B 692 4.58 6.60 31.06
C LEU B 692 3.48 6.59 32.12
N GLY B 693 3.52 5.56 32.96
CA GLY B 693 2.59 5.39 34.04
C GLY B 693 3.33 5.07 35.32
N PRO B 694 2.56 4.76 36.36
CA PRO B 694 3.18 4.58 37.70
C PRO B 694 4.20 3.47 37.76
N GLY B 695 4.03 2.40 36.96
CA GLY B 695 4.94 1.29 36.97
C GLY B 695 6.23 1.48 36.21
N HIS B 696 6.43 2.61 35.55
CA HIS B 696 7.66 2.87 34.80
C HIS B 696 8.51 3.80 35.64
N GLY B 697 9.12 3.24 36.67
CA GLY B 697 9.90 4.01 37.60
C GLY B 697 11.20 4.51 36.99
N PRO B 698 11.68 5.65 37.47
CA PRO B 698 12.93 6.19 36.95
C PRO B 698 14.12 5.37 37.40
N LEU B 699 15.22 5.53 36.66
CA LEU B 699 16.48 4.92 37.09
C LEU B 699 17.05 5.63 38.31
N GLY B 700 16.98 6.95 38.34
CA GLY B 700 17.70 7.73 39.32
C GLY B 700 18.54 8.76 38.60
N PRO B 701 19.54 9.33 39.29
CA PRO B 701 20.37 10.36 38.65
C PRO B 701 20.99 9.86 37.35
N ILE B 702 20.77 10.60 36.28
CA ILE B 702 21.33 10.26 34.98
CA ILE B 702 21.31 10.27 34.97
C ILE B 702 22.36 11.31 34.63
N VAL B 703 23.54 10.84 34.22
CA VAL B 703 24.60 11.71 33.76
C VAL B 703 24.48 11.83 32.25
N CYS B 704 24.34 13.05 31.75
CA CYS B 704 24.18 13.30 30.33
C CYS B 704 25.42 14.02 29.84
N ILE B 705 26.16 13.37 28.95
CA ILE B 705 27.43 13.87 28.45
C ILE B 705 27.26 14.05 26.95
N SER B 706 27.54 15.25 26.47
CA SER B 706 27.14 15.62 25.12
C SER B 706 28.33 16.15 24.34
N PRO B 707 28.25 16.11 23.01
CA PRO B 707 29.37 16.53 22.18
C PRO B 707 29.25 18.02 21.87
N TRP B 708 30.35 18.58 21.34
CA TRP B 708 30.32 20.01 21.06
C TRP B 708 29.54 20.34 19.80
N ASN B 709 29.41 19.40 18.86
CA ASN B 709 29.11 19.81 17.49
C ASN B 709 27.63 20.05 17.25
N PHE B 710 26.77 19.47 18.07
CA PHE B 710 25.35 19.82 18.14
C PHE B 710 25.14 20.31 19.56
N PRO B 711 25.61 21.52 19.85
CA PRO B 711 25.81 21.93 21.25
C PRO B 711 24.54 22.24 22.00
N LEU B 712 23.42 22.47 21.32
CA LEU B 712 22.14 22.60 21.99
C LEU B 712 21.22 21.43 21.75
N ALA B 713 21.20 20.89 20.53
CA ALA B 713 20.19 19.90 20.18
C ALA B 713 20.43 18.59 20.91
N ILE B 714 21.63 18.01 20.79
CA ILE B 714 21.86 16.74 21.45
C ILE B 714 21.90 16.95 22.95
N PHE B 715 22.49 18.05 23.38
CA PHE B 715 22.50 18.42 24.78
C PHE B 715 21.09 18.41 25.35
N THR B 716 20.17 19.12 24.68
CA THR B 716 18.79 19.21 25.15
C THR B 716 18.08 17.87 25.05
N GLY B 717 18.29 17.15 23.94
CA GLY B 717 17.58 15.89 23.75
C GLY B 717 17.84 14.90 24.86
N GLN B 718 19.11 14.68 25.21
CA GLN B 718 19.40 13.69 26.23
C GLN B 718 18.81 14.13 27.56
N ILE B 719 18.99 15.39 27.90
CA ILE B 719 18.52 15.88 29.18
C ILE B 719 17.01 15.81 29.26
N ALA B 720 16.34 16.22 28.18
CA ALA B 720 14.89 16.24 28.19
C ALA B 720 14.33 14.86 28.39
N ALA B 721 14.92 13.88 27.68
CA ALA B 721 14.44 12.51 27.79
C ALA B 721 14.62 11.99 29.21
N ALA B 722 15.82 12.19 29.76
CA ALA B 722 16.08 11.71 31.10
C ALA B 722 15.13 12.36 32.11
N LEU B 723 14.98 13.69 32.01
CA LEU B 723 14.09 14.40 32.93
C LEU B 723 12.66 13.91 32.82
N VAL B 724 12.16 13.77 31.59
CA VAL B 724 10.74 13.50 31.45
C VAL B 724 10.44 12.07 31.87
N ALA B 725 11.44 11.19 31.78
CA ALA B 725 11.30 9.85 32.31
C ALA B 725 11.36 9.83 33.84
N GLY B 726 11.54 10.97 34.48
CA GLY B 726 11.47 11.04 35.92
C GLY B 726 12.81 11.02 36.62
N ASN B 727 13.90 11.24 35.89
CA ASN B 727 15.26 11.18 36.42
C ASN B 727 15.82 12.58 36.58
N PRO B 728 16.43 12.89 37.73
CA PRO B 728 17.22 14.11 37.80
C PRO B 728 18.47 13.93 36.97
N VAL B 729 18.97 15.04 36.44
CA VAL B 729 20.02 15.01 35.45
C VAL B 729 21.23 15.80 35.90
N LEU B 730 22.41 15.23 35.67
CA LEU B 730 23.67 15.95 35.73
C LEU B 730 24.10 16.18 34.28
N ALA B 731 24.10 17.42 33.86
CA ALA B 731 24.36 17.76 32.47
C ALA B 731 25.81 18.23 32.33
N LYS B 732 26.60 17.48 31.58
CA LYS B 732 28.02 17.78 31.38
C LYS B 732 28.21 18.10 29.90
N PRO B 733 28.19 19.35 29.53
CA PRO B 733 28.35 19.72 28.11
C PRO B 733 29.81 19.64 27.74
N ALA B 734 30.04 19.54 26.43
CA ALA B 734 31.39 19.50 25.92
C ALA B 734 32.15 20.76 26.31
N GLU B 735 33.46 20.62 26.50
CA GLU B 735 34.24 21.76 26.97
C GLU B 735 34.28 22.89 25.95
N GLU B 736 34.09 22.58 24.67
CA GLU B 736 34.18 23.62 23.65
C GLU B 736 32.96 24.53 23.65
N THR B 737 31.80 24.05 24.10
CA THR B 737 30.54 24.76 23.88
C THR B 737 29.67 24.83 25.13
N PRO B 738 30.21 25.32 26.24
CA PRO B 738 29.42 25.34 27.47
C PRO B 738 28.37 26.44 27.49
N LEU B 739 28.53 27.51 26.70
CA LEU B 739 27.64 28.66 26.87
C LEU B 739 26.22 28.35 26.41
N ILE B 740 26.07 27.73 25.24
CA ILE B 740 24.71 27.41 24.80
C ILE B 740 24.09 26.35 25.69
N ALA B 741 24.92 25.45 26.23
CA ALA B 741 24.40 24.46 27.17
C ALA B 741 23.87 25.14 28.42
N ALA B 742 24.62 26.10 28.96
CA ALA B 742 24.14 26.83 30.12
C ALA B 742 22.81 27.51 29.82
N GLU B 743 22.68 28.04 28.59
CA GLU B 743 21.43 28.69 28.23
C GLU B 743 20.30 27.68 28.14
N GLY B 744 20.58 26.50 27.60
CA GLY B 744 19.59 25.44 27.63
C GLY B 744 19.13 25.10 29.04
N VAL B 745 20.05 25.02 29.98
CA VAL B 745 19.67 24.69 31.35
C VAL B 745 18.86 25.83 31.96
N ARG B 746 19.24 27.09 31.70
CA ARG B 746 18.43 28.21 32.16
C ARG B 746 17.00 28.09 31.66
N ILE B 747 16.83 27.72 30.39
CA ILE B 747 15.49 27.66 29.83
C ILE B 747 14.70 26.51 30.44
N LEU B 748 15.32 25.35 30.61
CA LEU B 748 14.62 24.24 31.23
C LEU B 748 14.24 24.56 32.66
N ARG B 749 15.14 25.21 33.41
CA ARG B 749 14.78 25.60 34.76
C ARG B 749 13.65 26.62 34.75
N GLU B 750 13.71 27.58 33.83
CA GLU B 750 12.66 28.58 33.77
C GLU B 750 11.32 27.94 33.45
N ALA B 751 11.36 26.86 32.65
CA ALA B 751 10.15 26.15 32.25
C ALA B 751 9.60 25.27 33.35
N GLY B 752 10.30 25.10 34.46
CA GLY B 752 9.74 24.35 35.56
C GLY B 752 10.59 23.21 36.07
N ILE B 753 11.71 22.90 35.42
CA ILE B 753 12.56 21.83 35.94
C ILE B 753 13.26 22.32 37.20
N PRO B 754 13.07 21.66 38.34
CA PRO B 754 13.69 22.14 39.59
C PRO B 754 15.21 22.13 39.49
N ALA B 755 15.83 23.06 40.22
CA ALA B 755 17.29 23.13 40.19
C ALA B 755 17.90 21.81 40.64
N SER B 756 17.26 21.10 41.57
CA SER B 756 17.82 19.84 42.02
C SER B 756 17.67 18.74 40.98
N ALA B 757 16.75 18.89 40.04
CA ALA B 757 16.57 17.91 39.00
C ALA B 757 17.45 18.17 37.78
N LEU B 758 18.06 19.34 37.66
CA LEU B 758 18.86 19.64 36.47
C LEU B 758 20.02 20.55 36.90
N GLN B 759 21.19 19.95 37.00
CA GLN B 759 22.40 20.66 37.38
C GLN B 759 23.36 20.63 36.20
N LEU B 760 24.02 21.76 35.96
CA LEU B 760 24.95 21.91 34.86
C LEU B 760 26.36 21.84 35.42
N LEU B 761 27.20 20.97 34.85
CA LEU B 761 28.58 20.79 35.30
C LEU B 761 29.51 21.02 34.11
N PRO B 762 29.86 22.26 33.83
CA PRO B 762 30.80 22.50 32.74
C PRO B 762 32.17 21.94 33.06
N GLY B 763 32.87 21.59 32.01
CA GLY B 763 34.26 21.18 32.15
C GLY B 763 34.61 20.17 31.08
N ASP B 764 35.79 19.59 31.22
CA ASP B 764 36.29 18.69 30.20
C ASP B 764 35.96 17.26 30.57
N GLY B 765 36.64 16.30 29.94
CA GLY B 765 36.31 14.91 30.15
C GLY B 765 36.53 14.43 31.57
N ARG B 766 37.38 15.10 32.33
CA ARG B 766 37.56 14.71 33.73
C ARG B 766 36.28 14.93 34.52
N VAL B 767 35.53 15.98 34.17
CA VAL B 767 34.26 16.21 34.85
C VAL B 767 33.26 15.12 34.46
N GLY B 768 33.21 14.79 33.17
CA GLY B 768 32.35 13.70 32.76
C GLY B 768 32.73 12.40 33.45
N ALA B 769 34.03 12.12 33.53
CA ALA B 769 34.46 10.88 34.16
C ALA B 769 34.08 10.85 35.64
N ALA B 770 34.21 11.98 36.32
CA ALA B 770 33.87 12.03 37.75
C ALA B 770 32.37 11.80 37.95
N LEU B 771 31.55 12.31 37.03
CA LEU B 771 30.12 12.10 37.15
C LEU B 771 29.77 10.63 36.91
N VAL B 772 30.36 10.03 35.88
CA VAL B 772 30.10 8.64 35.56
C VAL B 772 30.46 7.74 36.73
N ALA B 773 31.58 8.02 37.38
CA ALA B 773 32.06 7.16 38.46
C ALA B 773 31.35 7.39 39.78
N ALA B 774 30.56 8.46 39.90
CA ALA B 774 29.94 8.78 41.18
C ALA B 774 28.99 7.68 41.61
N ALA B 775 28.92 7.47 42.93
CA ALA B 775 28.27 6.28 43.48
C ALA B 775 26.78 6.23 43.12
N GLU B 776 26.11 7.37 43.10
CA GLU B 776 24.66 7.39 42.90
C GLU B 776 24.25 7.51 41.45
N THR B 777 25.20 7.57 40.52
CA THR B 777 24.82 7.64 39.11
C THR B 777 24.12 6.36 38.71
N ALA B 778 22.92 6.52 38.15
CA ALA B 778 22.03 5.40 37.84
C ALA B 778 21.91 5.14 36.35
N GLY B 779 22.48 5.99 35.52
CA GLY B 779 22.46 5.78 34.09
C GLY B 779 23.27 6.87 33.44
N VAL B 780 23.75 6.58 32.23
CA VAL B 780 24.58 7.53 31.51
C VAL B 780 24.06 7.61 30.09
N MET B 781 23.87 8.83 29.61
CA MET B 781 23.55 9.11 28.22
C MET B 781 24.75 9.84 27.64
N PHE B 782 25.40 9.20 26.68
CA PHE B 782 26.62 9.74 26.12
C PHE B 782 26.45 9.86 24.62
N THR B 783 26.80 11.01 24.09
CA THR B 783 26.97 11.17 22.66
C THR B 783 28.33 11.78 22.44
N GLY B 784 29.13 11.16 21.58
CA GLY B 784 30.49 11.61 21.41
C GLY B 784 31.29 10.56 20.67
N SER B 785 32.59 10.62 20.84
CA SER B 785 33.42 9.69 20.10
C SER B 785 33.32 8.27 20.65
N THR B 786 33.51 7.30 19.77
CA THR B 786 33.50 5.90 20.21
C THR B 786 34.59 5.66 21.26
N GLU B 787 35.77 6.27 21.08
CA GLU B 787 36.87 6.07 22.01
C GLU B 787 36.49 6.49 23.43
N VAL B 788 35.83 7.64 23.56
CA VAL B 788 35.41 8.10 24.89
C VAL B 788 34.32 7.19 25.43
N ALA B 789 33.38 6.78 24.57
CA ALA B 789 32.31 5.91 25.04
C ALA B 789 32.86 4.64 25.65
N ARG B 790 33.94 4.10 25.09
CA ARG B 790 34.51 2.87 25.62
C ARG B 790 35.08 3.09 27.02
N LEU B 791 35.64 4.27 27.28
CA LEU B 791 36.13 4.57 28.61
C LEU B 791 35.00 4.65 29.61
N ILE B 792 33.88 5.27 29.22
CA ILE B 792 32.73 5.35 30.10
C ILE B 792 32.17 3.97 30.36
N GLN B 793 32.06 3.17 29.31
CA GLN B 793 31.57 1.81 29.46
C GLN B 793 32.40 1.03 30.45
N ALA B 794 33.73 1.18 30.39
CA ALA B 794 34.58 0.48 31.34
C ALA B 794 34.33 0.95 32.76
N GLN B 795 34.20 2.27 32.97
CA GLN B 795 33.89 2.79 34.30
C GLN B 795 32.62 2.16 34.85
N LEU B 796 31.57 2.11 34.01
CA LEU B 796 30.27 1.67 34.50
C LEU B 796 30.26 0.19 34.81
N ALA B 797 31.04 -0.60 34.07
CA ALA B 797 31.04 -2.04 34.25
C ALA B 797 31.61 -2.46 35.60
N ASP B 798 32.34 -1.57 36.26
CA ASP B 798 32.79 -1.87 37.62
C ASP B 798 31.66 -1.73 38.64
N ARG B 799 30.52 -1.19 38.25
CA ARG B 799 29.46 -0.80 39.16
CA ARG B 799 29.49 -0.86 39.22
C ARG B 799 28.19 -1.57 38.88
N LEU B 800 27.31 -1.62 39.87
CA LEU B 800 25.97 -2.14 39.73
C LEU B 800 25.02 -1.19 40.43
N SER B 801 23.77 -1.19 39.99
CA SER B 801 22.73 -0.45 40.69
C SER B 801 22.54 -1.07 42.08
N PRO B 802 21.87 -0.37 42.98
CA PRO B 802 21.52 -0.98 44.27
C PRO B 802 20.70 -2.26 44.13
N ALA B 803 19.99 -2.42 43.02
CA ALA B 803 19.28 -3.66 42.72
C ALA B 803 20.19 -4.73 42.13
N GLY B 804 21.47 -4.45 41.96
CA GLY B 804 22.41 -5.44 41.45
C GLY B 804 22.35 -5.64 39.95
N ARG B 805 22.12 -4.58 39.19
CA ARG B 805 21.97 -4.69 37.75
C ARG B 805 22.86 -3.68 37.06
N PRO B 806 23.22 -3.91 35.80
CA PRO B 806 24.13 -2.98 35.12
C PRO B 806 23.52 -1.61 35.01
N ILE B 807 24.37 -0.59 35.14
CA ILE B 807 23.97 0.80 34.95
C ILE B 807 23.75 1.00 33.45
N PRO B 808 22.56 1.43 33.02
CA PRO B 808 22.32 1.59 31.58
C PRO B 808 23.17 2.69 30.98
N LEU B 809 23.70 2.42 29.79
CA LEU B 809 24.47 3.40 29.05
C LEU B 809 23.87 3.47 27.65
N ILE B 810 23.46 4.66 27.23
CA ILE B 810 23.18 4.93 25.83
C ILE B 810 24.42 5.63 25.31
N ALA B 811 25.07 5.04 24.33
CA ALA B 811 26.31 5.61 23.80
C ALA B 811 26.16 5.73 22.29
N GLU B 812 25.97 6.96 21.83
CA GLU B 812 25.73 7.25 20.43
C GLU B 812 27.01 7.88 19.91
N THR B 813 27.66 7.21 18.96
CA THR B 813 29.06 7.47 18.71
C THR B 813 29.32 7.81 17.24
N GLY B 814 30.54 7.59 16.76
CA GLY B 814 30.95 8.17 15.51
C GLY B 814 30.41 7.44 14.29
N GLY B 815 30.79 7.95 13.13
CA GLY B 815 30.39 7.33 11.89
C GLY B 815 31.54 7.38 10.90
N GLN B 816 31.42 6.55 9.87
CA GLN B 816 32.31 6.61 8.71
C GLN B 816 31.40 6.53 7.50
N ASN B 817 30.70 7.63 7.22
CA ASN B 817 29.47 7.56 6.46
C ASN B 817 29.75 7.66 4.98
N ALA B 818 29.15 6.75 4.21
CA ALA B 818 29.34 6.70 2.78
C ALA B 818 28.08 7.13 2.05
N MET B 819 28.28 7.59 0.82
CA MET B 819 27.21 7.78 -0.13
C MET B 819 27.63 7.06 -1.40
N ILE B 820 26.75 6.22 -1.92
CA ILE B 820 27.02 5.53 -3.16
C ILE B 820 26.20 6.18 -4.25
N VAL B 821 26.84 6.51 -5.36
CA VAL B 821 26.22 7.22 -6.47
C VAL B 821 26.42 6.36 -7.70
N ASP B 822 25.34 6.00 -8.37
CA ASP B 822 25.50 5.25 -9.61
C ASP B 822 25.34 6.16 -10.83
N SER B 823 25.46 5.58 -12.01
CA SER B 823 25.43 6.41 -13.21
C SER B 823 24.04 6.92 -13.55
N SER B 824 23.01 6.49 -12.83
CA SER B 824 21.68 7.01 -13.10
C SER B 824 21.38 8.28 -12.31
N ALA B 825 22.20 8.60 -11.33
CA ALA B 825 21.93 9.74 -10.47
C ALA B 825 22.09 11.03 -11.24
N LEU B 826 21.40 12.08 -10.81
CA LEU B 826 21.51 13.39 -11.43
C LEU B 826 22.66 14.15 -10.79
N ALA B 827 23.67 14.50 -11.60
CA ALA B 827 24.91 15.04 -11.05
C ALA B 827 24.67 16.27 -10.19
N GLU B 828 23.82 17.19 -10.66
CA GLU B 828 23.57 18.42 -9.91
C GLU B 828 22.98 18.11 -8.53
N GLN B 829 22.09 17.12 -8.46
CA GLN B 829 21.49 16.74 -7.19
C GLN B 829 22.54 16.12 -6.28
N VAL B 830 23.35 15.22 -6.82
CA VAL B 830 24.44 14.62 -6.07
C VAL B 830 25.35 15.71 -5.51
N VAL B 831 25.75 16.65 -6.37
CA VAL B 831 26.73 17.63 -5.94
C VAL B 831 26.17 18.49 -4.79
N GLY B 832 24.91 18.91 -4.90
CA GLY B 832 24.34 19.70 -3.83
C GLY B 832 24.26 18.90 -2.53
N ASP B 833 23.91 17.63 -2.64
CA ASP B 833 23.78 16.81 -1.44
C ASP B 833 25.13 16.46 -0.85
N VAL B 834 26.16 16.32 -1.70
CA VAL B 834 27.50 16.08 -1.21
C VAL B 834 28.01 17.31 -0.48
N ILE B 835 27.81 18.49 -1.06
CA ILE B 835 28.32 19.69 -0.41
C ILE B 835 27.66 19.86 0.95
N THR B 836 26.33 19.70 0.99
CA THR B 836 25.63 19.78 2.26
C THR B 836 26.13 18.74 3.24
N SER B 837 26.26 17.49 2.77
CA SER B 837 26.55 16.42 3.71
C SER B 837 28.01 16.41 4.15
N ALA B 838 28.93 16.78 3.27
CA ALA B 838 30.34 16.65 3.56
C ALA B 838 30.95 17.90 4.16
N PHE B 839 30.49 19.07 3.74
CA PHE B 839 31.22 20.29 4.02
C PHE B 839 30.44 21.32 4.81
N ASP B 840 29.12 21.24 4.82
CA ASP B 840 28.34 22.06 5.73
C ASP B 840 28.82 21.80 7.15
N SER B 841 28.87 22.85 7.96
CA SER B 841 29.42 22.78 9.31
C SER B 841 30.85 22.31 9.32
N ALA B 842 31.53 22.52 8.19
CA ALA B 842 32.91 22.06 8.00
C ALA B 842 33.03 20.57 8.30
N GLY B 843 32.00 19.83 7.95
CA GLY B 843 32.01 18.38 8.14
C GLY B 843 31.94 17.95 9.58
N GLN B 844 31.59 18.87 10.48
CA GLN B 844 31.54 18.56 11.90
C GLN B 844 30.15 18.13 12.34
N ARG B 845 29.64 17.12 11.66
CA ARG B 845 28.42 16.42 12.04
C ARG B 845 28.76 14.94 12.09
N CYS B 846 28.23 14.25 13.09
CA CYS B 846 28.46 12.81 13.12
C CYS B 846 27.93 12.14 11.86
N SER B 847 26.87 12.71 11.30
CA SER B 847 26.22 12.21 10.10
C SER B 847 26.92 12.62 8.81
N ALA B 848 28.01 13.39 8.89
CA ALA B 848 28.61 13.98 7.70
C ALA B 848 29.10 12.90 6.75
N LEU B 849 29.01 13.23 5.45
CA LEU B 849 29.50 12.35 4.41
C LEU B 849 31.02 12.31 4.44
N ARG B 850 31.58 11.12 4.65
CA ARG B 850 33.03 10.91 4.70
C ARG B 850 33.58 10.23 3.47
N VAL B 851 32.80 9.38 2.82
CA VAL B 851 33.29 8.59 1.68
C VAL B 851 32.25 8.67 0.59
N LEU B 852 32.60 9.33 -0.52
CA LEU B 852 31.72 9.43 -1.67
C LEU B 852 32.17 8.36 -2.66
N CYS B 853 31.28 7.43 -2.98
CA CYS B 853 31.58 6.33 -3.88
C CYS B 853 30.86 6.58 -5.20
N LEU B 854 31.63 6.79 -6.26
CA LEU B 854 31.08 7.19 -7.54
C LEU B 854 31.32 6.08 -8.54
N GLN B 855 30.26 5.69 -9.24
CA GLN B 855 30.44 4.73 -10.31
C GLN B 855 31.44 5.30 -11.31
N GLU B 856 32.35 4.44 -11.79
CA GLU B 856 33.53 4.91 -12.50
C GLU B 856 33.16 5.74 -13.73
N ASP B 857 32.06 5.41 -14.40
CA ASP B 857 31.72 6.07 -15.67
C ASP B 857 31.24 7.50 -15.49
N VAL B 858 30.79 7.88 -14.29
CA VAL B 858 30.32 9.23 -14.03
C VAL B 858 31.21 9.97 -13.06
N ALA B 859 32.25 9.31 -12.54
CA ALA B 859 33.05 9.91 -11.47
C ALA B 859 33.69 11.23 -11.90
N ASP B 860 34.33 11.24 -13.07
CA ASP B 860 35.04 12.44 -13.51
C ASP B 860 34.09 13.63 -13.66
N ARG B 861 32.93 13.41 -14.30
CA ARG B 861 32.00 14.52 -14.48
C ARG B 861 31.45 15.03 -13.15
N ILE B 862 31.13 14.11 -12.24
CA ILE B 862 30.62 14.55 -10.93
C ILE B 862 31.71 15.28 -10.16
N LEU B 863 32.94 14.78 -10.19
CA LEU B 863 34.02 15.44 -9.46
C LEU B 863 34.29 16.84 -10.03
N THR B 864 34.25 16.97 -11.35
CA THR B 864 34.44 18.29 -11.94
C THR B 864 33.36 19.25 -11.46
N MET B 865 32.12 18.80 -11.43
CA MET B 865 31.03 19.65 -11.00
C MET B 865 31.14 19.96 -9.51
N LEU B 866 31.48 18.95 -8.72
CA LEU B 866 31.69 19.17 -7.29
C LEU B 866 32.76 20.21 -7.04
N LYS B 867 33.90 20.08 -7.72
CA LYS B 867 34.98 21.04 -7.52
C LYS B 867 34.56 22.44 -7.96
N GLY B 868 33.82 22.55 -9.07
CA GLY B 868 33.34 23.85 -9.49
C GLY B 868 32.39 24.45 -8.48
N ALA B 869 31.52 23.62 -7.91
CA ALA B 869 30.60 24.10 -6.89
C ALA B 869 31.35 24.50 -5.63
N LEU B 870 32.39 23.73 -5.26
CA LEU B 870 33.16 24.09 -4.06
C LEU B 870 33.84 25.43 -4.22
N HIS B 871 34.23 25.79 -5.43
CA HIS B 871 34.89 27.08 -5.63
CA HIS B 871 34.89 27.07 -5.68
C HIS B 871 33.97 28.25 -5.38
N GLU B 872 32.67 28.02 -5.29
CA GLU B 872 31.72 29.09 -5.06
C GLU B 872 31.38 29.28 -3.59
N LEU B 873 31.94 28.46 -2.72
CA LEU B 873 31.60 28.56 -1.30
C LEU B 873 32.43 29.65 -0.63
N HIS B 874 31.83 30.27 0.37
CA HIS B 874 32.49 31.30 1.16
C HIS B 874 32.81 30.68 2.51
N ILE B 875 34.10 30.61 2.84
CA ILE B 875 34.59 30.08 4.11
C ILE B 875 34.96 31.27 4.99
N GLY B 876 34.43 31.32 6.19
CA GLY B 876 34.83 32.40 7.06
C GLY B 876 34.07 32.41 8.37
N ARG B 877 34.25 33.50 9.11
CA ARG B 877 33.52 33.68 10.36
C ARG B 877 32.03 33.74 10.05
N THR B 878 31.24 33.04 10.84
CA THR B 878 29.88 32.69 10.45
C THR B 878 28.83 33.75 10.78
N ASP B 879 29.25 34.93 11.24
CA ASP B 879 28.30 35.99 11.55
C ASP B 879 27.93 36.82 10.33
N ARG B 880 28.06 36.24 9.14
CA ARG B 880 27.62 36.84 7.89
C ARG B 880 26.76 35.81 7.18
N LEU B 881 25.60 36.25 6.69
CA LEU B 881 24.71 35.34 5.98
C LEU B 881 25.39 34.72 4.76
N SER B 882 26.31 35.45 4.14
CA SER B 882 26.99 34.96 2.94
C SER B 882 28.00 33.84 3.23
N VAL B 883 28.24 33.48 4.47
CA VAL B 883 29.23 32.45 4.77
C VAL B 883 28.59 31.08 4.71
N ASP B 884 29.23 30.18 3.97
CA ASP B 884 28.76 28.83 3.74
C ASP B 884 29.41 27.81 4.66
N VAL B 885 30.72 27.92 4.87
CA VAL B 885 31.51 26.98 5.65
C VAL B 885 32.20 27.77 6.75
N GLY B 886 31.97 27.37 8.00
CA GLY B 886 32.58 28.00 9.14
C GLY B 886 33.86 27.31 9.55
N PRO B 887 34.35 27.65 10.73
CA PRO B 887 35.61 27.11 11.21
C PRO B 887 35.47 25.71 11.79
N VAL B 888 36.62 25.06 11.95
CA VAL B 888 36.68 23.91 12.84
C VAL B 888 36.80 24.41 14.29
N ILE B 889 36.39 23.56 15.22
CA ILE B 889 36.05 24.06 16.55
C ILE B 889 37.27 24.51 17.33
N THR B 890 38.41 23.85 17.16
CA THR B 890 39.60 24.17 17.96
C THR B 890 40.84 23.96 17.11
N SER B 891 41.95 24.53 17.60
CA SER B 891 43.25 24.28 16.97
CA SER B 891 43.23 24.27 16.94
C SER B 891 43.60 22.80 17.04
N GLU B 892 43.24 22.14 18.14
CA GLU B 892 43.50 20.71 18.27
C GLU B 892 42.78 19.92 17.20
N ALA B 893 41.49 20.25 17.00
CA ALA B 893 40.73 19.59 15.94
C ALA B 893 41.36 19.86 14.59
N LYS B 894 41.73 21.11 14.34
CA LYS B 894 42.37 21.45 13.07
C LYS B 894 43.64 20.62 12.87
N ASP B 895 44.49 20.53 13.90
CA ASP B 895 45.71 19.75 13.76
C ASP B 895 45.41 18.28 13.49
N ASN B 896 44.38 17.74 14.14
CA ASN B 896 44.00 16.35 13.95
C ASN B 896 43.58 16.10 12.50
N ILE B 897 42.72 16.98 11.98
CA ILE B 897 42.29 16.87 10.59
C ILE B 897 43.48 17.00 9.66
N GLU B 898 44.34 18.00 9.91
CA GLU B 898 45.47 18.21 9.03
C GLU B 898 46.46 17.07 9.08
N LYS B 899 46.60 16.41 10.23
CA LYS B 899 47.48 15.26 10.30
C LYS B 899 47.00 14.16 9.38
N HIS B 900 45.68 13.96 9.30
CA HIS B 900 45.14 12.95 8.40
C HIS B 900 45.38 13.35 6.95
N ILE B 901 45.12 14.61 6.62
CA ILE B 901 45.30 15.07 5.25
C ILE B 901 46.75 14.88 4.83
N GLU B 902 47.67 15.27 5.71
CA GLU B 902 49.09 15.14 5.39
C GLU B 902 49.51 13.68 5.32
N ARG B 903 48.89 12.80 6.10
CA ARG B 903 49.19 11.38 6.01
C ARG B 903 48.75 10.83 4.66
N MET B 904 47.55 11.20 4.22
CA MET B 904 47.10 10.78 2.90
C MET B 904 47.99 11.33 1.81
N ARG B 905 48.38 12.61 1.92
CA ARG B 905 49.26 13.20 0.92
C ARG B 905 50.59 12.47 0.90
N GLY B 906 51.15 12.14 2.07
CA GLY B 906 52.43 11.47 2.11
C GLY B 906 52.37 10.06 1.57
N LEU B 907 51.21 9.42 1.64
CA LEU B 907 51.00 8.11 1.04
C LEU B 907 50.80 8.16 -0.46
N GLY B 908 50.79 9.35 -1.06
CA GLY B 908 50.63 9.48 -2.50
C GLY B 908 49.21 9.63 -2.98
N ARG B 909 48.24 9.68 -2.07
CA ARG B 909 46.86 9.88 -2.49
C ARG B 909 46.68 11.29 -3.04
N LYS B 910 45.80 11.41 -4.03
CA LYS B 910 45.50 12.71 -4.58
C LYS B 910 44.68 13.51 -3.58
N VAL B 911 45.17 14.69 -3.21
CA VAL B 911 44.53 15.56 -2.23
C VAL B 911 44.32 16.91 -2.88
N GLU B 912 43.10 17.42 -2.82
CA GLU B 912 42.78 18.73 -3.36
C GLU B 912 42.01 19.53 -2.34
N GLN B 913 42.37 20.80 -2.19
CA GLN B 913 41.69 21.68 -1.26
C GLN B 913 41.28 22.97 -1.93
N ILE B 914 40.10 23.48 -1.51
CA ILE B 914 39.73 24.88 -1.75
C ILE B 914 40.78 25.83 -1.13
N GLY B 915 40.72 27.08 -1.57
CA GLY B 915 41.52 28.12 -0.93
C GLY B 915 40.79 28.76 0.24
N LEU B 916 41.54 29.42 1.11
CA LEU B 916 40.97 30.09 2.26
C LEU B 916 41.40 31.55 2.27
N ALA B 917 40.44 32.44 2.56
CA ALA B 917 40.71 33.86 2.59
C ALA B 917 41.64 34.23 3.73
N SER B 918 42.33 35.36 3.58
CA SER B 918 43.28 35.81 4.60
C SER B 918 42.59 36.01 5.95
N GLU B 919 41.32 36.41 5.94
CA GLU B 919 40.56 36.62 7.16
C GLU B 919 40.43 35.38 8.02
N THR B 920 40.72 34.19 7.46
CA THR B 920 40.61 32.98 8.26
C THR B 920 41.75 32.83 9.27
N GLY B 921 42.85 33.56 9.09
CA GLY B 921 44.03 33.39 9.93
C GLY B 921 43.81 33.71 11.40
N VAL B 922 42.75 34.45 11.73
CA VAL B 922 42.44 34.75 13.13
C VAL B 922 41.63 33.64 13.81
N GLY B 923 41.15 32.66 13.06
CA GLY B 923 40.39 31.55 13.61
C GLY B 923 40.98 30.24 13.15
N THR B 924 40.30 29.13 13.38
CA THR B 924 40.81 27.82 13.02
C THR B 924 39.96 27.25 11.90
N PHE B 925 40.49 27.29 10.68
CA PHE B 925 39.74 26.83 9.51
C PHE B 925 40.50 25.74 8.78
N VAL B 926 39.75 24.82 8.21
CA VAL B 926 40.26 23.84 7.27
C VAL B 926 39.37 23.96 6.05
N PRO B 927 39.93 24.12 4.85
CA PRO B 927 39.08 24.25 3.67
C PRO B 927 38.54 22.89 3.27
N PRO B 928 37.40 22.86 2.57
CA PRO B 928 36.93 21.61 1.99
C PRO B 928 38.05 20.89 1.24
N THR B 929 38.18 19.61 1.53
CA THR B 929 39.29 18.80 1.07
C THR B 929 38.71 17.53 0.49
N ILE B 930 39.22 17.15 -0.68
CA ILE B 930 38.83 15.93 -1.37
C ILE B 930 40.07 15.07 -1.52
N ILE B 931 39.98 13.83 -1.06
CA ILE B 931 41.08 12.88 -1.09
C ILE B 931 40.61 11.65 -1.85
N GLU B 932 41.35 11.26 -2.88
CA GLU B 932 41.00 10.09 -3.65
C GLU B 932 41.63 8.86 -3.00
N LEU B 933 40.81 7.88 -2.66
CA LEU B 933 41.31 6.66 -2.09
C LEU B 933 41.34 5.56 -3.13
N GLU B 934 42.23 4.60 -2.94
CA GLU B 934 42.18 3.38 -3.75
C GLU B 934 41.19 2.40 -3.17
N LYS B 935 41.07 2.36 -1.84
CA LYS B 935 40.19 1.41 -1.17
C LYS B 935 39.68 2.07 0.10
N LEU B 936 38.45 1.71 0.49
CA LEU B 936 37.90 2.27 1.71
C LEU B 936 38.77 1.94 2.91
N SER B 937 39.46 0.81 2.88
CA SER B 937 40.31 0.43 4.00
C SER B 937 41.51 1.35 4.18
N ASP B 938 41.78 2.25 3.22
CA ASP B 938 42.79 3.29 3.43
C ASP B 938 42.40 4.22 4.57
N LEU B 939 41.11 4.28 4.91
CA LEU B 939 40.59 5.16 5.93
C LEU B 939 40.43 4.32 7.20
N GLN B 940 41.11 4.71 8.27
CA GLN B 940 41.15 3.92 9.49
C GLN B 940 40.48 4.57 10.69
N ARG B 941 40.06 5.82 10.59
CA ARG B 941 39.47 6.49 11.73
C ARG B 941 38.51 7.56 11.22
N GLU B 942 37.53 7.90 12.06
CA GLU B 942 36.64 9.01 11.75
C GLU B 942 37.44 10.31 11.83
N VAL B 943 37.46 11.06 10.72
CA VAL B 943 38.13 12.35 10.66
C VAL B 943 37.05 13.42 10.65
N PHE B 944 36.95 14.15 11.77
CA PHE B 944 35.79 14.97 12.06
C PHE B 944 36.04 16.38 11.53
N GLY B 945 36.00 16.48 10.22
CA GLY B 945 36.35 17.71 9.55
C GLY B 945 35.88 17.69 8.13
N PRO B 946 36.20 18.72 7.37
CA PRO B 946 35.65 18.86 6.01
C PRO B 946 36.50 18.11 5.00
N VAL B 947 36.59 16.79 5.18
CA VAL B 947 37.48 15.96 4.38
C VAL B 947 36.64 14.88 3.75
N LEU B 948 36.42 14.98 2.45
CA LEU B 948 35.64 14.01 1.70
C LEU B 948 36.60 13.07 1.01
N HIS B 949 36.39 11.78 1.20
CA HIS B 949 37.18 10.78 0.52
C HIS B 949 36.37 10.25 -0.64
N VAL B 950 37.05 10.00 -1.76
CA VAL B 950 36.37 9.59 -2.99
C VAL B 950 36.88 8.22 -3.41
N ILE B 951 35.94 7.32 -3.67
CA ILE B 951 36.22 6.00 -4.19
C ILE B 951 35.47 5.88 -5.51
N ARG B 952 36.12 5.31 -6.51
CA ARG B 952 35.48 4.99 -7.78
C ARG B 952 35.23 3.50 -7.82
N TYR B 953 34.06 3.09 -8.33
CA TYR B 953 33.77 1.66 -8.36
C TYR B 953 33.14 1.29 -9.69
N ARG B 954 33.35 0.04 -10.09
CA ARG B 954 32.66 -0.54 -11.22
C ARG B 954 31.33 -1.09 -10.74
N ARG B 955 30.29 -0.93 -11.55
CA ARG B 955 28.95 -1.33 -11.12
C ARG B 955 28.88 -2.80 -10.73
N ASP B 956 29.63 -3.66 -11.42
CA ASP B 956 29.57 -5.07 -11.03
C ASP B 956 30.27 -5.35 -9.69
N ASP B 957 30.95 -4.37 -9.12
CA ASP B 957 31.54 -4.52 -7.79
C ASP B 957 30.69 -3.88 -6.71
N LEU B 958 29.43 -3.51 -7.00
CA LEU B 958 28.62 -2.79 -6.03
C LEU B 958 28.46 -3.59 -4.74
N ASP B 959 28.17 -4.89 -4.84
CA ASP B 959 27.97 -5.66 -3.62
C ASP B 959 29.23 -5.66 -2.76
N ARG B 960 30.40 -5.82 -3.38
CA ARG B 960 31.66 -5.76 -2.65
C ARG B 960 31.87 -4.38 -2.05
N LEU B 961 31.47 -3.33 -2.77
CA LEU B 961 31.59 -1.99 -2.22
C LEU B 961 30.75 -1.84 -0.96
N VAL B 962 29.52 -2.36 -0.97
CA VAL B 962 28.71 -2.32 0.23
C VAL B 962 29.42 -3.03 1.38
N ASP B 963 30.04 -4.19 1.10
CA ASP B 963 30.85 -4.86 2.12
C ASP B 963 31.92 -3.94 2.65
N ASP B 964 32.62 -3.24 1.75
CA ASP B 964 33.68 -2.33 2.16
C ASP B 964 33.15 -1.25 3.07
N VAL B 965 31.96 -0.72 2.77
CA VAL B 965 31.37 0.29 3.64
C VAL B 965 31.06 -0.31 5.00
N ASN B 966 30.47 -1.51 5.02
CA ASN B 966 30.15 -2.14 6.30
C ASN B 966 31.40 -2.51 7.06
N ALA B 967 32.50 -2.77 6.35
CA ALA B 967 33.69 -3.31 6.97
C ALA B 967 34.38 -2.34 7.92
N THR B 968 34.04 -1.05 7.86
CA THR B 968 34.66 -0.11 8.81
C THR B 968 34.23 -0.39 10.23
N GLY B 969 33.11 -1.10 10.43
CA GLY B 969 32.54 -1.33 11.73
C GLY B 969 31.57 -0.26 12.18
N TYR B 970 31.55 0.87 11.49
CA TYR B 970 30.59 1.92 11.76
C TYR B 970 29.27 1.62 11.05
N GLY B 971 28.24 2.35 11.41
CA GLY B 971 26.96 2.14 10.79
C GLY B 971 25.98 3.23 11.19
N LEU B 972 26.34 4.47 10.88
CA LEU B 972 25.54 5.61 11.28
C LEU B 972 24.66 6.07 10.12
N THR B 973 25.16 6.95 9.25
CA THR B 973 24.36 7.37 8.12
C THR B 973 24.91 6.76 6.84
N PHE B 974 24.03 6.66 5.85
CA PHE B 974 24.41 6.13 4.56
C PHE B 974 23.47 6.71 3.51
N GLY B 975 24.04 7.13 2.37
CA GLY B 975 23.25 7.67 1.29
C GLY B 975 23.40 6.86 0.01
N LEU B 976 22.35 6.87 -0.79
CA LEU B 976 22.38 6.22 -2.09
C LEU B 976 21.68 7.15 -3.06
N HIS B 977 22.36 7.51 -4.13
CA HIS B 977 21.77 8.28 -5.21
C HIS B 977 21.66 7.37 -6.43
N THR B 978 20.43 7.05 -6.80
CA THR B 978 20.13 6.21 -7.95
C THR B 978 18.67 6.40 -8.28
N ARG B 979 18.36 6.24 -9.55
CA ARG B 979 16.96 6.21 -9.95
C ARG B 979 16.42 4.80 -10.07
N LEU B 980 17.22 3.78 -9.80
CA LEU B 980 16.91 2.41 -10.18
C LEU B 980 16.45 1.60 -8.98
N ASP B 981 15.21 1.12 -9.03
CA ASP B 981 14.65 0.40 -7.89
C ASP B 981 15.46 -0.85 -7.53
N GLU B 982 16.01 -1.55 -8.54
CA GLU B 982 16.79 -2.74 -8.22
C GLU B 982 18.02 -2.38 -7.42
N THR B 983 18.66 -1.27 -7.77
CA THR B 983 19.82 -0.83 -7.02
C THR B 983 19.44 -0.41 -5.60
N ILE B 984 18.29 0.27 -5.46
CA ILE B 984 17.82 0.65 -4.13
C ILE B 984 17.57 -0.58 -3.29
N ALA B 985 16.91 -1.58 -3.88
CA ALA B 985 16.60 -2.79 -3.12
C ALA B 985 17.86 -3.51 -2.74
N HIS B 986 18.79 -3.65 -3.67
CA HIS B 986 20.05 -4.33 -3.39
C HIS B 986 20.80 -3.62 -2.28
N VAL B 987 21.06 -2.34 -2.47
CA VAL B 987 21.93 -1.64 -1.53
C VAL B 987 21.29 -1.53 -0.16
N THR B 988 20.00 -1.20 -0.09
CA THR B 988 19.39 -1.05 1.24
C THR B 988 19.24 -2.39 1.95
N SER B 989 19.18 -3.49 1.20
CA SER B 989 19.13 -4.80 1.85
C SER B 989 20.48 -5.24 2.41
N ARG B 990 21.58 -4.66 1.94
CA ARG B 990 22.91 -5.12 2.29
C ARG B 990 23.68 -4.16 3.19
N ILE B 991 23.37 -2.87 3.14
CA ILE B 991 24.06 -1.91 3.98
C ILE B 991 23.61 -2.09 5.42
N LYS B 992 24.51 -1.85 6.36
CA LYS B 992 24.21 -2.01 7.78
C LYS B 992 24.44 -0.67 8.45
N ALA B 993 23.49 0.25 8.28
CA ALA B 993 23.56 1.55 8.90
C ALA B 993 22.20 1.90 9.48
N GLY B 994 22.21 2.74 10.51
CA GLY B 994 20.96 3.04 11.20
C GLY B 994 20.10 4.06 10.50
N ASN B 995 20.69 4.93 9.68
CA ASN B 995 19.96 6.00 9.01
C ASN B 995 20.35 5.97 7.55
N LEU B 996 19.39 5.63 6.70
CA LEU B 996 19.57 5.54 5.27
C LEU B 996 18.87 6.71 4.62
N TYR B 997 19.43 7.19 3.52
CA TYR B 997 18.90 8.34 2.81
C TYR B 997 19.02 8.06 1.33
N ILE B 998 17.90 8.18 0.62
CA ILE B 998 17.86 7.87 -0.81
CA ILE B 998 17.87 7.88 -0.80
C ILE B 998 17.58 9.16 -1.57
N ASN B 999 18.52 9.55 -2.43
CA ASN B 999 18.36 10.69 -3.33
C ASN B 999 18.22 12.01 -2.59
N ARG B 1000 18.96 12.14 -1.49
CA ARG B 1000 18.96 13.35 -0.68
C ARG B 1000 20.27 13.39 0.09
N ASN B 1001 20.45 14.45 0.88
CA ASN B 1001 21.61 14.51 1.73
C ASN B 1001 21.49 13.47 2.84
N ILE B 1002 22.58 13.24 3.57
CA ILE B 1002 22.60 12.20 4.58
C ILE B 1002 22.67 12.76 6.00
N ILE B 1003 22.26 14.01 6.20
CA ILE B 1003 22.39 14.61 7.52
C ILE B 1003 21.04 14.78 8.20
N GLY B 1004 19.98 14.17 7.67
CA GLY B 1004 18.67 14.33 8.25
C GLY B 1004 18.53 13.61 9.58
N ALA B 1005 18.10 14.34 10.59
CA ALA B 1005 17.84 13.77 11.90
C ALA B 1005 16.58 14.39 12.47
N VAL B 1006 15.59 14.62 11.61
CA VAL B 1006 14.35 15.25 12.07
C VAL B 1006 13.72 14.36 13.13
N VAL B 1007 13.52 14.93 14.32
CA VAL B 1007 13.02 14.15 15.45
C VAL B 1007 11.68 13.51 15.10
N GLY B 1008 11.54 12.23 15.42
CA GLY B 1008 10.30 11.54 15.14
C GLY B 1008 10.02 11.31 13.68
N VAL B 1009 10.92 11.71 12.78
CA VAL B 1009 10.76 11.53 11.35
C VAL B 1009 11.90 10.72 10.76
N GLN B 1010 13.14 11.12 11.07
CA GLN B 1010 14.32 10.25 10.96
C GLN B 1010 14.87 10.05 12.37
N PRO B 1011 14.25 9.18 13.18
CA PRO B 1011 14.89 8.78 14.44
C PRO B 1011 16.32 8.40 14.15
N PHE B 1012 17.22 8.95 14.94
CA PHE B 1012 18.60 9.00 14.52
C PHE B 1012 19.47 8.14 15.43
N GLY B 1013 20.28 7.30 14.82
CA GLY B 1013 21.26 6.57 15.60
C GLY B 1013 21.67 5.32 14.86
N GLY B 1014 22.89 4.90 15.08
CA GLY B 1014 23.40 3.78 14.34
C GLY B 1014 23.76 2.58 15.17
N ARG B 1015 24.47 1.65 14.53
CA ARG B 1015 24.83 0.37 15.09
C ARG B 1015 26.33 0.20 14.98
N GLY B 1016 26.81 -0.94 15.45
CA GLY B 1016 28.24 -1.19 15.40
C GLY B 1016 28.97 -0.18 16.26
N LEU B 1017 30.07 0.36 15.71
CA LEU B 1017 30.83 1.39 16.40
C LEU B 1017 30.08 2.70 16.49
N SER B 1018 28.91 2.80 15.90
CA SER B 1018 28.19 4.05 15.87
C SER B 1018 27.14 4.18 16.96
N GLY B 1019 26.79 3.11 17.66
CA GLY B 1019 25.79 3.30 18.69
C GLY B 1019 25.41 2.03 19.38
N THR B 1020 24.93 2.20 20.61
CA THR B 1020 24.23 1.13 21.31
C THR B 1020 22.75 1.14 21.00
N GLY B 1021 22.21 2.28 20.58
CA GLY B 1021 20.79 2.46 20.59
C GLY B 1021 20.28 2.57 22.02
N PRO B 1022 19.00 2.81 22.18
CA PRO B 1022 17.99 3.03 21.13
C PRO B 1022 18.20 4.40 20.50
N LYS B 1023 17.57 4.63 19.36
CA LYS B 1023 17.75 5.88 18.65
C LYS B 1023 17.16 7.05 19.43
N ALA B 1024 17.92 8.13 19.50
CA ALA B 1024 17.38 9.41 19.90
C ALA B 1024 16.31 9.86 18.91
N GLY B 1025 15.29 10.56 19.42
CA GLY B 1025 14.24 11.03 18.54
C GLY B 1025 13.38 9.92 18.01
N GLY B 1026 13.42 8.76 18.66
CA GLY B 1026 12.63 7.62 18.25
C GLY B 1026 11.87 7.08 19.44
N PRO B 1027 10.96 6.14 19.18
CA PRO B 1027 9.98 5.74 20.21
C PRO B 1027 10.52 4.77 21.23
N LEU B 1028 11.72 4.23 21.05
CA LEU B 1028 12.27 3.31 22.04
C LEU B 1028 13.11 4.02 23.09
N TYR B 1029 13.37 5.31 22.90
CA TYR B 1029 14.40 5.99 23.67
C TYR B 1029 14.02 6.11 25.14
N LEU B 1030 12.80 6.61 25.42
CA LEU B 1030 12.43 6.86 26.81
C LEU B 1030 12.44 5.58 27.62
N GLY B 1031 12.14 4.45 26.99
CA GLY B 1031 12.04 3.20 27.72
C GLY B 1031 13.34 2.72 28.28
N ARG B 1032 14.45 3.25 27.78
CA ARG B 1032 15.75 2.92 28.32
C ARG B 1032 16.03 3.66 29.61
N LEU B 1033 15.24 4.69 29.91
CA LEU B 1033 15.52 5.58 31.02
C LEU B 1033 14.60 5.33 32.19
N VAL B 1034 13.88 4.19 32.17
CA VAL B 1034 13.03 3.76 33.26
C VAL B 1034 13.38 2.30 33.55
N THR B 1035 13.00 1.83 34.73
CA THR B 1035 13.40 0.48 35.12
C THR B 1035 12.54 -0.60 34.47
N THR B 1036 11.33 -0.24 34.02
CA THR B 1036 10.48 -1.15 33.26
C THR B 1036 10.06 -0.38 32.02
N ALA B 1037 10.40 -0.91 30.85
CA ALA B 1037 10.12 -0.17 29.62
C ALA B 1037 8.62 -0.23 29.32
N PRO B 1038 8.03 0.87 28.90
CA PRO B 1038 6.65 0.85 28.42
C PRO B 1038 6.61 0.30 27.00
N VAL B 1039 5.38 0.03 26.54
CA VAL B 1039 5.15 -0.34 25.15
C VAL B 1039 5.05 0.95 24.34
N PRO B 1040 5.98 1.24 23.44
CA PRO B 1040 5.94 2.50 22.72
C PRO B 1040 4.75 2.55 21.79
N PRO B 1041 4.32 3.74 21.40
CA PRO B 1041 3.28 3.87 20.37
C PRO B 1041 3.66 3.11 19.11
N GLN B 1042 2.68 2.43 18.53
CA GLN B 1042 2.82 1.72 17.27
C GLN B 1042 3.81 0.56 17.33
N HIS B 1043 4.25 0.16 18.51
CA HIS B 1043 5.33 -0.80 18.62
C HIS B 1043 4.74 -2.20 18.72
N SER B 1044 4.61 -2.86 17.59
CA SER B 1044 4.12 -4.23 17.52
C SER B 1044 4.43 -4.74 16.13
N SER B 1045 4.28 -6.04 15.95
CA SER B 1045 4.46 -6.67 14.65
C SER B 1045 3.56 -7.88 14.57
N VAL B 1046 2.98 -8.12 13.40
CA VAL B 1046 2.18 -9.34 13.23
C VAL B 1046 3.03 -10.53 12.84
N HIS B 1047 4.33 -10.31 12.64
CA HIS B 1047 5.20 -11.37 12.21
CA HIS B 1047 5.27 -11.34 12.21
C HIS B 1047 5.78 -12.11 13.41
N THR B 1048 5.90 -13.43 13.25
CA THR B 1048 6.49 -14.26 14.28
C THR B 1048 7.72 -14.92 13.68
N ASP B 1049 8.83 -14.79 14.38
CA ASP B 1049 10.05 -15.37 13.87
C ASP B 1049 9.86 -16.88 13.73
N PRO B 1050 10.20 -17.47 12.58
CA PRO B 1050 9.92 -18.89 12.40
C PRO B 1050 10.84 -19.78 13.21
N VAL B 1051 12.06 -19.33 13.48
CA VAL B 1051 12.96 -20.13 14.31
C VAL B 1051 12.49 -20.13 15.75
N LEU B 1052 11.99 -18.99 16.23
CA LEU B 1052 11.31 -18.96 17.52
C LEU B 1052 10.22 -20.02 17.57
N LEU B 1053 9.40 -20.11 16.53
CA LEU B 1053 8.31 -21.07 16.53
C LEU B 1053 8.84 -22.49 16.61
N ASP B 1054 9.90 -22.80 15.85
CA ASP B 1054 10.50 -24.12 15.92
C ASP B 1054 11.08 -24.39 17.29
N PHE B 1055 11.64 -23.36 17.93
CA PHE B 1055 12.16 -23.52 19.28
C PHE B 1055 11.05 -23.83 20.27
N ALA B 1056 9.92 -23.11 20.17
CA ALA B 1056 8.80 -23.36 21.06
C ALA B 1056 8.30 -24.79 20.93
N LYS B 1057 8.21 -25.31 19.70
CA LYS B 1057 7.77 -26.69 19.50
C LYS B 1057 8.75 -27.67 20.11
N TRP B 1058 10.05 -27.39 19.96
CA TRP B 1058 11.06 -28.24 20.57
C TRP B 1058 10.93 -28.25 22.09
N LEU B 1059 10.75 -27.06 22.69
CA LEU B 1059 10.55 -26.97 24.13
C LEU B 1059 9.32 -27.76 24.57
N ASP B 1060 8.22 -27.65 23.83
CA ASP B 1060 7.04 -28.41 24.19
C ASP B 1060 7.29 -29.91 24.06
N GLY B 1061 8.09 -30.30 23.06
CA GLY B 1061 8.42 -31.70 22.90
C GLY B 1061 9.12 -32.29 24.11
N LYS B 1062 10.02 -31.54 24.73
CA LYS B 1062 10.72 -32.02 25.92
C LYS B 1062 10.02 -31.67 27.22
N GLY B 1063 8.78 -31.16 27.15
CA GLY B 1063 8.02 -30.90 28.34
C GLY B 1063 8.41 -29.67 29.11
N ALA B 1064 9.20 -28.77 28.52
CA ALA B 1064 9.55 -27.51 29.17
C ALA B 1064 8.40 -26.53 28.98
N ARG B 1065 7.30 -26.80 29.70
CA ARG B 1065 6.04 -26.12 29.45
C ARG B 1065 6.13 -24.63 29.77
N ALA B 1066 6.74 -24.27 30.88
CA ALA B 1066 6.89 -22.85 31.21
C ALA B 1066 7.73 -22.14 30.16
N GLU B 1067 8.82 -22.77 29.73
CA GLU B 1067 9.70 -22.13 28.76
C GLU B 1067 9.05 -21.99 27.40
N ALA B 1068 8.32 -23.03 26.96
CA ALA B 1068 7.62 -22.96 25.69
C ALA B 1068 6.60 -21.83 25.70
N GLU B 1069 5.91 -21.64 26.82
CA GLU B 1069 4.97 -20.53 26.93
C GLU B 1069 5.69 -19.18 26.87
N ALA B 1070 6.81 -19.05 27.59
CA ALA B 1070 7.59 -17.83 27.48
C ALA B 1070 8.07 -17.62 26.05
N ALA B 1071 8.42 -18.70 25.35
CA ALA B 1071 8.88 -18.56 23.98
C ALA B 1071 7.75 -18.05 23.08
N ARG B 1072 6.56 -18.64 23.19
CA ARG B 1072 5.43 -18.17 22.40
C ARG B 1072 5.10 -16.72 22.73
N ASN B 1073 5.13 -16.36 24.02
CA ASN B 1073 4.84 -14.98 24.39
C ASN B 1073 5.87 -14.02 23.83
N ALA B 1074 7.14 -14.41 23.84
CA ALA B 1074 8.17 -13.57 23.24
C ALA B 1074 7.93 -13.45 21.73
N GLY B 1075 7.60 -14.55 21.08
CA GLY B 1075 7.33 -14.50 19.66
C GLY B 1075 6.24 -13.49 19.33
N SER B 1076 5.21 -13.42 20.17
CA SER B 1076 4.10 -12.50 19.90
C SER B 1076 4.46 -11.06 20.27
N SER B 1077 5.12 -10.86 21.41
CA SER B 1077 5.37 -9.48 21.83
C SER B 1077 6.57 -8.85 21.13
N SER B 1078 7.40 -9.65 20.47
CA SER B 1078 8.48 -9.09 19.66
C SER B 1078 7.89 -8.17 18.61
N ALA B 1079 8.56 -7.05 18.39
CA ALA B 1079 8.16 -6.13 17.33
C ALA B 1079 9.04 -6.27 16.11
N LEU B 1080 9.85 -7.32 16.05
CA LEU B 1080 10.61 -7.61 14.84
C LEU B 1080 9.69 -7.61 13.63
N GLY B 1081 10.07 -6.88 12.59
CA GLY B 1081 9.27 -6.80 11.38
C GLY B 1081 8.38 -5.58 11.32
N LEU B 1082 8.32 -4.79 12.39
CA LEU B 1082 7.62 -3.52 12.34
CA LEU B 1082 7.62 -3.52 12.34
C LEU B 1082 8.13 -2.72 11.15
N ASP B 1083 7.22 -2.08 10.43
CA ASP B 1083 7.60 -1.38 9.21
C ASP B 1083 6.57 -0.27 9.03
N LEU B 1084 6.95 0.94 9.42
CA LEU B 1084 6.03 2.06 9.51
C LEU B 1084 6.52 3.18 8.62
N GLU B 1085 5.58 3.95 8.10
CA GLU B 1085 5.90 5.24 7.53
C GLU B 1085 5.55 6.31 8.54
N LEU B 1086 6.50 7.16 8.84
CA LEU B 1086 6.33 8.21 9.84
C LEU B 1086 5.82 9.48 9.18
N PRO B 1087 4.93 10.22 9.85
CA PRO B 1087 4.45 11.49 9.30
C PRO B 1087 5.61 12.46 9.12
N GLY B 1088 5.60 13.17 8.00
CA GLY B 1088 6.64 14.12 7.70
C GLY B 1088 6.23 15.03 6.56
N PRO B 1089 7.21 15.68 5.96
CA PRO B 1089 6.92 16.59 4.85
C PRO B 1089 6.49 15.82 3.60
N VAL B 1090 5.76 16.54 2.73
CA VAL B 1090 5.46 16.00 1.43
C VAL B 1090 6.75 15.82 0.64
N GLY B 1091 6.67 14.97 -0.38
CA GLY B 1091 7.84 14.76 -1.21
C GLY B 1091 8.95 13.95 -0.56
N GLU B 1092 8.65 13.30 0.55
CA GLU B 1092 9.59 12.45 1.23
C GLU B 1092 8.80 11.29 1.81
N ARG B 1093 9.42 10.11 1.83
CA ARG B 1093 8.86 8.98 2.55
C ARG B 1093 9.86 8.62 3.63
N ASN B 1094 9.40 8.65 4.87
CA ASN B 1094 10.27 8.42 6.01
C ASN B 1094 9.81 7.15 6.68
N LEU B 1095 10.64 6.13 6.59
CA LEU B 1095 10.31 4.78 7.02
C LEU B 1095 11.08 4.42 8.27
N TYR B 1096 10.45 3.57 9.08
CA TYR B 1096 11.05 3.16 10.34
C TYR B 1096 10.75 1.67 10.48
N THR B 1097 11.81 0.88 10.64
CA THR B 1097 11.67 -0.57 10.61
C THR B 1097 12.49 -1.18 11.73
N LEU B 1098 12.02 -2.31 12.24
CA LEU B 1098 12.75 -3.02 13.29
C LEU B 1098 13.24 -4.33 12.72
N HIS B 1099 14.56 -4.51 12.79
CA HIS B 1099 15.23 -5.69 12.30
C HIS B 1099 15.86 -6.40 13.48
N ALA B 1100 16.37 -7.60 13.22
CA ALA B 1100 17.19 -8.26 14.23
C ALA B 1100 18.43 -7.44 14.50
N ARG B 1101 18.94 -7.53 15.72
CA ARG B 1101 20.21 -6.88 16.06
C ARG B 1101 21.39 -7.57 15.38
N GLY B 1102 21.35 -8.90 15.31
CA GLY B 1102 22.50 -9.63 14.81
C GLY B 1102 22.74 -10.88 15.63
N ARG B 1103 23.95 -11.03 16.13
CA ARG B 1103 24.25 -12.17 17.00
C ARG B 1103 24.33 -11.69 18.43
N ILE B 1104 23.58 -12.33 19.30
CA ILE B 1104 23.49 -11.92 20.70
C ILE B 1104 24.34 -12.88 21.52
N LEU B 1105 25.19 -12.32 22.38
CA LEU B 1105 25.95 -13.13 23.30
C LEU B 1105 25.05 -13.54 24.46
N LEU B 1106 24.94 -14.84 24.70
CA LEU B 1106 24.12 -15.38 25.77
C LEU B 1106 25.07 -15.89 26.85
N VAL B 1107 24.88 -15.40 28.06
CA VAL B 1107 25.68 -15.84 29.19
C VAL B 1107 24.70 -16.41 30.21
N PRO B 1108 24.26 -17.65 30.03
CA PRO B 1108 23.31 -18.24 30.96
C PRO B 1108 24.01 -18.84 32.17
N ALA B 1109 23.23 -19.05 33.20
CA ALA B 1109 23.66 -19.82 34.37
C ALA B 1109 22.95 -21.15 34.46
N THR B 1110 21.67 -21.19 34.14
CA THR B 1110 20.86 -22.39 34.29
C THR B 1110 20.22 -22.75 32.95
N GLU B 1111 19.78 -24.00 32.87
CA GLU B 1111 19.12 -24.46 31.65
C GLU B 1111 17.87 -23.64 31.36
N SER B 1112 17.02 -23.43 32.36
CA SER B 1112 15.83 -22.62 32.14
C SER B 1112 16.19 -21.20 31.73
N GLY B 1113 17.22 -20.64 32.37
CA GLY B 1113 17.67 -19.31 31.97
C GLY B 1113 18.10 -19.28 30.52
N LEU B 1114 18.86 -20.29 30.08
CA LEU B 1114 19.27 -20.36 28.68
C LEU B 1114 18.07 -20.43 27.76
N TYR B 1115 17.07 -21.23 28.12
CA TYR B 1115 15.87 -21.33 27.27
C TYR B 1115 15.16 -19.98 27.17
N HIS B 1116 15.05 -19.26 28.30
CA HIS B 1116 14.43 -17.95 28.26
C HIS B 1116 15.27 -16.98 27.44
N GLN B 1117 16.60 -17.04 27.57
CA GLN B 1117 17.44 -16.14 26.78
C GLN B 1117 17.31 -16.44 25.31
N LEU B 1118 17.35 -17.72 24.95
CA LEU B 1118 17.17 -18.13 23.56
C LEU B 1118 15.83 -17.67 23.03
N ALA B 1119 14.78 -17.81 23.82
CA ALA B 1119 13.46 -17.39 23.38
C ALA B 1119 13.47 -15.90 23.05
N ALA B 1120 14.01 -15.08 23.94
CA ALA B 1120 14.05 -13.65 23.70
C ALA B 1120 14.85 -13.32 22.44
N ALA B 1121 16.05 -13.91 22.30
CA ALA B 1121 16.88 -13.60 21.15
C ALA B 1121 16.28 -14.12 19.84
N LEU B 1122 15.74 -15.35 19.85
CA LEU B 1122 15.18 -15.88 18.62
C LEU B 1122 13.92 -15.13 18.22
N ALA B 1123 13.11 -14.74 19.20
CA ALA B 1123 11.85 -14.05 18.89
C ALA B 1123 12.11 -12.73 18.20
N THR B 1124 13.27 -12.14 18.42
CA THR B 1124 13.67 -10.89 17.81
C THR B 1124 14.59 -11.10 16.61
N GLY B 1125 14.66 -12.32 16.10
CA GLY B 1125 15.29 -12.61 14.82
C GLY B 1125 16.79 -12.82 14.88
N ASN B 1126 17.35 -12.87 16.07
CA ASN B 1126 18.80 -12.90 16.22
C ASN B 1126 19.33 -14.32 16.18
N SER B 1127 20.61 -14.42 15.86
CA SER B 1127 21.38 -15.60 16.17
C SER B 1127 22.02 -15.40 17.54
N VAL B 1128 22.60 -16.46 18.07
CA VAL B 1128 23.21 -16.37 19.39
C VAL B 1128 24.56 -17.05 19.40
N ALA B 1129 25.42 -16.56 20.29
CA ALA B 1129 26.61 -17.28 20.72
C ALA B 1129 26.45 -17.50 22.21
N ILE B 1130 26.45 -18.75 22.62
CA ILE B 1130 26.21 -19.09 24.01
C ILE B 1130 27.55 -19.35 24.68
N ASP B 1131 27.72 -18.79 25.87
CA ASP B 1131 28.96 -18.98 26.62
C ASP B 1131 29.18 -20.45 26.91
N ALA B 1132 30.25 -21.03 26.33
CA ALA B 1132 30.55 -22.44 26.58
C ALA B 1132 30.88 -22.71 28.04
N ALA B 1133 31.42 -21.70 28.74
CA ALA B 1133 31.73 -21.90 30.15
C ALA B 1133 30.49 -22.14 31.01
N SER B 1134 29.29 -21.91 30.47
CA SER B 1134 28.09 -22.23 31.22
C SER B 1134 27.95 -23.73 31.45
N GLY B 1135 28.59 -24.55 30.63
CA GLY B 1135 28.46 -25.99 30.79
C GLY B 1135 27.10 -26.55 30.44
N LEU B 1136 26.29 -25.78 29.70
CA LEU B 1136 24.91 -26.14 29.43
C LEU B 1136 24.71 -26.80 28.06
N GLN B 1137 25.79 -27.29 27.44
CA GLN B 1137 25.69 -27.83 26.09
C GLN B 1137 24.67 -28.95 25.98
N ALA B 1138 24.57 -29.81 27.01
CA ALA B 1138 23.63 -30.92 26.94
C ALA B 1138 22.18 -30.46 26.94
N SER B 1139 21.91 -29.21 27.33
CA SER B 1139 20.55 -28.70 27.38
C SER B 1139 19.96 -28.49 25.99
N LEU B 1140 20.80 -28.41 24.96
CA LEU B 1140 20.35 -28.22 23.59
C LEU B 1140 20.52 -29.50 22.76
N LYS B 1141 20.45 -30.66 23.41
CA LYS B 1141 20.53 -31.91 22.68
C LYS B 1141 19.29 -32.09 21.82
N ASN B 1142 19.50 -32.53 20.57
CA ASN B 1142 18.42 -32.80 19.63
C ASN B 1142 17.67 -31.55 19.20
N LEU B 1143 18.34 -30.41 19.27
CA LEU B 1143 17.75 -29.17 18.80
C LEU B 1143 17.47 -29.28 17.31
N PRO B 1144 16.32 -28.80 16.83
CA PRO B 1144 16.05 -28.80 15.38
C PRO B 1144 17.11 -28.00 14.64
N GLN B 1145 17.44 -28.47 13.43
CA GLN B 1145 18.45 -27.80 12.61
C GLN B 1145 18.09 -26.35 12.35
N THR B 1146 16.80 -26.04 12.22
CA THR B 1146 16.40 -24.65 12.02
C THR B 1146 16.86 -23.77 13.17
N VAL B 1147 16.73 -24.28 14.40
CA VAL B 1147 17.20 -23.51 15.54
C VAL B 1147 18.71 -23.59 15.64
N GLY B 1148 19.27 -24.78 15.39
CA GLY B 1148 20.70 -24.97 15.52
C GLY B 1148 21.51 -24.07 14.61
N LEU B 1149 20.99 -23.79 13.41
CA LEU B 1149 21.68 -22.88 12.49
C LEU B 1149 21.86 -21.49 13.08
N ARG B 1150 21.04 -21.11 14.06
CA ARG B 1150 21.15 -19.82 14.72
C ARG B 1150 22.00 -19.87 15.99
N VAL B 1151 22.44 -21.04 16.40
CA VAL B 1151 23.09 -21.22 17.70
C VAL B 1151 24.55 -21.57 17.48
N SER B 1152 25.43 -20.85 18.15
CA SER B 1152 26.81 -21.27 18.26
C SER B 1152 27.19 -21.22 19.73
N TRP B 1153 28.27 -21.93 20.06
CA TRP B 1153 28.82 -21.91 21.41
C TRP B 1153 30.17 -21.23 21.33
N SER B 1154 30.42 -20.33 22.28
CA SER B 1154 31.66 -19.55 22.26
C SER B 1154 32.46 -19.84 23.52
N LYS B 1155 33.71 -20.28 23.30
CA LYS B 1155 34.72 -20.36 24.35
C LYS B 1155 35.66 -19.17 24.28
N ASP B 1156 35.36 -18.17 23.46
CA ASP B 1156 36.24 -17.03 23.28
C ASP B 1156 35.37 -15.88 22.78
N TRP B 1157 34.81 -15.11 23.70
CA TRP B 1157 33.82 -14.11 23.31
C TRP B 1157 34.43 -13.06 22.41
N ALA B 1158 35.66 -12.64 22.71
CA ALA B 1158 36.27 -11.57 21.93
C ALA B 1158 36.58 -12.02 20.51
N ALA B 1159 36.96 -13.28 20.33
CA ALA B 1159 37.27 -13.76 18.99
C ALA B 1159 36.02 -14.04 18.18
N ASP B 1160 34.89 -14.32 18.84
CA ASP B 1160 33.69 -14.79 18.17
C ASP B 1160 32.69 -13.68 17.87
N GLY B 1161 32.97 -12.45 18.29
CA GLY B 1161 32.13 -11.33 17.94
C GLY B 1161 32.45 -10.81 16.54
N PRO B 1162 31.96 -9.62 16.21
CA PRO B 1162 31.21 -8.70 17.07
C PRO B 1162 29.79 -9.18 17.31
N PHE B 1163 29.33 -8.96 18.53
CA PHE B 1163 27.96 -9.20 18.88
C PHE B 1163 27.19 -7.90 18.81
N ALA B 1164 25.86 -8.00 18.92
CA ALA B 1164 25.01 -6.83 18.87
C ALA B 1164 24.20 -6.66 20.16
N GLY B 1165 24.52 -7.42 21.19
CA GLY B 1165 23.87 -7.31 22.48
C GLY B 1165 24.24 -8.53 23.29
N ALA B 1166 23.80 -8.53 24.54
CA ALA B 1166 24.11 -9.65 25.41
C ALA B 1166 23.02 -9.83 26.43
N LEU B 1167 22.72 -11.08 26.74
CA LEU B 1167 21.79 -11.43 27.79
C LEU B 1167 22.59 -12.21 28.82
N VAL B 1168 22.47 -11.82 30.08
CA VAL B 1168 23.27 -12.40 31.15
C VAL B 1168 22.34 -12.87 32.24
N GLU B 1169 22.60 -14.06 32.75
CA GLU B 1169 21.89 -14.59 33.90
C GLU B 1169 22.90 -14.84 35.00
N GLY B 1170 22.56 -14.44 36.22
CA GLY B 1170 23.40 -14.76 37.35
C GLY B 1170 23.11 -13.88 38.53
N ASP B 1171 23.81 -14.15 39.63
CA ASP B 1171 23.67 -13.27 40.77
C ASP B 1171 24.45 -11.98 40.54
N ALA B 1172 24.37 -11.07 41.52
CA ALA B 1172 24.93 -9.74 41.32
C ALA B 1172 26.42 -9.81 41.00
N GLU B 1173 27.17 -10.62 41.74
CA GLU B 1173 28.61 -10.64 41.48
C GLU B 1173 28.92 -11.31 40.13
N ARG B 1174 28.13 -12.30 39.73
CA ARG B 1174 28.28 -12.87 38.40
C ARG B 1174 28.00 -11.82 37.33
N ILE B 1175 26.92 -11.07 37.52
CA ILE B 1175 26.56 -10.02 36.57
C ILE B 1175 27.67 -8.99 36.44
N ARG B 1176 28.23 -8.56 37.58
CA ARG B 1176 29.32 -7.58 37.53
C ARG B 1176 30.53 -8.12 36.76
N ALA B 1177 30.90 -9.37 37.03
CA ALA B 1177 32.06 -9.96 36.36
C ALA B 1177 31.81 -10.09 34.87
N VAL B 1178 30.60 -10.49 34.48
CA VAL B 1178 30.30 -10.64 33.07
C VAL B 1178 30.27 -9.27 32.41
N ASN B 1179 29.68 -8.29 33.09
CA ASN B 1179 29.60 -6.96 32.52
C ASN B 1179 30.99 -6.37 32.30
N LYS B 1180 31.89 -6.58 33.25
CA LYS B 1180 33.27 -6.16 33.06
C LYS B 1180 33.91 -6.82 31.86
N ALA B 1181 33.70 -8.14 31.71
CA ALA B 1181 34.28 -8.84 30.57
C ALA B 1181 33.71 -8.32 29.27
N ILE B 1182 32.40 -8.06 29.25
CA ILE B 1182 31.78 -7.56 28.04
C ILE B 1182 32.30 -6.17 27.70
N ALA B 1183 32.49 -5.33 28.72
CA ALA B 1183 33.01 -3.99 28.45
C ALA B 1183 34.40 -4.04 27.84
N ALA B 1184 35.15 -5.11 28.07
CA ALA B 1184 36.49 -5.26 27.52
C ALA B 1184 36.50 -5.88 26.13
N LEU B 1185 35.36 -6.28 25.60
CA LEU B 1185 35.37 -6.87 24.27
C LEU B 1185 35.70 -5.80 23.23
N PRO B 1186 36.47 -6.13 22.21
CA PRO B 1186 36.72 -5.16 21.15
C PRO B 1186 35.47 -4.93 20.33
N GLY B 1187 35.48 -3.84 19.59
CA GLY B 1187 34.41 -3.54 18.67
C GLY B 1187 33.27 -2.77 19.31
N PRO B 1188 32.05 -3.09 18.92
CA PRO B 1188 30.91 -2.28 19.38
C PRO B 1188 30.69 -2.39 20.88
N LEU B 1189 30.14 -1.33 21.43
CA LEU B 1189 29.69 -1.36 22.82
C LEU B 1189 28.38 -2.13 22.88
N LEU B 1190 28.34 -3.19 23.67
CA LEU B 1190 27.18 -4.06 23.69
C LEU B 1190 26.14 -3.56 24.68
N LEU B 1191 24.88 -3.55 24.24
CA LEU B 1191 23.75 -3.30 25.12
C LEU B 1191 23.49 -4.58 25.91
N VAL B 1192 23.81 -4.55 27.20
CA VAL B 1192 23.76 -5.72 28.06
C VAL B 1192 22.48 -5.70 28.87
N GLN B 1193 21.81 -6.84 28.94
CA GLN B 1193 20.66 -7.04 29.82
C GLN B 1193 20.97 -8.19 30.75
N ALA B 1194 20.75 -7.97 32.04
CA ALA B 1194 21.07 -9.00 33.03
C ALA B 1194 19.86 -9.24 33.91
N ALA B 1195 19.78 -10.47 34.42
CA ALA B 1195 18.71 -10.84 35.33
C ALA B 1195 19.23 -12.01 36.15
N SER B 1196 18.70 -12.14 37.36
CA SER B 1196 18.97 -13.33 38.13
C SER B 1196 18.06 -14.46 37.67
N SER B 1197 18.41 -15.68 38.07
CA SER B 1197 17.57 -16.83 37.76
C SER B 1197 16.18 -16.66 38.35
N GLY B 1198 16.08 -16.12 39.56
CA GLY B 1198 14.77 -15.91 40.15
C GLY B 1198 13.98 -14.84 39.41
N GLU B 1199 14.66 -13.80 38.94
CA GLU B 1199 14.01 -12.77 38.15
C GLU B 1199 13.46 -13.34 36.85
N ILE B 1200 14.24 -14.21 36.19
CA ILE B 1200 13.77 -14.88 34.98
C ILE B 1200 12.52 -15.68 35.28
N ALA B 1201 12.51 -16.41 36.40
CA ALA B 1201 11.36 -17.26 36.71
C ALA B 1201 10.12 -16.44 37.05
N ARG B 1202 10.29 -15.28 37.68
CA ARG B 1202 9.15 -14.54 38.19
C ARG B 1202 8.67 -13.43 37.27
N ASN B 1203 9.53 -12.90 36.43
CA ASN B 1203 9.20 -11.72 35.62
C ASN B 1203 9.25 -12.07 34.14
N PRO B 1204 8.10 -12.12 33.45
CA PRO B 1204 8.11 -12.39 32.01
C PRO B 1204 8.92 -11.40 31.21
N ASP B 1205 9.09 -10.18 31.71
CA ASP B 1205 9.87 -9.15 31.05
C ASP B 1205 11.26 -8.98 31.65
N ALA B 1206 11.80 -10.03 32.26
CA ALA B 1206 13.16 -9.96 32.78
C ALA B 1206 14.13 -9.46 31.72
N TYR B 1207 13.99 -9.94 30.49
CA TYR B 1207 14.73 -9.43 29.34
C TYR B 1207 13.75 -8.68 28.45
N CYS B 1208 14.13 -7.47 28.07
CA CYS B 1208 13.27 -6.59 27.29
C CYS B 1208 13.57 -6.80 25.80
N LEU B 1209 12.53 -7.13 25.04
CA LEU B 1209 12.72 -7.31 23.60
C LEU B 1209 12.96 -6.00 22.86
N ASN B 1210 12.67 -4.85 23.48
CA ASN B 1210 12.93 -3.58 22.81
C ASN B 1210 14.39 -3.45 22.43
N TRP B 1211 15.29 -4.01 23.22
CA TRP B 1211 16.72 -3.82 23.04
C TRP B 1211 17.34 -4.90 22.18
N LEU B 1212 16.54 -5.86 21.72
CA LEU B 1212 17.03 -6.98 20.94
C LEU B 1212 16.68 -6.85 19.48
N VAL B 1213 16.09 -5.73 19.08
CA VAL B 1213 15.89 -5.39 17.69
C VAL B 1213 16.73 -4.17 17.38
N GLU B 1214 17.04 -3.98 16.11
CA GLU B 1214 17.75 -2.81 15.62
C GLU B 1214 16.78 -1.95 14.84
N GLU B 1215 16.75 -0.67 15.17
CA GLU B 1215 15.95 0.30 14.45
C GLU B 1215 16.70 0.77 13.21
N VAL B 1216 15.98 0.87 12.10
CA VAL B 1216 16.54 1.44 10.89
C VAL B 1216 15.58 2.49 10.38
N SER B 1217 16.10 3.68 10.15
CA SER B 1217 15.35 4.77 9.56
C SER B 1217 15.81 4.94 8.12
N ALA B 1218 14.86 5.12 7.22
CA ALA B 1218 15.18 5.36 5.82
C ALA B 1218 14.37 6.55 5.35
N SER B 1219 15.04 7.55 4.80
CA SER B 1219 14.38 8.74 4.28
C SER B 1219 14.59 8.78 2.78
N ILE B 1220 13.50 8.70 2.03
CA ILE B 1220 13.55 8.67 0.57
C ILE B 1220 12.97 9.99 0.06
N ASN B 1221 13.75 10.72 -0.72
CA ASN B 1221 13.27 11.90 -1.41
C ASN B 1221 12.45 11.45 -2.60
N THR B 1222 11.13 11.60 -2.53
CA THR B 1222 10.25 11.17 -3.61
C THR B 1222 9.96 12.31 -4.59
N ALA B 1223 10.56 13.47 -4.37
CA ALA B 1223 10.53 14.56 -5.33
C ALA B 1223 11.76 14.58 -6.22
N ALA B 1224 12.62 13.56 -6.14
CA ALA B 1224 13.94 13.64 -6.77
C ALA B 1224 13.85 13.63 -8.30
N ALA B 1225 12.80 13.04 -8.86
CA ALA B 1225 12.64 12.99 -10.31
C ALA B 1225 12.18 14.31 -10.91
N GLY B 1226 11.89 15.32 -10.09
CA GLY B 1226 11.48 16.62 -10.58
C GLY B 1226 10.11 17.07 -10.13
N GLY B 1227 9.35 16.25 -9.40
CA GLY B 1227 8.04 16.66 -8.93
C GLY B 1227 7.53 15.69 -7.89
N ASN B 1228 6.33 15.97 -7.41
CA ASN B 1228 5.68 15.17 -6.36
C ASN B 1228 4.53 14.38 -6.97
N ALA B 1229 4.56 13.06 -6.80
CA ALA B 1229 3.52 12.20 -7.36
C ALA B 1229 2.21 12.35 -6.60
N SER B 1230 2.27 12.31 -5.25
CA SER B 1230 1.05 12.34 -4.46
C SER B 1230 0.36 13.70 -4.53
N LEU B 1231 1.14 14.78 -4.54
CA LEU B 1231 0.55 16.11 -4.65
C LEU B 1231 -0.01 16.40 -6.04
N MET B 1232 0.25 15.53 -7.03
CA MET B 1232 -0.37 15.70 -8.34
C MET B 1232 -1.89 15.58 -8.24
N ALA B 1233 -2.39 14.69 -7.38
CA ALA B 1233 -3.82 14.55 -7.16
C ALA B 1233 -4.39 15.59 -6.21
N ILE B 1234 -3.55 16.29 -5.46
CA ILE B 1234 -3.99 17.26 -4.47
C ILE B 1234 -4.19 18.62 -5.15
N GLY B 1235 -5.44 19.01 -5.33
CA GLY B 1235 -5.78 20.30 -5.92
C GLY B 1235 -6.83 21.04 -5.11
#